data_7FV4
# 
_entry.id   7FV4 
# 
_audit_conform.dict_name       mmcif_pdbx.dic 
_audit_conform.dict_version    5.392 
_audit_conform.dict_location   http://mmcif.pdb.org/dictionaries/ascii/mmcif_pdbx.dic 
# 
loop_
_database_2.database_id 
_database_2.database_code 
_database_2.pdbx_database_accession 
_database_2.pdbx_DOI 
PDB   7FV4         pdb_00007fv4 10.2210/pdb7fv4/pdb 
WWPDB D_1001405385 ?            ?                   
# 
loop_
_pdbx_audit_revision_history.ordinal 
_pdbx_audit_revision_history.data_content_type 
_pdbx_audit_revision_history.major_revision 
_pdbx_audit_revision_history.minor_revision 
_pdbx_audit_revision_history.revision_date 
1 'Structure model' 1 0 2023-03-29 
2 'Structure model' 1 1 2024-05-22 
# 
_pdbx_audit_revision_details.ordinal             1 
_pdbx_audit_revision_details.revision_ordinal    1 
_pdbx_audit_revision_details.data_content_type   'Structure model' 
_pdbx_audit_revision_details.provider            repository 
_pdbx_audit_revision_details.type                'Initial release' 
_pdbx_audit_revision_details.description         ? 
_pdbx_audit_revision_details.details             ? 
# 
_pdbx_audit_revision_group.ordinal             1 
_pdbx_audit_revision_group.revision_ordinal    2 
_pdbx_audit_revision_group.data_content_type   'Structure model' 
_pdbx_audit_revision_group.group               'Data collection' 
# 
loop_
_pdbx_audit_revision_category.ordinal 
_pdbx_audit_revision_category.revision_ordinal 
_pdbx_audit_revision_category.data_content_type 
_pdbx_audit_revision_category.category 
1 2 'Structure model' chem_comp_atom 
2 2 'Structure model' chem_comp_bond 
# 
_pdbx_database_status.entry_id                        7FV4 
_pdbx_database_status.status_code                     REL 
_pdbx_database_status.status_code_sf                  REL 
_pdbx_database_status.status_code_mr                  ? 
_pdbx_database_status.status_code_cs                  ? 
_pdbx_database_status.recvd_initial_deposition_date   2023-03-09 
_pdbx_database_status.status_code_nmr_data            ? 
_pdbx_database_status.deposit_site                    RCSB 
_pdbx_database_status.process_site                    RCSB 
_pdbx_database_status.SG_entry                        ? 
_pdbx_database_status.pdb_format_compatible           Y 
_pdbx_database_status.methods_development_category    ? 
# 
_pdbx_contact_author.id                 1 
_pdbx_contact_author.email              frank.von-delft@diamond.ac.uk 
_pdbx_contact_author.name_first         Frank 
_pdbx_contact_author.name_last          'von Delft' 
_pdbx_contact_author.role               'principal investigator/group leader' 
_pdbx_contact_author.identifier_ORCID   0000-0003-0378-0017 
_pdbx_contact_author.name_mi            ? 
# 
loop_
_audit_author.name 
_audit_author.pdbx_ordinal 
'Grosjean, H.'   1 
'Tomlinson, C.'  2 
'Bradshaw, W.J.' 3 
'Koekemoer, L.'  4 
'Krojer, T.'     5 
'Fearon, D.'     6 
'Biggin, P.C.'   7 
'von Delft, F.'  8 
# 
_citation.id                        primary 
_citation.title                     'PanDDA analysis group deposition' 
_citation.journal_abbrev            'To Be Published' 
_citation.journal_volume            ? 
_citation.page_first                ? 
_citation.page_last                 ? 
_citation.year                      ? 
_citation.journal_id_ASTM           ? 
_citation.country                   ? 
_citation.journal_id_ISSN           ? 
_citation.journal_id_CSD            0353 
_citation.book_publisher            ? 
_citation.pdbx_database_id_PubMed   ? 
_citation.pdbx_database_id_DOI      ? 
# 
loop_
_citation_author.citation_id 
_citation_author.name 
_citation_author.identifier_ORCID 
_citation_author.ordinal 
primary 'Grosjean, H.'   ? 1 
primary 'Tomlinson, C.'  ? 2 
primary 'Bradshaw, W.J.' ? 3 
primary 'Koekemoer, L.'  ? 4 
primary 'Krojer, T.'     ? 5 
primary 'Fearon, D.'     ? 6 
primary 'Biggin, P.C.'   ? 7 
primary 'von Delft, F.'  ? 8 
# 
loop_
_entity.id 
_entity.type 
_entity.src_method 
_entity.pdbx_description 
_entity.formula_weight 
_entity.pdbx_number_of_molecules 
_entity.pdbx_ec 
_entity.pdbx_mutation 
_entity.pdbx_fragment 
_entity.details 
1 polymer     man 'PH-interacting protein'                                          17627.859 1   ? ? ? ? 
2 non-polymer syn 'N-(2-fluorophenyl)-4-(furan-2-carbonyl)piperazine-1-carboxamide' 317.315   1   ? ? ? ? 
3 water       nat water                                                             18.015    204 ? ? ? ? 
# 
_entity_name_com.entity_id   1 
_entity_name_com.name        
'PHIP,DDB1- and CUL4-associated factor 14,IRS-1 PH domain-binding protein,WD repeat-containing protein 11' 
# 
_entity_poly.entity_id                      1 
_entity_poly.type                           'polypeptide(L)' 
_entity_poly.nstd_linkage                   no 
_entity_poly.nstd_monomer                   no 
_entity_poly.pdbx_seq_one_letter_code       
;MHHHHHHSSGVDLGTENLYFQSMSYDIQAWKKQCEELLNLIFQCEDSEPFRQPVDLLEYPDYRDIIDTPMDFATVRETLE
AGNYESPMELCKDVRLIFSNSKAYTPSKRSRIYSMSLRLSAFFEEHISSVLSDYKSALRFHKRNTITKR
;
_entity_poly.pdbx_seq_one_letter_code_can   
;MHHHHHHSSGVDLGTENLYFQSMSYDIQAWKKQCEELLNLIFQCEDSEPFRQPVDLLEYPDYRDIIDTPMDFATVRETLE
AGNYESPMELCKDVRLIFSNSKAYTPSKRSRIYSMSLRLSAFFEEHISSVLSDYKSALRFHKRNTITKR
;
_entity_poly.pdbx_strand_id                 A 
_entity_poly.pdbx_target_identifier         ? 
# 
loop_
_pdbx_entity_nonpoly.entity_id 
_pdbx_entity_nonpoly.name 
_pdbx_entity_nonpoly.comp_id 
2 'N-(2-fluorophenyl)-4-(furan-2-carbonyl)piperazine-1-carboxamide' ZKQ 
3 water                                                             HOH 
# 
loop_
_entity_poly_seq.entity_id 
_entity_poly_seq.num 
_entity_poly_seq.mon_id 
_entity_poly_seq.hetero 
1 1   MET n 
1 2   HIS n 
1 3   HIS n 
1 4   HIS n 
1 5   HIS n 
1 6   HIS n 
1 7   HIS n 
1 8   SER n 
1 9   SER n 
1 10  GLY n 
1 11  VAL n 
1 12  ASP n 
1 13  LEU n 
1 14  GLY n 
1 15  THR n 
1 16  GLU n 
1 17  ASN n 
1 18  LEU n 
1 19  TYR n 
1 20  PHE n 
1 21  GLN n 
1 22  SER n 
1 23  MET n 
1 24  SER n 
1 25  TYR n 
1 26  ASP n 
1 27  ILE n 
1 28  GLN n 
1 29  ALA n 
1 30  TRP n 
1 31  LYS n 
1 32  LYS n 
1 33  GLN n 
1 34  CYS n 
1 35  GLU n 
1 36  GLU n 
1 37  LEU n 
1 38  LEU n 
1 39  ASN n 
1 40  LEU n 
1 41  ILE n 
1 42  PHE n 
1 43  GLN n 
1 44  CYS n 
1 45  GLU n 
1 46  ASP n 
1 47  SER n 
1 48  GLU n 
1 49  PRO n 
1 50  PHE n 
1 51  ARG n 
1 52  GLN n 
1 53  PRO n 
1 54  VAL n 
1 55  ASP n 
1 56  LEU n 
1 57  LEU n 
1 58  GLU n 
1 59  TYR n 
1 60  PRO n 
1 61  ASP n 
1 62  TYR n 
1 63  ARG n 
1 64  ASP n 
1 65  ILE n 
1 66  ILE n 
1 67  ASP n 
1 68  THR n 
1 69  PRO n 
1 70  MET n 
1 71  ASP n 
1 72  PHE n 
1 73  ALA n 
1 74  THR n 
1 75  VAL n 
1 76  ARG n 
1 77  GLU n 
1 78  THR n 
1 79  LEU n 
1 80  GLU n 
1 81  ALA n 
1 82  GLY n 
1 83  ASN n 
1 84  TYR n 
1 85  GLU n 
1 86  SER n 
1 87  PRO n 
1 88  MET n 
1 89  GLU n 
1 90  LEU n 
1 91  CYS n 
1 92  LYS n 
1 93  ASP n 
1 94  VAL n 
1 95  ARG n 
1 96  LEU n 
1 97  ILE n 
1 98  PHE n 
1 99  SER n 
1 100 ASN n 
1 101 SER n 
1 102 LYS n 
1 103 ALA n 
1 104 TYR n 
1 105 THR n 
1 106 PRO n 
1 107 SER n 
1 108 LYS n 
1 109 ARG n 
1 110 SER n 
1 111 ARG n 
1 112 ILE n 
1 113 TYR n 
1 114 SER n 
1 115 MET n 
1 116 SER n 
1 117 LEU n 
1 118 ARG n 
1 119 LEU n 
1 120 SER n 
1 121 ALA n 
1 122 PHE n 
1 123 PHE n 
1 124 GLU n 
1 125 GLU n 
1 126 HIS n 
1 127 ILE n 
1 128 SER n 
1 129 SER n 
1 130 VAL n 
1 131 LEU n 
1 132 SER n 
1 133 ASP n 
1 134 TYR n 
1 135 LYS n 
1 136 SER n 
1 137 ALA n 
1 138 LEU n 
1 139 ARG n 
1 140 PHE n 
1 141 HIS n 
1 142 LYS n 
1 143 ARG n 
1 144 ASN n 
1 145 THR n 
1 146 ILE n 
1 147 THR n 
1 148 LYS n 
1 149 ARG n 
# 
_entity_src_gen.entity_id                          1 
_entity_src_gen.pdbx_src_id                        1 
_entity_src_gen.pdbx_alt_source_flag               sample 
_entity_src_gen.pdbx_seq_type                      'Biological sequence' 
_entity_src_gen.pdbx_beg_seq_num                   1 
_entity_src_gen.pdbx_end_seq_num                   149 
_entity_src_gen.gene_src_common_name               human 
_entity_src_gen.gene_src_genus                     ? 
_entity_src_gen.pdbx_gene_src_gene                 'PHIP, DCAF14, WDR11' 
_entity_src_gen.gene_src_species                   ? 
_entity_src_gen.gene_src_strain                    ? 
_entity_src_gen.gene_src_tissue                    ? 
_entity_src_gen.gene_src_tissue_fraction           ? 
_entity_src_gen.gene_src_details                   ? 
_entity_src_gen.pdbx_gene_src_fragment             ? 
_entity_src_gen.pdbx_gene_src_scientific_name      'Homo sapiens' 
_entity_src_gen.pdbx_gene_src_ncbi_taxonomy_id     9606 
_entity_src_gen.pdbx_gene_src_variant              ? 
_entity_src_gen.pdbx_gene_src_cell_line            ? 
_entity_src_gen.pdbx_gene_src_atcc                 ? 
_entity_src_gen.pdbx_gene_src_organ                ? 
_entity_src_gen.pdbx_gene_src_organelle            ? 
_entity_src_gen.pdbx_gene_src_cell                 ? 
_entity_src_gen.pdbx_gene_src_cellular_location    ? 
_entity_src_gen.host_org_common_name               ? 
_entity_src_gen.pdbx_host_org_scientific_name      'Escherichia coli' 
_entity_src_gen.pdbx_host_org_ncbi_taxonomy_id     562 
_entity_src_gen.host_org_genus                     ? 
_entity_src_gen.pdbx_host_org_gene                 ? 
_entity_src_gen.pdbx_host_org_organ                ? 
_entity_src_gen.host_org_species                   ? 
_entity_src_gen.pdbx_host_org_tissue               ? 
_entity_src_gen.pdbx_host_org_tissue_fraction      ? 
_entity_src_gen.pdbx_host_org_strain               ? 
_entity_src_gen.pdbx_host_org_variant              ? 
_entity_src_gen.pdbx_host_org_cell_line            ? 
_entity_src_gen.pdbx_host_org_atcc                 ? 
_entity_src_gen.pdbx_host_org_culture_collection   ? 
_entity_src_gen.pdbx_host_org_cell                 ? 
_entity_src_gen.pdbx_host_org_organelle            ? 
_entity_src_gen.pdbx_host_org_cellular_location    ? 
_entity_src_gen.pdbx_host_org_vector_type          ? 
_entity_src_gen.pdbx_host_org_vector               ? 
_entity_src_gen.host_org_details                   ? 
_entity_src_gen.expression_system_id               ? 
_entity_src_gen.plasmid_name                       ? 
_entity_src_gen.plasmid_details                    ? 
_entity_src_gen.pdbx_description                   ? 
# 
loop_
_chem_comp.id 
_chem_comp.type 
_chem_comp.mon_nstd_flag 
_chem_comp.name 
_chem_comp.pdbx_synonyms 
_chem_comp.formula 
_chem_comp.formula_weight 
ALA 'L-peptide linking' y ALANINE                                                           ? 'C3 H7 N O2'      89.093  
ARG 'L-peptide linking' y ARGININE                                                          ? 'C6 H15 N4 O2 1'  175.209 
ASN 'L-peptide linking' y ASPARAGINE                                                        ? 'C4 H8 N2 O3'     132.118 
ASP 'L-peptide linking' y 'ASPARTIC ACID'                                                   ? 'C4 H7 N O4'      133.103 
CYS 'L-peptide linking' y CYSTEINE                                                          ? 'C3 H7 N O2 S'    121.158 
GLN 'L-peptide linking' y GLUTAMINE                                                         ? 'C5 H10 N2 O3'    146.144 
GLU 'L-peptide linking' y 'GLUTAMIC ACID'                                                   ? 'C5 H9 N O4'      147.129 
GLY 'peptide linking'   y GLYCINE                                                           ? 'C2 H5 N O2'      75.067  
HIS 'L-peptide linking' y HISTIDINE                                                         ? 'C6 H10 N3 O2 1'  156.162 
HOH non-polymer         . WATER                                                             ? 'H2 O'            18.015  
ILE 'L-peptide linking' y ISOLEUCINE                                                        ? 'C6 H13 N O2'     131.173 
LEU 'L-peptide linking' y LEUCINE                                                           ? 'C6 H13 N O2'     131.173 
LYS 'L-peptide linking' y LYSINE                                                            ? 'C6 H15 N2 O2 1'  147.195 
MET 'L-peptide linking' y METHIONINE                                                        ? 'C5 H11 N O2 S'   149.211 
PHE 'L-peptide linking' y PHENYLALANINE                                                     ? 'C9 H11 N O2'     165.189 
PRO 'L-peptide linking' y PROLINE                                                           ? 'C5 H9 N O2'      115.130 
SER 'L-peptide linking' y SERINE                                                            ? 'C3 H7 N O3'      105.093 
THR 'L-peptide linking' y THREONINE                                                         ? 'C4 H9 N O3'      119.119 
TRP 'L-peptide linking' y TRYPTOPHAN                                                        ? 'C11 H12 N2 O2'   204.225 
TYR 'L-peptide linking' y TYROSINE                                                          ? 'C9 H11 N O3'     181.189 
VAL 'L-peptide linking' y VALINE                                                            ? 'C5 H11 N O2'     117.146 
ZKQ non-polymer         . 'N-(2-fluorophenyl)-4-(furan-2-carbonyl)piperazine-1-carboxamide' ? 'C16 H16 F N3 O3' 317.315 
# 
loop_
_pdbx_poly_seq_scheme.asym_id 
_pdbx_poly_seq_scheme.entity_id 
_pdbx_poly_seq_scheme.seq_id 
_pdbx_poly_seq_scheme.mon_id 
_pdbx_poly_seq_scheme.ndb_seq_num 
_pdbx_poly_seq_scheme.pdb_seq_num 
_pdbx_poly_seq_scheme.auth_seq_num 
_pdbx_poly_seq_scheme.pdb_mon_id 
_pdbx_poly_seq_scheme.auth_mon_id 
_pdbx_poly_seq_scheme.pdb_strand_id 
_pdbx_poly_seq_scheme.pdb_ins_code 
_pdbx_poly_seq_scheme.hetero 
A 1 1   MET 1   1292 ?    ?   ?   A . n 
A 1 2   HIS 2   1293 ?    ?   ?   A . n 
A 1 3   HIS 3   1294 ?    ?   ?   A . n 
A 1 4   HIS 4   1295 ?    ?   ?   A . n 
A 1 5   HIS 5   1296 ?    ?   ?   A . n 
A 1 6   HIS 6   1297 ?    ?   ?   A . n 
A 1 7   HIS 7   1298 ?    ?   ?   A . n 
A 1 8   SER 8   1299 ?    ?   ?   A . n 
A 1 9   SER 9   1300 ?    ?   ?   A . n 
A 1 10  GLY 10  1301 ?    ?   ?   A . n 
A 1 11  VAL 11  1302 ?    ?   ?   A . n 
A 1 12  ASP 12  1303 ?    ?   ?   A . n 
A 1 13  LEU 13  1304 ?    ?   ?   A . n 
A 1 14  GLY 14  1305 ?    ?   ?   A . n 
A 1 15  THR 15  1306 ?    ?   ?   A . n 
A 1 16  GLU 16  1307 ?    ?   ?   A . n 
A 1 17  ASN 17  1308 ?    ?   ?   A . n 
A 1 18  LEU 18  1309 ?    ?   ?   A . n 
A 1 19  TYR 19  1310 ?    ?   ?   A . n 
A 1 20  PHE 20  1311 ?    ?   ?   A . n 
A 1 21  GLN 21  1312 ?    ?   ?   A . n 
A 1 22  SER 22  1313 ?    ?   ?   A . n 
A 1 23  MET 23  1314 ?    ?   ?   A . n 
A 1 24  SER 24  1315 1315 SER SER A . n 
A 1 25  TYR 25  1316 1316 TYR TYR A . n 
A 1 26  ASP 26  1317 1317 ASP ASP A . n 
A 1 27  ILE 27  1318 1318 ILE ILE A . n 
A 1 28  GLN 28  1319 1319 GLN GLN A . n 
A 1 29  ALA 29  1320 1320 ALA ALA A . n 
A 1 30  TRP 30  1321 1321 TRP TRP A . n 
A 1 31  LYS 31  1322 1322 LYS LYS A . n 
A 1 32  LYS 32  1323 1323 LYS LYS A . n 
A 1 33  GLN 33  1324 1324 GLN GLN A . n 
A 1 34  CYS 34  1325 1325 CYS CYS A . n 
A 1 35  GLU 35  1326 1326 GLU GLU A . n 
A 1 36  GLU 36  1327 1327 GLU GLU A . n 
A 1 37  LEU 37  1328 1328 LEU LEU A . n 
A 1 38  LEU 38  1329 1329 LEU LEU A . n 
A 1 39  ASN 39  1330 1330 ASN ASN A . n 
A 1 40  LEU 40  1331 1331 LEU LEU A . n 
A 1 41  ILE 41  1332 1332 ILE ILE A . n 
A 1 42  PHE 42  1333 1333 PHE PHE A . n 
A 1 43  GLN 43  1334 1334 GLN GLN A . n 
A 1 44  CYS 44  1335 1335 CYS CYS A . n 
A 1 45  GLU 45  1336 1336 GLU GLU A . n 
A 1 46  ASP 46  1337 1337 ASP ASP A . n 
A 1 47  SER 47  1338 1338 SER SER A . n 
A 1 48  GLU 48  1339 1339 GLU GLU A . n 
A 1 49  PRO 49  1340 1340 PRO PRO A . n 
A 1 50  PHE 50  1341 1341 PHE PHE A . n 
A 1 51  ARG 51  1342 1342 ARG ARG A . n 
A 1 52  GLN 52  1343 1343 GLN GLN A . n 
A 1 53  PRO 53  1344 1344 PRO PRO A . n 
A 1 54  VAL 54  1345 1345 VAL VAL A . n 
A 1 55  ASP 55  1346 1346 ASP ASP A . n 
A 1 56  LEU 56  1347 1347 LEU LEU A . n 
A 1 57  LEU 57  1348 1348 LEU LEU A . n 
A 1 58  GLU 58  1349 1349 GLU GLU A . n 
A 1 59  TYR 59  1350 1350 TYR TYR A . n 
A 1 60  PRO 60  1351 1351 PRO PRO A . n 
A 1 61  ASP 61  1352 1352 ASP ASP A . n 
A 1 62  TYR 62  1353 1353 TYR TYR A . n 
A 1 63  ARG 63  1354 1354 ARG ARG A . n 
A 1 64  ASP 64  1355 1355 ASP ASP A . n 
A 1 65  ILE 65  1356 1356 ILE ILE A . n 
A 1 66  ILE 66  1357 1357 ILE ILE A . n 
A 1 67  ASP 67  1358 1358 ASP ASP A . n 
A 1 68  THR 68  1359 1359 THR THR A . n 
A 1 69  PRO 69  1360 1360 PRO PRO A . n 
A 1 70  MET 70  1361 1361 MET MET A . n 
A 1 71  ASP 71  1362 1362 ASP ASP A . n 
A 1 72  PHE 72  1363 1363 PHE PHE A . n 
A 1 73  ALA 73  1364 1364 ALA ALA A . n 
A 1 74  THR 74  1365 1365 THR THR A . n 
A 1 75  VAL 75  1366 1366 VAL VAL A . n 
A 1 76  ARG 76  1367 1367 ARG ARG A . n 
A 1 77  GLU 77  1368 1368 GLU GLU A . n 
A 1 78  THR 78  1369 1369 THR THR A . n 
A 1 79  LEU 79  1370 1370 LEU LEU A . n 
A 1 80  GLU 80  1371 1371 GLU GLU A . n 
A 1 81  ALA 81  1372 1372 ALA ALA A . n 
A 1 82  GLY 82  1373 1373 GLY GLY A . n 
A 1 83  ASN 83  1374 1374 ASN ASN A . n 
A 1 84  TYR 84  1375 1375 TYR TYR A . n 
A 1 85  GLU 85  1376 1376 GLU GLU A . n 
A 1 86  SER 86  1377 1377 SER SER A . n 
A 1 87  PRO 87  1378 1378 PRO PRO A . n 
A 1 88  MET 88  1379 1379 MET MET A . n 
A 1 89  GLU 89  1380 1380 GLU GLU A . n 
A 1 90  LEU 90  1381 1381 LEU LEU A . n 
A 1 91  CYS 91  1382 1382 CYS CYS A . n 
A 1 92  LYS 92  1383 1383 LYS LYS A . n 
A 1 93  ASP 93  1384 1384 ASP ASP A . n 
A 1 94  VAL 94  1385 1385 VAL VAL A . n 
A 1 95  ARG 95  1386 1386 ARG ARG A . n 
A 1 96  LEU 96  1387 1387 LEU LEU A . n 
A 1 97  ILE 97  1388 1388 ILE ILE A . n 
A 1 98  PHE 98  1389 1389 PHE PHE A . n 
A 1 99  SER 99  1390 1390 SER SER A . n 
A 1 100 ASN 100 1391 1391 ASN ASN A . n 
A 1 101 SER 101 1392 1392 SER SER A . n 
A 1 102 LYS 102 1393 1393 LYS LYS A . n 
A 1 103 ALA 103 1394 1394 ALA ALA A . n 
A 1 104 TYR 104 1395 1395 TYR TYR A . n 
A 1 105 THR 105 1396 1396 THR THR A . n 
A 1 106 PRO 106 1397 1397 PRO PRO A . n 
A 1 107 SER 107 1398 1398 SER SER A . n 
A 1 108 LYS 108 1399 1399 LYS LYS A . n 
A 1 109 ARG 109 1400 1400 ARG ARG A . n 
A 1 110 SER 110 1401 1401 SER SER A . n 
A 1 111 ARG 111 1402 1402 ARG ARG A . n 
A 1 112 ILE 112 1403 1403 ILE ILE A . n 
A 1 113 TYR 113 1404 1404 TYR TYR A . n 
A 1 114 SER 114 1405 1405 SER SER A . n 
A 1 115 MET 115 1406 1406 MET MET A . n 
A 1 116 SER 116 1407 1407 SER SER A . n 
A 1 117 LEU 117 1408 1408 LEU LEU A . n 
A 1 118 ARG 118 1409 1409 ARG ARG A . n 
A 1 119 LEU 119 1410 1410 LEU LEU A . n 
A 1 120 SER 120 1411 1411 SER SER A . n 
A 1 121 ALA 121 1412 1412 ALA ALA A . n 
A 1 122 PHE 122 1413 1413 PHE PHE A . n 
A 1 123 PHE 123 1414 1414 PHE PHE A . n 
A 1 124 GLU 124 1415 1415 GLU GLU A . n 
A 1 125 GLU 125 1416 1416 GLU GLU A . n 
A 1 126 HIS 126 1417 1417 HIS HIS A . n 
A 1 127 ILE 127 1418 1418 ILE ILE A . n 
A 1 128 SER 128 1419 1419 SER SER A . n 
A 1 129 SER 129 1420 1420 SER SER A . n 
A 1 130 VAL 130 1421 1421 VAL VAL A . n 
A 1 131 LEU 131 1422 1422 LEU LEU A . n 
A 1 132 SER 132 1423 1423 SER SER A . n 
A 1 133 ASP 133 1424 1424 ASP ASP A . n 
A 1 134 TYR 134 1425 1425 TYR TYR A . n 
A 1 135 LYS 135 1426 1426 LYS LYS A . n 
A 1 136 SER 136 1427 1427 SER SER A . n 
A 1 137 ALA 137 1428 1428 ALA ALA A . n 
A 1 138 LEU 138 1429 1429 LEU LEU A . n 
A 1 139 ARG 139 1430 1430 ARG ARG A . n 
A 1 140 PHE 140 1431 1431 PHE PHE A . n 
A 1 141 HIS 141 1432 1432 HIS HIS A . n 
A 1 142 LYS 142 1433 1433 LYS LYS A . n 
A 1 143 ARG 143 1434 1434 ARG ARG A . n 
A 1 144 ASN 144 1435 1435 ASN ASN A . n 
A 1 145 THR 145 1436 ?    ?   ?   A . n 
A 1 146 ILE 146 1437 ?    ?   ?   A . n 
A 1 147 THR 147 1438 ?    ?   ?   A . n 
A 1 148 LYS 148 1439 ?    ?   ?   A . n 
A 1 149 ARG 149 1440 ?    ?   ?   A . n 
# 
loop_
_pdbx_nonpoly_scheme.asym_id 
_pdbx_nonpoly_scheme.entity_id 
_pdbx_nonpoly_scheme.mon_id 
_pdbx_nonpoly_scheme.ndb_seq_num 
_pdbx_nonpoly_scheme.pdb_seq_num 
_pdbx_nonpoly_scheme.auth_seq_num 
_pdbx_nonpoly_scheme.pdb_mon_id 
_pdbx_nonpoly_scheme.auth_mon_id 
_pdbx_nonpoly_scheme.pdb_strand_id 
_pdbx_nonpoly_scheme.pdb_ins_code 
B 2 ZKQ 1   1901 1901 ZKQ LIG A . 
C 3 HOH 1   2001 23   HOH HOH A . 
C 3 HOH 2   2002 1662 HOH HOH A . 
C 3 HOH 3   2003 1670 HOH HOH A . 
C 3 HOH 4   2004 1610 HOH HOH A . 
C 3 HOH 5   2005 18   HOH HOH A . 
C 3 HOH 6   2006 1607 HOH HOH A . 
C 3 HOH 7   2007 22   HOH HOH A . 
C 3 HOH 8   2008 1712 HOH HOH A . 
C 3 HOH 9   2009 1653 HOH HOH A . 
C 3 HOH 10  2010 20   HOH HOH A . 
C 3 HOH 11  2011 1605 HOH HOH A . 
C 3 HOH 12  2012 1614 HOH HOH A . 
C 3 HOH 13  2013 1602 HOH HOH A . 
C 3 HOH 14  2014 1608 HOH HOH A . 
C 3 HOH 15  2015 1676 HOH HOH A . 
C 3 HOH 16  2016 1739 HOH HOH A . 
C 3 HOH 17  2017 1609 HOH HOH A . 
C 3 HOH 18  2018 1604 HOH HOH A . 
C 3 HOH 19  2019 1664 HOH HOH A . 
C 3 HOH 20  2020 1638 HOH HOH A . 
C 3 HOH 21  2021 1615 HOH HOH A . 
C 3 HOH 22  2022 1603 HOH HOH A . 
C 3 HOH 23  2023 1616 HOH HOH A . 
C 3 HOH 24  2024 1626 HOH HOH A . 
C 3 HOH 25  2025 1624 HOH HOH A . 
C 3 HOH 26  2026 1629 HOH HOH A . 
C 3 HOH 27  2027 1612 HOH HOH A . 
C 3 HOH 28  2028 1622 HOH HOH A . 
C 3 HOH 29  2029 1630 HOH HOH A . 
C 3 HOH 30  2030 1757 HOH HOH A . 
C 3 HOH 31  2031 1621 HOH HOH A . 
C 3 HOH 32  2032 1750 HOH HOH A . 
C 3 HOH 33  2033 1771 HOH HOH A . 
C 3 HOH 34  2034 1732 HOH HOH A . 
C 3 HOH 35  2035 1617 HOH HOH A . 
C 3 HOH 36  2036 1660 HOH HOH A . 
C 3 HOH 37  2037 1620 HOH HOH A . 
C 3 HOH 38  2038 1642 HOH HOH A . 
C 3 HOH 39  2039 1625 HOH HOH A . 
C 3 HOH 40  2040 1658 HOH HOH A . 
C 3 HOH 41  2041 1628 HOH HOH A . 
C 3 HOH 42  2042 1673 HOH HOH A . 
C 3 HOH 43  2043 1649 HOH HOH A . 
C 3 HOH 44  2044 1632 HOH HOH A . 
C 3 HOH 45  2045 1663 HOH HOH A . 
C 3 HOH 46  2046 1733 HOH HOH A . 
C 3 HOH 47  2047 1657 HOH HOH A . 
C 3 HOH 48  2048 1644 HOH HOH A . 
C 3 HOH 49  2049 1677 HOH HOH A . 
C 3 HOH 50  2050 1655 HOH HOH A . 
C 3 HOH 51  2051 1679 HOH HOH A . 
C 3 HOH 52  2052 1645 HOH HOH A . 
C 3 HOH 53  2053 1634 HOH HOH A . 
C 3 HOH 54  2054 1666 HOH HOH A . 
C 3 HOH 55  2055 1643 HOH HOH A . 
C 3 HOH 56  2056 1748 HOH HOH A . 
C 3 HOH 57  2057 1674 HOH HOH A . 
C 3 HOH 58  2058 1678 HOH HOH A . 
C 3 HOH 59  2059 1672 HOH HOH A . 
C 3 HOH 60  2060 1619 HOH HOH A . 
C 3 HOH 61  2061 1668 HOH HOH A . 
C 3 HOH 62  2062 1767 HOH HOH A . 
C 3 HOH 63  2063 1693 HOH HOH A . 
C 3 HOH 64  2064 1671 HOH HOH A . 
C 3 HOH 65  2065 1613 HOH HOH A . 
C 3 HOH 66  2066 1652 HOH HOH A . 
C 3 HOH 67  2067 1650 HOH HOH A . 
C 3 HOH 68  2068 1689 HOH HOH A . 
C 3 HOH 69  2069 1682 HOH HOH A . 
C 3 HOH 70  2070 21   HOH HOH A . 
C 3 HOH 71  2071 1646 HOH HOH A . 
C 3 HOH 72  2072 1709 HOH HOH A . 
C 3 HOH 73  2073 1669 HOH HOH A . 
C 3 HOH 74  2074 1699 HOH HOH A . 
C 3 HOH 75  2075 1690 HOH HOH A . 
C 3 HOH 76  2076 1720 HOH HOH A . 
C 3 HOH 77  2077 1651 HOH HOH A . 
C 3 HOH 78  2078 1633 HOH HOH A . 
C 3 HOH 79  2079 1684 HOH HOH A . 
C 3 HOH 80  2080 12   HOH HOH A . 
C 3 HOH 81  2081 1700 HOH HOH A . 
C 3 HOH 82  2082 1687 HOH HOH A . 
C 3 HOH 83  2083 1637 HOH HOH A . 
C 3 HOH 84  2084 1675 HOH HOH A . 
C 3 HOH 85  2085 1680 HOH HOH A . 
C 3 HOH 86  2086 1623 HOH HOH A . 
C 3 HOH 87  2087 1688 HOH HOH A . 
C 3 HOH 88  2088 1696 HOH HOH A . 
C 3 HOH 89  2089 1701 HOH HOH A . 
C 3 HOH 90  2090 1721 HOH HOH A . 
C 3 HOH 91  2091 19   HOH HOH A . 
C 3 HOH 92  2092 1681 HOH HOH A . 
C 3 HOH 93  2093 1708 HOH HOH A . 
C 3 HOH 94  2094 1685 HOH HOH A . 
C 3 HOH 95  2095 1661 HOH HOH A . 
C 3 HOH 96  2096 1694 HOH HOH A . 
C 3 HOH 97  2097 1718 HOH HOH A . 
C 3 HOH 98  2098 1736 HOH HOH A . 
C 3 HOH 99  2099 1734 HOH HOH A . 
C 3 HOH 100 2100 1704 HOH HOH A . 
C 3 HOH 101 2101 1723 HOH HOH A . 
C 3 HOH 102 2102 1601 HOH HOH A . 
C 3 HOH 103 2103 1725 HOH HOH A . 
C 3 HOH 104 2104 17   HOH HOH A . 
C 3 HOH 105 2105 1711 HOH HOH A . 
C 3 HOH 106 2106 1640 HOH HOH A . 
C 3 HOH 107 2107 1686 HOH HOH A . 
C 3 HOH 108 2108 1738 HOH HOH A . 
C 3 HOH 109 2109 1665 HOH HOH A . 
C 3 HOH 110 2110 1706 HOH HOH A . 
C 3 HOH 111 2111 1735 HOH HOH A . 
C 3 HOH 112 2112 1683 HOH HOH A . 
C 3 HOH 113 2113 1719 HOH HOH A . 
C 3 HOH 114 2114 14   HOH HOH A . 
C 3 HOH 115 2115 1714 HOH HOH A . 
C 3 HOH 116 2116 1    HOH HOH A . 
C 3 HOH 117 2117 11   HOH HOH A . 
C 3 HOH 118 2118 1747 HOH HOH A . 
C 3 HOH 119 2119 1713 HOH HOH A . 
C 3 HOH 120 2120 1611 HOH HOH A . 
C 3 HOH 121 2121 1741 HOH HOH A . 
C 3 HOH 122 2122 1740 HOH HOH A . 
C 3 HOH 123 2123 1648 HOH HOH A . 
C 3 HOH 124 2124 1716 HOH HOH A . 
C 3 HOH 125 2125 1697 HOH HOH A . 
C 3 HOH 126 2126 1727 HOH HOH A . 
C 3 HOH 127 2127 1722 HOH HOH A . 
C 3 HOH 128 2128 1715 HOH HOH A . 
C 3 HOH 129 2129 1710 HOH HOH A . 
C 3 HOH 130 2130 1737 HOH HOH A . 
C 3 HOH 131 2131 1692 HOH HOH A . 
C 3 HOH 132 2132 1695 HOH HOH A . 
C 3 HOH 133 2133 1724 HOH HOH A . 
C 3 HOH 134 2134 1729 HOH HOH A . 
C 3 HOH 135 2135 1744 HOH HOH A . 
C 3 HOH 136 2136 1627 HOH HOH A . 
C 3 HOH 137 2137 1801 HOH HOH A . 
C 3 HOH 138 2138 1726 HOH HOH A . 
C 3 HOH 139 2139 1702 HOH HOH A . 
C 3 HOH 140 2140 1728 HOH HOH A . 
C 3 HOH 141 2141 1667 HOH HOH A . 
C 3 HOH 142 2142 1631 HOH HOH A . 
C 3 HOH 143 2143 1730 HOH HOH A . 
C 3 HOH 144 2144 5    HOH HOH A . 
C 3 HOH 145 2145 1754 HOH HOH A . 
C 3 HOH 146 2146 1703 HOH HOH A . 
C 3 HOH 147 2147 1742 HOH HOH A . 
C 3 HOH 148 2148 1656 HOH HOH A . 
C 3 HOH 149 2149 1752 HOH HOH A . 
C 3 HOH 150 2150 1756 HOH HOH A . 
C 3 HOH 151 2151 2    HOH HOH A . 
C 3 HOH 152 2152 1761 HOH HOH A . 
C 3 HOH 153 2153 1743 HOH HOH A . 
C 3 HOH 154 2154 1751 HOH HOH A . 
C 3 HOH 155 2155 1755 HOH HOH A . 
C 3 HOH 156 2156 1753 HOH HOH A . 
C 3 HOH 157 2157 1772 HOH HOH A . 
C 3 HOH 158 2158 1794 HOH HOH A . 
C 3 HOH 159 2159 1758 HOH HOH A . 
C 3 HOH 160 2160 1759 HOH HOH A . 
C 3 HOH 161 2161 1769 HOH HOH A . 
C 3 HOH 162 2162 10   HOH HOH A . 
C 3 HOH 163 2163 1784 HOH HOH A . 
C 3 HOH 164 2164 1731 HOH HOH A . 
C 3 HOH 165 2165 1768 HOH HOH A . 
C 3 HOH 166 2166 1766 HOH HOH A . 
C 3 HOH 167 2167 1762 HOH HOH A . 
C 3 HOH 168 2168 9    HOH HOH A . 
C 3 HOH 169 2169 1770 HOH HOH A . 
C 3 HOH 170 2170 24   HOH HOH A . 
C 3 HOH 171 2171 1795 HOH HOH A . 
C 3 HOH 172 2172 1705 HOH HOH A . 
C 3 HOH 173 2173 1786 HOH HOH A . 
C 3 HOH 174 2174 1765 HOH HOH A . 
C 3 HOH 175 2175 1779 HOH HOH A . 
C 3 HOH 176 2176 1777 HOH HOH A . 
C 3 HOH 177 2177 1763 HOH HOH A . 
C 3 HOH 178 2178 1760 HOH HOH A . 
C 3 HOH 179 2179 1796 HOH HOH A . 
C 3 HOH 180 2180 1764 HOH HOH A . 
C 3 HOH 181 2181 1774 HOH HOH A . 
C 3 HOH 182 2182 1778 HOH HOH A . 
C 3 HOH 183 2183 1775 HOH HOH A . 
C 3 HOH 184 2184 1782 HOH HOH A . 
C 3 HOH 185 2185 15   HOH HOH A . 
C 3 HOH 186 2186 1780 HOH HOH A . 
C 3 HOH 187 2187 1783 HOH HOH A . 
C 3 HOH 188 2188 3    HOH HOH A . 
C 3 HOH 189 2189 1781 HOH HOH A . 
C 3 HOH 190 2190 1654 HOH HOH A . 
C 3 HOH 191 2191 1785 HOH HOH A . 
C 3 HOH 192 2192 6    HOH HOH A . 
C 3 HOH 193 2193 1789 HOH HOH A . 
C 3 HOH 194 2194 1787 HOH HOH A . 
C 3 HOH 195 2195 1749 HOH HOH A . 
C 3 HOH 196 2196 1791 HOH HOH A . 
C 3 HOH 197 2197 1790 HOH HOH A . 
C 3 HOH 198 2198 1792 HOH HOH A . 
C 3 HOH 199 2199 1793 HOH HOH A . 
C 3 HOH 200 2200 4    HOH HOH A . 
C 3 HOH 201 2201 1798 HOH HOH A . 
C 3 HOH 202 2202 1797 HOH HOH A . 
C 3 HOH 203 2203 1799 HOH HOH A . 
C 3 HOH 204 2204 1800 HOH HOH A . 
# 
loop_
_pdbx_unobs_or_zero_occ_atoms.id 
_pdbx_unobs_or_zero_occ_atoms.PDB_model_num 
_pdbx_unobs_or_zero_occ_atoms.polymer_flag 
_pdbx_unobs_or_zero_occ_atoms.occupancy_flag 
_pdbx_unobs_or_zero_occ_atoms.auth_asym_id 
_pdbx_unobs_or_zero_occ_atoms.auth_comp_id 
_pdbx_unobs_or_zero_occ_atoms.auth_seq_id 
_pdbx_unobs_or_zero_occ_atoms.PDB_ins_code 
_pdbx_unobs_or_zero_occ_atoms.auth_atom_id 
_pdbx_unobs_or_zero_occ_atoms.label_alt_id 
_pdbx_unobs_or_zero_occ_atoms.label_asym_id 
_pdbx_unobs_or_zero_occ_atoms.label_comp_id 
_pdbx_unobs_or_zero_occ_atoms.label_seq_id 
_pdbx_unobs_or_zero_occ_atoms.label_atom_id 
1 1 Y 1 A GLN 1334 ? CD  ? A GLN 43 CD  
2 1 Y 1 A GLN 1334 ? OE1 ? A GLN 43 OE1 
3 1 Y 1 A GLN 1334 ? NE2 ? A GLN 43 NE2 
# 
loop_
_software.pdbx_ordinal 
_software.name 
_software.version 
_software.date 
_software.type 
_software.contact_author 
_software.contact_author_email 
_software.classification 
_software.location 
_software.language 
_software.citation_id 
1 REFMAC      5.8.0267 ?               program 'Garib N. Murshudov' garib@ysbl.york.ac.uk    refinement        
http://www.ccp4.ac.uk/dist/html/refmac5.html        Fortran_77 ? 
2 Aimless     0.7.7    23/04/21        program 'Phil Evans'         ?                        'data scaling'    
http://www.mrc-lmb.cam.ac.uk/harry/pre/aimless.html ?          ? 
3 PDB_EXTRACT 3.23     'SEP. 23, 2016' package PDB                  deposit@deposit.rcsb.org 'data extraction' 
http://sw-tools.pdb.org/apps/PDB_EXTRACT/           C++        ? 
4 XDS         .        ?               program ?                    ?                        'data reduction'  ? ?          ? 
5 REFMAC      .        ?               program ?                    ?                        phasing           ? ?          ? 
# 
_cell.entry_id           7FV4 
_cell.length_a           81.883 
_cell.length_b           27.236 
_cell.length_c           56.313 
_cell.angle_alpha        90.000 
_cell.angle_beta         99.950 
_cell.angle_gamma        90.000 
_cell.Z_PDB              4 
_cell.pdbx_unique_axis   ? 
# 
_symmetry.entry_id                         7FV4 
_symmetry.space_group_name_H-M             'C 1 2 1' 
_symmetry.pdbx_full_space_group_name_H-M   ? 
_symmetry.cell_setting                     ? 
_symmetry.Int_Tables_number                5 
# 
_exptl.crystals_number   1 
_exptl.entry_id          7FV4 
_exptl.method            'X-RAY DIFFRACTION' 
# 
_exptl_crystal.id                    1 
_exptl_crystal.pdbx_mosaicity        0.000 
_exptl_crystal.pdbx_mosaicity_esd    ? 
_exptl_crystal.density_Matthews      1.75 
_exptl_crystal.density_diffrn        ? 
_exptl_crystal.density_meas          ? 
_exptl_crystal.density_meas_temp     ? 
_exptl_crystal.density_percent_sol   29.89 
_exptl_crystal.size_max              ? 
_exptl_crystal.size_mid              ? 
_exptl_crystal.size_min              ? 
_exptl_crystal.size_rad              ? 
_exptl_crystal.description           ? 
# 
_exptl_crystal_grow.crystal_id      1 
_exptl_crystal_grow.method          'VAPOR DIFFUSION, SITTING DROP' 
_exptl_crystal_grow.pH              5.6 
_exptl_crystal_grow.temp            277 
_exptl_crystal_grow.pdbx_details    '20% PEG 8000, 0.04M potassium phosphate' 
_exptl_crystal_grow.temp_details    ? 
_exptl_crystal_grow.pdbx_pH_range   ? 
# 
_diffrn.id                     1 
_diffrn.ambient_temp           100 
_diffrn.crystal_id             1 
_diffrn.ambient_temp_details   ? 
# 
_diffrn_detector.detector               PIXEL 
_diffrn_detector.type                   'DECTRIS PILATUS 6M' 
_diffrn_detector.pdbx_collection_date   2022-09-24 
_diffrn_detector.diffrn_id              1 
_diffrn_detector.details                ? 
# 
_diffrn_radiation.diffrn_id                        1 
_diffrn_radiation.wavelength_id                    1 
_diffrn_radiation.pdbx_diffrn_protocol             'SINGLE WAVELENGTH' 
_diffrn_radiation.pdbx_monochromatic_or_laue_m_l   ? 
_diffrn_radiation.monochromator                    ? 
_diffrn_radiation.pdbx_scattering_type             x-ray 
# 
_diffrn_radiation_wavelength.id           1 
_diffrn_radiation_wavelength.wavelength   0.92124 
_diffrn_radiation_wavelength.wt           1.0 
# 
_diffrn_source.diffrn_id                   1 
_diffrn_source.source                      SYNCHROTRON 
_diffrn_source.type                        'DIAMOND BEAMLINE I04-1' 
_diffrn_source.pdbx_wavelength_list        0.92124 
_diffrn_source.pdbx_synchrotron_site       Diamond 
_diffrn_source.pdbx_synchrotron_beamline   I04-1 
_diffrn_source.pdbx_wavelength             ? 
# 
_reflns.entry_id                     7FV4 
_reflns.pdbx_diffrn_id               1 
_reflns.pdbx_ordinal                 1 
_reflns.observed_criterion_sigma_I   ? 
_reflns.observed_criterion_sigma_F   ? 
_reflns.d_resolution_low             27.740 
_reflns.d_resolution_high            1.150 
_reflns.number_obs                   32981 
_reflns.number_all                   ? 
_reflns.percent_possible_obs         74.900 
_reflns.pdbx_Rmerge_I_obs            0.055 
_reflns.pdbx_Rsym_value              ? 
_reflns.pdbx_netI_over_sigmaI        23.500 
_reflns.B_iso_Wilson_estimate        ? 
_reflns.pdbx_redundancy              5.300 
_reflns.pdbx_Rrim_I_all              0.060 
_reflns.pdbx_Rpim_I_all              0.024 
_reflns.pdbx_CC_half                 0.994 
_reflns.pdbx_netI_over_av_sigmaI     ? 
_reflns.pdbx_number_measured_all     173323 
_reflns.pdbx_scaling_rejects         0 
_reflns.pdbx_chi_squared             ? 
_reflns.Rmerge_F_all                 ? 
_reflns.Rmerge_F_obs                 ? 
_reflns.observed_criterion_F_max     ? 
_reflns.observed_criterion_F_min     ? 
_reflns.observed_criterion_I_max     ? 
_reflns.observed_criterion_I_min     ? 
_reflns.pdbx_d_res_high_opt          ? 
_reflns.pdbx_d_res_low_opt           ? 
_reflns.details                      ? 
# 
loop_
_reflns_shell.pdbx_diffrn_id 
_reflns_shell.pdbx_ordinal 
_reflns_shell.d_res_high 
_reflns_shell.d_res_low 
_reflns_shell.number_measured_obs 
_reflns_shell.number_measured_all 
_reflns_shell.number_unique_obs 
_reflns_shell.pdbx_rejects 
_reflns_shell.Rmerge_I_obs 
_reflns_shell.meanI_over_sigI_obs 
_reflns_shell.pdbx_Rsym_value 
_reflns_shell.pdbx_chi_squared 
_reflns_shell.pdbx_redundancy 
_reflns_shell.percent_possible_obs 
_reflns_shell.pdbx_netI_over_sigmaI_obs 
_reflns_shell.number_possible 
_reflns_shell.number_unique_all 
_reflns_shell.Rmerge_F_all 
_reflns_shell.Rmerge_F_obs 
_reflns_shell.Rmerge_I_all 
_reflns_shell.meanI_over_sigI_all 
_reflns_shell.percent_possible_all 
_reflns_shell.pdbx_Rrim_I_all 
_reflns_shell.pdbx_Rpim_I_all 
_reflns_shell.pdbx_CC_half 
1 1 1.150 1.170  ? 128  ? ? 1.000 ? ? ? 1.000 ? 2.100  ? 122 ? ? ? ? 5.600  1.414 1.000 ?     
1 2 6.300 27.740 ? 1629 ? ? 0.119 ? ? ? 5.500 ? 41.700 ? 296 ? ? ? ? 99.000 0.134 0.059 0.961 
# 
_refine.entry_id                                 7FV4 
_refine.pdbx_refine_id                           'X-RAY DIFFRACTION' 
_refine.ls_d_res_high                            1.1500 
_refine.ls_d_res_low                             27.7500 
_refine.pdbx_ls_sigma_F                          0.000 
_refine.pdbx_data_cutoff_high_absF               ? 
_refine.pdbx_data_cutoff_low_absF                ? 
_refine.ls_percent_reflns_obs                    75.0500 
_refine.ls_number_reflns_obs                     31344 
_refine.ls_number_reflns_all                     ? 
_refine.pdbx_ls_cross_valid_method               THROUGHOUT 
_refine.ls_matrix_type                           ? 
_refine.pdbx_R_Free_selection_details            RANDOM 
_refine.details                                  
'HYDROGENS HAVE BEEN ADDED IN THE RIDING POSITIONS U VALUES      : REFINED INDIVIDUALLY' 
_refine.ls_R_factor_all                          ? 
_refine.ls_R_factor_obs                          0.1776 
_refine.ls_R_factor_R_work                       0.1768 
_refine.ls_wR_factor_R_work                      ? 
_refine.ls_R_factor_R_free                       0.1924 
_refine.ls_wR_factor_R_free                      ? 
_refine.ls_percent_reflns_R_free                 5.0000 
_refine.ls_number_reflns_R_free                  1637 
_refine.ls_number_reflns_R_work                  ? 
_refine.ls_R_factor_R_free_error                 ? 
_refine.B_iso_mean                               19.0470 
_refine.solvent_model_param_bsol                 ? 
_refine.solvent_model_param_ksol                 ? 
_refine.pdbx_isotropic_thermal_model             ? 
_refine.aniso_B[1][1]                            -0.1600 
_refine.aniso_B[2][2]                            1.0100 
_refine.aniso_B[3][3]                            -0.8500 
_refine.aniso_B[1][2]                            0.0000 
_refine.aniso_B[1][3]                            0.1700 
_refine.aniso_B[2][3]                            0.0000 
_refine.correlation_coeff_Fo_to_Fc               0.9580 
_refine.correlation_coeff_Fo_to_Fc_free          0.9600 
_refine.overall_SU_R_Cruickshank_DPI             ? 
_refine.pdbx_overall_SU_R_free_Cruickshank_DPI   ? 
_refine.pdbx_overall_SU_R_Blow_DPI               ? 
_refine.pdbx_overall_SU_R_free_Blow_DPI          ? 
_refine.overall_SU_R_free                        ? 
_refine.pdbx_overall_ESU_R                       0.0750 
_refine.pdbx_overall_ESU_R_Free                  0.0680 
_refine.overall_SU_ML                            0.0430 
_refine.overall_SU_B                             0.9340 
_refine.solvent_model_details                    MASK 
_refine.pdbx_solvent_vdw_probe_radii             1.2000 
_refine.pdbx_solvent_ion_probe_radii             0.8000 
_refine.pdbx_solvent_shrinkage_radii             0.8000 
_refine.ls_number_parameters                     ? 
_refine.ls_number_restraints                     ? 
_refine.pdbx_starting_model                      7av9 
_refine.pdbx_method_to_determine_struct          'FOURIER SYNTHESIS' 
_refine.pdbx_stereochemistry_target_values       'MAXIMUM LIKELIHOOD' 
_refine.pdbx_stereochem_target_val_spec_case     ? 
_refine.overall_FOM_work_R_set                   ? 
_refine.B_iso_max                                168.470 
_refine.B_iso_min                                9.120 
_refine.pdbx_overall_phase_error                 ? 
_refine.occupancy_max                            ? 
_refine.occupancy_min                            ? 
_refine.pdbx_diffrn_id                           1 
_refine.pdbx_TLS_residual_ADP_flag               ? 
_refine.pdbx_ls_sigma_I                          ? 
_refine.pdbx_data_cutoff_high_rms_absF           ? 
_refine.ls_R_factor_R_free_error_details         ? 
# 
_refine_hist.cycle_id                         final 
_refine_hist.pdbx_refine_id                   'X-RAY DIFFRACTION' 
_refine_hist.d_res_high                       1.1500 
_refine_hist.d_res_low                        27.7500 
_refine_hist.pdbx_number_atoms_ligand         23 
_refine_hist.number_atoms_solvent             204 
_refine_hist.number_atoms_total               1230 
_refine_hist.pdbx_number_residues_total       121 
_refine_hist.pdbx_B_iso_mean_ligand           24.62 
_refine_hist.pdbx_B_iso_mean_solvent          28.25 
_refine_hist.pdbx_number_atoms_protein        1003 
_refine_hist.pdbx_number_atoms_nucleic_acid   0 
# 
loop_
_refine_ls_restr.pdbx_refine_id 
_refine_ls_restr.type 
_refine_ls_restr.number 
_refine_ls_restr.dev_ideal 
_refine_ls_restr.dev_ideal_target 
_refine_ls_restr.weight 
_refine_ls_restr.pdbx_restraint_function 
'X-RAY DIFFRACTION' r_bond_refined_d       2917 0.010  0.015  ? ? 
'X-RAY DIFFRACTION' r_bond_other_d         1921 0.001  0.014  ? ? 
'X-RAY DIFFRACTION' r_angle_refined_deg    3009 1.692  1.669  ? ? 
'X-RAY DIFFRACTION' r_angle_other_deg      4504 1.474  1.582  ? ? 
'X-RAY DIFFRACTION' r_dihedral_angle_1_deg 288  5.722  5.000  ? ? 
'X-RAY DIFFRACTION' r_dihedral_angle_2_deg 123  27.019 20.894 ? ? 
'X-RAY DIFFRACTION' r_dihedral_angle_3_deg 353  13.415 15.000 ? ? 
'X-RAY DIFFRACTION' r_dihedral_angle_4_deg 18   10.829 15.000 ? ? 
'X-RAY DIFFRACTION' r_chiral_restr         272  0.090  0.200  ? ? 
'X-RAY DIFFRACTION' r_gen_planes_refined   2664 0.009  0.020  ? ? 
'X-RAY DIFFRACTION' r_gen_planes_other     538  0.002  0.020  ? ? 
'X-RAY DIFFRACTION' r_mcbond_it            1406 1.499  1.852  ? ? 
'X-RAY DIFFRACTION' r_mcbond_other         1349 1.529  1.789  ? ? 
'X-RAY DIFFRACTION' r_mcangle_it           1358 3.013  2.568  ? ? 
# 
_refine_ls_shell.d_res_high                       1.1500 
_refine_ls_shell.d_res_low                        1.1800 
_refine_ls_shell.pdbx_total_number_of_bins_used   20 
_refine_ls_shell.percent_reflns_obs               7.3300 
_refine_ls_shell.number_reflns_R_work             226 
_refine_ls_shell.R_factor_all                     ? 
_refine_ls_shell.R_factor_R_work                  0.2280 
_refine_ls_shell.R_factor_R_free                  0.1700 
_refine_ls_shell.percent_reflns_R_free            ? 
_refine_ls_shell.number_reflns_R_free             13 
_refine_ls_shell.R_factor_R_free_error            ? 
_refine_ls_shell.number_reflns_all                239 
_refine_ls_shell.number_reflns_obs                ? 
_refine_ls_shell.pdbx_refine_id                   'X-RAY DIFFRACTION' 
# 
_struct.entry_id                  7FV4 
_struct.title                     'PanDDA analysis group deposition -- PHIP in complex with Z44602341' 
_struct.pdbx_model_details        ? 
_struct.pdbx_CASP_flag            ? 
_struct.pdbx_model_type_details   ? 
# 
_struct_keywords.entry_id        7FV4 
_struct_keywords.text            
'False negatives, ligand features, rescreening, catalogue, fragment follow-ups, automated chemistry, SIGNALING PROTEIN' 
_struct_keywords.pdbx_keywords   'SIGNALING PROTEIN' 
# 
loop_
_struct_asym.id 
_struct_asym.pdbx_blank_PDB_chainid_flag 
_struct_asym.pdbx_modified 
_struct_asym.entity_id 
_struct_asym.details 
A N N 1 ? 
B N N 2 ? 
C N N 3 ? 
# 
_struct_ref.id                         1 
_struct_ref.db_name                    UNP 
_struct_ref.db_code                    PHIP_HUMAN 
_struct_ref.pdbx_db_accession          Q8WWQ0 
_struct_ref.pdbx_db_isoform            ? 
_struct_ref.entity_id                  1 
_struct_ref.pdbx_seq_one_letter_code   
;SYDIQAWKKQCEELLNLIFQCEDSEPFRQPVDLLEYPDYRDIIDTPMDFATVRETLEAGNYESPMELCKDVRLIFSNSKA
YTPSKRSRIYSMSLRLSAFFEEHISSVLSDYKSALRFHKRNTITKR
;
_struct_ref.pdbx_align_begin           1315 
# 
_struct_ref_seq.align_id                      1 
_struct_ref_seq.ref_id                        1 
_struct_ref_seq.pdbx_PDB_id_code              7FV4 
_struct_ref_seq.pdbx_strand_id                A 
_struct_ref_seq.seq_align_beg                 24 
_struct_ref_seq.pdbx_seq_align_beg_ins_code   ? 
_struct_ref_seq.seq_align_end                 149 
_struct_ref_seq.pdbx_seq_align_end_ins_code   ? 
_struct_ref_seq.pdbx_db_accession             Q8WWQ0 
_struct_ref_seq.db_align_beg                  1315 
_struct_ref_seq.pdbx_db_align_beg_ins_code    ? 
_struct_ref_seq.db_align_end                  1440 
_struct_ref_seq.pdbx_db_align_end_ins_code    ? 
_struct_ref_seq.pdbx_auth_seq_align_beg       1315 
_struct_ref_seq.pdbx_auth_seq_align_end       1440 
# 
loop_
_struct_ref_seq_dif.align_id 
_struct_ref_seq_dif.pdbx_pdb_id_code 
_struct_ref_seq_dif.mon_id 
_struct_ref_seq_dif.pdbx_pdb_strand_id 
_struct_ref_seq_dif.seq_num 
_struct_ref_seq_dif.pdbx_pdb_ins_code 
_struct_ref_seq_dif.pdbx_seq_db_name 
_struct_ref_seq_dif.pdbx_seq_db_accession_code 
_struct_ref_seq_dif.db_mon_id 
_struct_ref_seq_dif.pdbx_seq_db_seq_num 
_struct_ref_seq_dif.details 
_struct_ref_seq_dif.pdbx_auth_seq_num 
_struct_ref_seq_dif.pdbx_ordinal 
1 7FV4 MET A 1  ? UNP Q8WWQ0 ? ? 'initiating methionine' 1292 1  
1 7FV4 HIS A 2  ? UNP Q8WWQ0 ? ? 'expression tag'        1293 2  
1 7FV4 HIS A 3  ? UNP Q8WWQ0 ? ? 'expression tag'        1294 3  
1 7FV4 HIS A 4  ? UNP Q8WWQ0 ? ? 'expression tag'        1295 4  
1 7FV4 HIS A 5  ? UNP Q8WWQ0 ? ? 'expression tag'        1296 5  
1 7FV4 HIS A 6  ? UNP Q8WWQ0 ? ? 'expression tag'        1297 6  
1 7FV4 HIS A 7  ? UNP Q8WWQ0 ? ? 'expression tag'        1298 7  
1 7FV4 SER A 8  ? UNP Q8WWQ0 ? ? 'expression tag'        1299 8  
1 7FV4 SER A 9  ? UNP Q8WWQ0 ? ? 'expression tag'        1300 9  
1 7FV4 GLY A 10 ? UNP Q8WWQ0 ? ? 'expression tag'        1301 10 
1 7FV4 VAL A 11 ? UNP Q8WWQ0 ? ? 'expression tag'        1302 11 
1 7FV4 ASP A 12 ? UNP Q8WWQ0 ? ? 'expression tag'        1303 12 
1 7FV4 LEU A 13 ? UNP Q8WWQ0 ? ? 'expression tag'        1304 13 
1 7FV4 GLY A 14 ? UNP Q8WWQ0 ? ? 'expression tag'        1305 14 
1 7FV4 THR A 15 ? UNP Q8WWQ0 ? ? 'expression tag'        1306 15 
1 7FV4 GLU A 16 ? UNP Q8WWQ0 ? ? 'expression tag'        1307 16 
1 7FV4 ASN A 17 ? UNP Q8WWQ0 ? ? 'expression tag'        1308 17 
1 7FV4 LEU A 18 ? UNP Q8WWQ0 ? ? 'expression tag'        1309 18 
1 7FV4 TYR A 19 ? UNP Q8WWQ0 ? ? 'expression tag'        1310 19 
1 7FV4 PHE A 20 ? UNP Q8WWQ0 ? ? 'expression tag'        1311 20 
1 7FV4 GLN A 21 ? UNP Q8WWQ0 ? ? 'expression tag'        1312 21 
1 7FV4 SER A 22 ? UNP Q8WWQ0 ? ? 'expression tag'        1313 22 
1 7FV4 MET A 23 ? UNP Q8WWQ0 ? ? 'expression tag'        1314 23 
# 
_pdbx_struct_assembly.id                   1 
_pdbx_struct_assembly.details              author_and_software_defined_assembly 
_pdbx_struct_assembly.method_details       PISA 
_pdbx_struct_assembly.oligomeric_details   monomeric 
_pdbx_struct_assembly.oligomeric_count     1 
# 
_pdbx_struct_assembly_gen.assembly_id       1 
_pdbx_struct_assembly_gen.oper_expression   1 
_pdbx_struct_assembly_gen.asym_id_list      A,B,C 
# 
_pdbx_struct_oper_list.id                   1 
_pdbx_struct_oper_list.type                 'identity operation' 
_pdbx_struct_oper_list.name                 1_555 
_pdbx_struct_oper_list.symmetry_operation   x,y,z 
_pdbx_struct_oper_list.matrix[1][1]         1.0000000000 
_pdbx_struct_oper_list.matrix[1][2]         0.0000000000 
_pdbx_struct_oper_list.matrix[1][3]         0.0000000000 
_pdbx_struct_oper_list.vector[1]            0.0000000000 
_pdbx_struct_oper_list.matrix[2][1]         0.0000000000 
_pdbx_struct_oper_list.matrix[2][2]         1.0000000000 
_pdbx_struct_oper_list.matrix[2][3]         0.0000000000 
_pdbx_struct_oper_list.vector[2]            0.0000000000 
_pdbx_struct_oper_list.matrix[3][1]         0.0000000000 
_pdbx_struct_oper_list.matrix[3][2]         0.0000000000 
_pdbx_struct_oper_list.matrix[3][3]         1.0000000000 
_pdbx_struct_oper_list.vector[3]            0.0000000000 
# 
loop_
_struct_conf.conf_type_id 
_struct_conf.id 
_struct_conf.pdbx_PDB_helix_id 
_struct_conf.beg_label_comp_id 
_struct_conf.beg_label_asym_id 
_struct_conf.beg_label_seq_id 
_struct_conf.pdbx_beg_PDB_ins_code 
_struct_conf.end_label_comp_id 
_struct_conf.end_label_asym_id 
_struct_conf.end_label_seq_id 
_struct_conf.pdbx_end_PDB_ins_code 
_struct_conf.beg_auth_comp_id 
_struct_conf.beg_auth_asym_id 
_struct_conf.beg_auth_seq_id 
_struct_conf.end_auth_comp_id 
_struct_conf.end_auth_asym_id 
_struct_conf.end_auth_seq_id 
_struct_conf.pdbx_PDB_helix_class 
_struct_conf.details 
_struct_conf.pdbx_PDB_helix_length 
HELX_P HELX_P1 AA1 ALA A 29  ? CYS A 44  ? ALA A 1320 CYS A 1335 1 ? 16 
HELX_P HELX_P2 AA2 GLU A 45  ? ARG A 51  ? GLU A 1336 ARG A 1342 5 ? 7  
HELX_P HELX_P3 AA3 ASP A 61  ? ILE A 66  ? ASP A 1352 ILE A 1357 1 ? 6  
HELX_P HELX_P4 AA4 ASP A 71  ? ALA A 81  ? ASP A 1362 ALA A 1372 1 ? 11 
HELX_P HELX_P5 AA5 SER A 86  ? THR A 105 ? SER A 1377 THR A 1396 1 ? 20 
HELX_P HELX_P6 AA6 SER A 110 ? LYS A 142 ? SER A 1401 LYS A 1433 1 ? 33 
# 
_struct_conf_type.id          HELX_P 
_struct_conf_type.criteria    ? 
_struct_conf_type.reference   ? 
# 
_pdbx_validate_close_contact.id               1 
_pdbx_validate_close_contact.PDB_model_num    1 
_pdbx_validate_close_contact.auth_atom_id_1   O 
_pdbx_validate_close_contact.auth_asym_id_1   A 
_pdbx_validate_close_contact.auth_comp_id_1   HOH 
_pdbx_validate_close_contact.auth_seq_id_1    2024 
_pdbx_validate_close_contact.PDB_ins_code_1   ? 
_pdbx_validate_close_contact.label_alt_id_1   ? 
_pdbx_validate_close_contact.auth_atom_id_2   O 
_pdbx_validate_close_contact.auth_asym_id_2   A 
_pdbx_validate_close_contact.auth_comp_id_2   HOH 
_pdbx_validate_close_contact.auth_seq_id_2    2148 
_pdbx_validate_close_contact.PDB_ins_code_2   ? 
_pdbx_validate_close_contact.label_alt_id_2   ? 
_pdbx_validate_close_contact.dist             2.11 
# 
loop_
_pdbx_validate_symm_contact.id 
_pdbx_validate_symm_contact.PDB_model_num 
_pdbx_validate_symm_contact.auth_atom_id_1 
_pdbx_validate_symm_contact.auth_asym_id_1 
_pdbx_validate_symm_contact.auth_comp_id_1 
_pdbx_validate_symm_contact.auth_seq_id_1 
_pdbx_validate_symm_contact.PDB_ins_code_1 
_pdbx_validate_symm_contact.label_alt_id_1 
_pdbx_validate_symm_contact.site_symmetry_1 
_pdbx_validate_symm_contact.auth_atom_id_2 
_pdbx_validate_symm_contact.auth_asym_id_2 
_pdbx_validate_symm_contact.auth_comp_id_2 
_pdbx_validate_symm_contact.auth_seq_id_2 
_pdbx_validate_symm_contact.PDB_ins_code_2 
_pdbx_validate_symm_contact.label_alt_id_2 
_pdbx_validate_symm_contact.site_symmetry_2 
_pdbx_validate_symm_contact.dist 
1 1 F1 A ZKQ 1901 ? ? 1_555 O A HOH 2009 ? ? 4_456 1.55 
2 1 O  A HOH 2166 ? ? 1_555 O A HOH 2181 ? ? 4_445 2.04 
3 1 O  A HOH 2033 ? ? 1_555 O A HOH 2044 ? ? 4_445 2.19 
# 
loop_
_pdbx_struct_special_symmetry.id 
_pdbx_struct_special_symmetry.PDB_model_num 
_pdbx_struct_special_symmetry.auth_asym_id 
_pdbx_struct_special_symmetry.auth_comp_id 
_pdbx_struct_special_symmetry.auth_seq_id 
_pdbx_struct_special_symmetry.PDB_ins_code 
_pdbx_struct_special_symmetry.label_asym_id 
_pdbx_struct_special_symmetry.label_comp_id 
_pdbx_struct_special_symmetry.label_seq_id 
1 1 A HOH 2111 ? C HOH . 
2 1 A HOH 2197 ? C HOH . 
# 
_phasing.method   MR 
# 
_pdbx_entry_details.entry_id                 7FV4 
_pdbx_entry_details.compound_details         ? 
_pdbx_entry_details.source_details           ? 
_pdbx_entry_details.nonpolymer_details       ? 
_pdbx_entry_details.sequence_details         ? 
_pdbx_entry_details.has_ligand_of_interest   Y 
# 
loop_
_pdbx_unobs_or_zero_occ_residues.id 
_pdbx_unobs_or_zero_occ_residues.PDB_model_num 
_pdbx_unobs_or_zero_occ_residues.polymer_flag 
_pdbx_unobs_or_zero_occ_residues.occupancy_flag 
_pdbx_unobs_or_zero_occ_residues.auth_asym_id 
_pdbx_unobs_or_zero_occ_residues.auth_comp_id 
_pdbx_unobs_or_zero_occ_residues.auth_seq_id 
_pdbx_unobs_or_zero_occ_residues.PDB_ins_code 
_pdbx_unobs_or_zero_occ_residues.label_asym_id 
_pdbx_unobs_or_zero_occ_residues.label_comp_id 
_pdbx_unobs_or_zero_occ_residues.label_seq_id 
1  1 Y 1 A MET 1292 ? A MET 1   
2  1 Y 1 A HIS 1293 ? A HIS 2   
3  1 Y 1 A HIS 1294 ? A HIS 3   
4  1 Y 1 A HIS 1295 ? A HIS 4   
5  1 Y 1 A HIS 1296 ? A HIS 5   
6  1 Y 1 A HIS 1297 ? A HIS 6   
7  1 Y 1 A HIS 1298 ? A HIS 7   
8  1 Y 1 A SER 1299 ? A SER 8   
9  1 Y 1 A SER 1300 ? A SER 9   
10 1 Y 1 A GLY 1301 ? A GLY 10  
11 1 Y 1 A VAL 1302 ? A VAL 11  
12 1 Y 1 A ASP 1303 ? A ASP 12  
13 1 Y 1 A LEU 1304 ? A LEU 13  
14 1 Y 1 A GLY 1305 ? A GLY 14  
15 1 Y 1 A THR 1306 ? A THR 15  
16 1 Y 1 A GLU 1307 ? A GLU 16  
17 1 Y 1 A ASN 1308 ? A ASN 17  
18 1 Y 1 A LEU 1309 ? A LEU 18  
19 1 Y 1 A TYR 1310 ? A TYR 19  
20 1 Y 1 A PHE 1311 ? A PHE 20  
21 1 Y 1 A GLN 1312 ? A GLN 21  
22 1 Y 1 A SER 1313 ? A SER 22  
23 1 Y 1 A MET 1314 ? A MET 23  
24 1 Y 1 A THR 1436 ? A THR 145 
25 1 Y 1 A ILE 1437 ? A ILE 146 
26 1 Y 1 A THR 1438 ? A THR 147 
27 1 Y 1 A LYS 1439 ? A LYS 148 
28 1 Y 1 A ARG 1440 ? A ARG 149 
# 
loop_
_chem_comp_atom.comp_id 
_chem_comp_atom.atom_id 
_chem_comp_atom.type_symbol 
_chem_comp_atom.pdbx_aromatic_flag 
_chem_comp_atom.pdbx_stereo_config 
_chem_comp_atom.pdbx_ordinal 
ALA N    N N N 1   
ALA CA   C N S 2   
ALA C    C N N 3   
ALA O    O N N 4   
ALA CB   C N N 5   
ALA OXT  O N N 6   
ALA H    H N N 7   
ALA H2   H N N 8   
ALA HA   H N N 9   
ALA HB1  H N N 10  
ALA HB2  H N N 11  
ALA HB3  H N N 12  
ALA HXT  H N N 13  
ARG N    N N N 14  
ARG CA   C N S 15  
ARG C    C N N 16  
ARG O    O N N 17  
ARG CB   C N N 18  
ARG CG   C N N 19  
ARG CD   C N N 20  
ARG NE   N N N 21  
ARG CZ   C N N 22  
ARG NH1  N N N 23  
ARG NH2  N N N 24  
ARG OXT  O N N 25  
ARG H    H N N 26  
ARG H2   H N N 27  
ARG HA   H N N 28  
ARG HB2  H N N 29  
ARG HB3  H N N 30  
ARG HG2  H N N 31  
ARG HG3  H N N 32  
ARG HD2  H N N 33  
ARG HD3  H N N 34  
ARG HE   H N N 35  
ARG HH11 H N N 36  
ARG HH12 H N N 37  
ARG HH21 H N N 38  
ARG HH22 H N N 39  
ARG HXT  H N N 40  
ASN N    N N N 41  
ASN CA   C N S 42  
ASN C    C N N 43  
ASN O    O N N 44  
ASN CB   C N N 45  
ASN CG   C N N 46  
ASN OD1  O N N 47  
ASN ND2  N N N 48  
ASN OXT  O N N 49  
ASN H    H N N 50  
ASN H2   H N N 51  
ASN HA   H N N 52  
ASN HB2  H N N 53  
ASN HB3  H N N 54  
ASN HD21 H N N 55  
ASN HD22 H N N 56  
ASN HXT  H N N 57  
ASP N    N N N 58  
ASP CA   C N S 59  
ASP C    C N N 60  
ASP O    O N N 61  
ASP CB   C N N 62  
ASP CG   C N N 63  
ASP OD1  O N N 64  
ASP OD2  O N N 65  
ASP OXT  O N N 66  
ASP H    H N N 67  
ASP H2   H N N 68  
ASP HA   H N N 69  
ASP HB2  H N N 70  
ASP HB3  H N N 71  
ASP HD2  H N N 72  
ASP HXT  H N N 73  
CYS N    N N N 74  
CYS CA   C N R 75  
CYS C    C N N 76  
CYS O    O N N 77  
CYS CB   C N N 78  
CYS SG   S N N 79  
CYS OXT  O N N 80  
CYS H    H N N 81  
CYS H2   H N N 82  
CYS HA   H N N 83  
CYS HB2  H N N 84  
CYS HB3  H N N 85  
CYS HG   H N N 86  
CYS HXT  H N N 87  
GLN N    N N N 88  
GLN CA   C N S 89  
GLN C    C N N 90  
GLN O    O N N 91  
GLN CB   C N N 92  
GLN CG   C N N 93  
GLN CD   C N N 94  
GLN OE1  O N N 95  
GLN NE2  N N N 96  
GLN OXT  O N N 97  
GLN H    H N N 98  
GLN H2   H N N 99  
GLN HA   H N N 100 
GLN HB2  H N N 101 
GLN HB3  H N N 102 
GLN HG2  H N N 103 
GLN HG3  H N N 104 
GLN HE21 H N N 105 
GLN HE22 H N N 106 
GLN HXT  H N N 107 
GLU N    N N N 108 
GLU CA   C N S 109 
GLU C    C N N 110 
GLU O    O N N 111 
GLU CB   C N N 112 
GLU CG   C N N 113 
GLU CD   C N N 114 
GLU OE1  O N N 115 
GLU OE2  O N N 116 
GLU OXT  O N N 117 
GLU H    H N N 118 
GLU H2   H N N 119 
GLU HA   H N N 120 
GLU HB2  H N N 121 
GLU HB3  H N N 122 
GLU HG2  H N N 123 
GLU HG3  H N N 124 
GLU HE2  H N N 125 
GLU HXT  H N N 126 
GLY N    N N N 127 
GLY CA   C N N 128 
GLY C    C N N 129 
GLY O    O N N 130 
GLY OXT  O N N 131 
GLY H    H N N 132 
GLY H2   H N N 133 
GLY HA2  H N N 134 
GLY HA3  H N N 135 
GLY HXT  H N N 136 
HIS N    N N N 137 
HIS CA   C N S 138 
HIS C    C N N 139 
HIS O    O N N 140 
HIS CB   C N N 141 
HIS CG   C Y N 142 
HIS ND1  N Y N 143 
HIS CD2  C Y N 144 
HIS CE1  C Y N 145 
HIS NE2  N Y N 146 
HIS OXT  O N N 147 
HIS H    H N N 148 
HIS H2   H N N 149 
HIS HA   H N N 150 
HIS HB2  H N N 151 
HIS HB3  H N N 152 
HIS HD1  H N N 153 
HIS HD2  H N N 154 
HIS HE1  H N N 155 
HIS HE2  H N N 156 
HIS HXT  H N N 157 
HOH O    O N N 158 
HOH H1   H N N 159 
HOH H2   H N N 160 
ILE N    N N N 161 
ILE CA   C N S 162 
ILE C    C N N 163 
ILE O    O N N 164 
ILE CB   C N S 165 
ILE CG1  C N N 166 
ILE CG2  C N N 167 
ILE CD1  C N N 168 
ILE OXT  O N N 169 
ILE H    H N N 170 
ILE H2   H N N 171 
ILE HA   H N N 172 
ILE HB   H N N 173 
ILE HG12 H N N 174 
ILE HG13 H N N 175 
ILE HG21 H N N 176 
ILE HG22 H N N 177 
ILE HG23 H N N 178 
ILE HD11 H N N 179 
ILE HD12 H N N 180 
ILE HD13 H N N 181 
ILE HXT  H N N 182 
LEU N    N N N 183 
LEU CA   C N S 184 
LEU C    C N N 185 
LEU O    O N N 186 
LEU CB   C N N 187 
LEU CG   C N N 188 
LEU CD1  C N N 189 
LEU CD2  C N N 190 
LEU OXT  O N N 191 
LEU H    H N N 192 
LEU H2   H N N 193 
LEU HA   H N N 194 
LEU HB2  H N N 195 
LEU HB3  H N N 196 
LEU HG   H N N 197 
LEU HD11 H N N 198 
LEU HD12 H N N 199 
LEU HD13 H N N 200 
LEU HD21 H N N 201 
LEU HD22 H N N 202 
LEU HD23 H N N 203 
LEU HXT  H N N 204 
LYS N    N N N 205 
LYS CA   C N S 206 
LYS C    C N N 207 
LYS O    O N N 208 
LYS CB   C N N 209 
LYS CG   C N N 210 
LYS CD   C N N 211 
LYS CE   C N N 212 
LYS NZ   N N N 213 
LYS OXT  O N N 214 
LYS H    H N N 215 
LYS H2   H N N 216 
LYS HA   H N N 217 
LYS HB2  H N N 218 
LYS HB3  H N N 219 
LYS HG2  H N N 220 
LYS HG3  H N N 221 
LYS HD2  H N N 222 
LYS HD3  H N N 223 
LYS HE2  H N N 224 
LYS HE3  H N N 225 
LYS HZ1  H N N 226 
LYS HZ2  H N N 227 
LYS HZ3  H N N 228 
LYS HXT  H N N 229 
MET N    N N N 230 
MET CA   C N S 231 
MET C    C N N 232 
MET O    O N N 233 
MET CB   C N N 234 
MET CG   C N N 235 
MET SD   S N N 236 
MET CE   C N N 237 
MET OXT  O N N 238 
MET H    H N N 239 
MET H2   H N N 240 
MET HA   H N N 241 
MET HB2  H N N 242 
MET HB3  H N N 243 
MET HG2  H N N 244 
MET HG3  H N N 245 
MET HE1  H N N 246 
MET HE2  H N N 247 
MET HE3  H N N 248 
MET HXT  H N N 249 
PHE N    N N N 250 
PHE CA   C N S 251 
PHE C    C N N 252 
PHE O    O N N 253 
PHE CB   C N N 254 
PHE CG   C Y N 255 
PHE CD1  C Y N 256 
PHE CD2  C Y N 257 
PHE CE1  C Y N 258 
PHE CE2  C Y N 259 
PHE CZ   C Y N 260 
PHE OXT  O N N 261 
PHE H    H N N 262 
PHE H2   H N N 263 
PHE HA   H N N 264 
PHE HB2  H N N 265 
PHE HB3  H N N 266 
PHE HD1  H N N 267 
PHE HD2  H N N 268 
PHE HE1  H N N 269 
PHE HE2  H N N 270 
PHE HZ   H N N 271 
PHE HXT  H N N 272 
PRO N    N N N 273 
PRO CA   C N S 274 
PRO C    C N N 275 
PRO O    O N N 276 
PRO CB   C N N 277 
PRO CG   C N N 278 
PRO CD   C N N 279 
PRO OXT  O N N 280 
PRO H    H N N 281 
PRO HA   H N N 282 
PRO HB2  H N N 283 
PRO HB3  H N N 284 
PRO HG2  H N N 285 
PRO HG3  H N N 286 
PRO HD2  H N N 287 
PRO HD3  H N N 288 
PRO HXT  H N N 289 
SER N    N N N 290 
SER CA   C N S 291 
SER C    C N N 292 
SER O    O N N 293 
SER CB   C N N 294 
SER OG   O N N 295 
SER OXT  O N N 296 
SER H    H N N 297 
SER H2   H N N 298 
SER HA   H N N 299 
SER HB2  H N N 300 
SER HB3  H N N 301 
SER HG   H N N 302 
SER HXT  H N N 303 
THR N    N N N 304 
THR CA   C N S 305 
THR C    C N N 306 
THR O    O N N 307 
THR CB   C N R 308 
THR OG1  O N N 309 
THR CG2  C N N 310 
THR OXT  O N N 311 
THR H    H N N 312 
THR H2   H N N 313 
THR HA   H N N 314 
THR HB   H N N 315 
THR HG1  H N N 316 
THR HG21 H N N 317 
THR HG22 H N N 318 
THR HG23 H N N 319 
THR HXT  H N N 320 
TRP N    N N N 321 
TRP CA   C N S 322 
TRP C    C N N 323 
TRP O    O N N 324 
TRP CB   C N N 325 
TRP CG   C Y N 326 
TRP CD1  C Y N 327 
TRP CD2  C Y N 328 
TRP NE1  N Y N 329 
TRP CE2  C Y N 330 
TRP CE3  C Y N 331 
TRP CZ2  C Y N 332 
TRP CZ3  C Y N 333 
TRP CH2  C Y N 334 
TRP OXT  O N N 335 
TRP H    H N N 336 
TRP H2   H N N 337 
TRP HA   H N N 338 
TRP HB2  H N N 339 
TRP HB3  H N N 340 
TRP HD1  H N N 341 
TRP HE1  H N N 342 
TRP HE3  H N N 343 
TRP HZ2  H N N 344 
TRP HZ3  H N N 345 
TRP HH2  H N N 346 
TRP HXT  H N N 347 
TYR N    N N N 348 
TYR CA   C N S 349 
TYR C    C N N 350 
TYR O    O N N 351 
TYR CB   C N N 352 
TYR CG   C Y N 353 
TYR CD1  C Y N 354 
TYR CD2  C Y N 355 
TYR CE1  C Y N 356 
TYR CE2  C Y N 357 
TYR CZ   C Y N 358 
TYR OH   O N N 359 
TYR OXT  O N N 360 
TYR H    H N N 361 
TYR H2   H N N 362 
TYR HA   H N N 363 
TYR HB2  H N N 364 
TYR HB3  H N N 365 
TYR HD1  H N N 366 
TYR HD2  H N N 367 
TYR HE1  H N N 368 
TYR HE2  H N N 369 
TYR HH   H N N 370 
TYR HXT  H N N 371 
VAL N    N N N 372 
VAL CA   C N S 373 
VAL C    C N N 374 
VAL O    O N N 375 
VAL CB   C N N 376 
VAL CG1  C N N 377 
VAL CG2  C N N 378 
VAL OXT  O N N 379 
VAL H    H N N 380 
VAL H2   H N N 381 
VAL HA   H N N 382 
VAL HB   H N N 383 
VAL HG11 H N N 384 
VAL HG12 H N N 385 
VAL HG13 H N N 386 
VAL HG21 H N N 387 
VAL HG22 H N N 388 
VAL HG23 H N N 389 
VAL HXT  H N N 390 
ZKQ N1   N N N 391 
ZKQ N3   N N N 392 
ZKQ C4   C Y N 393 
ZKQ C5   C Y N 394 
ZKQ C6   C Y N 395 
ZKQ C7   C N N 396 
ZKQ C8   C N N 397 
ZKQ C10  C N N 398 
ZKQ C13  C Y N 399 
ZKQ C15  C Y N 400 
ZKQ C1   C Y N 401 
ZKQ C11  C N N 402 
ZKQ C12  C N N 403 
ZKQ C14  C Y N 404 
ZKQ C16  C Y N 405 
ZKQ C2   C Y N 406 
ZKQ C3   C Y N 407 
ZKQ C9   C N N 408 
ZKQ F1   F N N 409 
ZKQ N2   N N N 410 
ZKQ O1   O N N 411 
ZKQ O2   O N N 412 
ZKQ O3   O Y N 413 
ZKQ H5   H N N 414 
ZKQ H3   H N N 415 
ZKQ H4   H N N 416 
ZKQ H6   H N N 417 
ZKQ H7   H N N 418 
ZKQ H10  H N N 419 
ZKQ H11  H N N 420 
ZKQ H15  H N N 421 
ZKQ H13  H N N 422 
ZKQ H12  H N N 423 
ZKQ H14  H N N 424 
ZKQ H16  H N N 425 
ZKQ H1   H N N 426 
ZKQ H2   H N N 427 
ZKQ H9   H N N 428 
ZKQ H8   H N N 429 
# 
loop_
_chem_comp_bond.comp_id 
_chem_comp_bond.atom_id_1 
_chem_comp_bond.atom_id_2 
_chem_comp_bond.value_order 
_chem_comp_bond.pdbx_aromatic_flag 
_chem_comp_bond.pdbx_stereo_config 
_chem_comp_bond.pdbx_ordinal 
ALA N   CA   sing N N 1   
ALA N   H    sing N N 2   
ALA N   H2   sing N N 3   
ALA CA  C    sing N N 4   
ALA CA  CB   sing N N 5   
ALA CA  HA   sing N N 6   
ALA C   O    doub N N 7   
ALA C   OXT  sing N N 8   
ALA CB  HB1  sing N N 9   
ALA CB  HB2  sing N N 10  
ALA CB  HB3  sing N N 11  
ALA OXT HXT  sing N N 12  
ARG N   CA   sing N N 13  
ARG N   H    sing N N 14  
ARG N   H2   sing N N 15  
ARG CA  C    sing N N 16  
ARG CA  CB   sing N N 17  
ARG CA  HA   sing N N 18  
ARG C   O    doub N N 19  
ARG C   OXT  sing N N 20  
ARG CB  CG   sing N N 21  
ARG CB  HB2  sing N N 22  
ARG CB  HB3  sing N N 23  
ARG CG  CD   sing N N 24  
ARG CG  HG2  sing N N 25  
ARG CG  HG3  sing N N 26  
ARG CD  NE   sing N N 27  
ARG CD  HD2  sing N N 28  
ARG CD  HD3  sing N N 29  
ARG NE  CZ   sing N N 30  
ARG NE  HE   sing N N 31  
ARG CZ  NH1  sing N N 32  
ARG CZ  NH2  doub N N 33  
ARG NH1 HH11 sing N N 34  
ARG NH1 HH12 sing N N 35  
ARG NH2 HH21 sing N N 36  
ARG NH2 HH22 sing N N 37  
ARG OXT HXT  sing N N 38  
ASN N   CA   sing N N 39  
ASN N   H    sing N N 40  
ASN N   H2   sing N N 41  
ASN CA  C    sing N N 42  
ASN CA  CB   sing N N 43  
ASN CA  HA   sing N N 44  
ASN C   O    doub N N 45  
ASN C   OXT  sing N N 46  
ASN CB  CG   sing N N 47  
ASN CB  HB2  sing N N 48  
ASN CB  HB3  sing N N 49  
ASN CG  OD1  doub N N 50  
ASN CG  ND2  sing N N 51  
ASN ND2 HD21 sing N N 52  
ASN ND2 HD22 sing N N 53  
ASN OXT HXT  sing N N 54  
ASP N   CA   sing N N 55  
ASP N   H    sing N N 56  
ASP N   H2   sing N N 57  
ASP CA  C    sing N N 58  
ASP CA  CB   sing N N 59  
ASP CA  HA   sing N N 60  
ASP C   O    doub N N 61  
ASP C   OXT  sing N N 62  
ASP CB  CG   sing N N 63  
ASP CB  HB2  sing N N 64  
ASP CB  HB3  sing N N 65  
ASP CG  OD1  doub N N 66  
ASP CG  OD2  sing N N 67  
ASP OD2 HD2  sing N N 68  
ASP OXT HXT  sing N N 69  
CYS N   CA   sing N N 70  
CYS N   H    sing N N 71  
CYS N   H2   sing N N 72  
CYS CA  C    sing N N 73  
CYS CA  CB   sing N N 74  
CYS CA  HA   sing N N 75  
CYS C   O    doub N N 76  
CYS C   OXT  sing N N 77  
CYS CB  SG   sing N N 78  
CYS CB  HB2  sing N N 79  
CYS CB  HB3  sing N N 80  
CYS SG  HG   sing N N 81  
CYS OXT HXT  sing N N 82  
GLN N   CA   sing N N 83  
GLN N   H    sing N N 84  
GLN N   H2   sing N N 85  
GLN CA  C    sing N N 86  
GLN CA  CB   sing N N 87  
GLN CA  HA   sing N N 88  
GLN C   O    doub N N 89  
GLN C   OXT  sing N N 90  
GLN CB  CG   sing N N 91  
GLN CB  HB2  sing N N 92  
GLN CB  HB3  sing N N 93  
GLN CG  CD   sing N N 94  
GLN CG  HG2  sing N N 95  
GLN CG  HG3  sing N N 96  
GLN CD  OE1  doub N N 97  
GLN CD  NE2  sing N N 98  
GLN NE2 HE21 sing N N 99  
GLN NE2 HE22 sing N N 100 
GLN OXT HXT  sing N N 101 
GLU N   CA   sing N N 102 
GLU N   H    sing N N 103 
GLU N   H2   sing N N 104 
GLU CA  C    sing N N 105 
GLU CA  CB   sing N N 106 
GLU CA  HA   sing N N 107 
GLU C   O    doub N N 108 
GLU C   OXT  sing N N 109 
GLU CB  CG   sing N N 110 
GLU CB  HB2  sing N N 111 
GLU CB  HB3  sing N N 112 
GLU CG  CD   sing N N 113 
GLU CG  HG2  sing N N 114 
GLU CG  HG3  sing N N 115 
GLU CD  OE1  doub N N 116 
GLU CD  OE2  sing N N 117 
GLU OE2 HE2  sing N N 118 
GLU OXT HXT  sing N N 119 
GLY N   CA   sing N N 120 
GLY N   H    sing N N 121 
GLY N   H2   sing N N 122 
GLY CA  C    sing N N 123 
GLY CA  HA2  sing N N 124 
GLY CA  HA3  sing N N 125 
GLY C   O    doub N N 126 
GLY C   OXT  sing N N 127 
GLY OXT HXT  sing N N 128 
HIS N   CA   sing N N 129 
HIS N   H    sing N N 130 
HIS N   H2   sing N N 131 
HIS CA  C    sing N N 132 
HIS CA  CB   sing N N 133 
HIS CA  HA   sing N N 134 
HIS C   O    doub N N 135 
HIS C   OXT  sing N N 136 
HIS CB  CG   sing N N 137 
HIS CB  HB2  sing N N 138 
HIS CB  HB3  sing N N 139 
HIS CG  ND1  sing Y N 140 
HIS CG  CD2  doub Y N 141 
HIS ND1 CE1  doub Y N 142 
HIS ND1 HD1  sing N N 143 
HIS CD2 NE2  sing Y N 144 
HIS CD2 HD2  sing N N 145 
HIS CE1 NE2  sing Y N 146 
HIS CE1 HE1  sing N N 147 
HIS NE2 HE2  sing N N 148 
HIS OXT HXT  sing N N 149 
HOH O   H1   sing N N 150 
HOH O   H2   sing N N 151 
ILE N   CA   sing N N 152 
ILE N   H    sing N N 153 
ILE N   H2   sing N N 154 
ILE CA  C    sing N N 155 
ILE CA  CB   sing N N 156 
ILE CA  HA   sing N N 157 
ILE C   O    doub N N 158 
ILE C   OXT  sing N N 159 
ILE CB  CG1  sing N N 160 
ILE CB  CG2  sing N N 161 
ILE CB  HB   sing N N 162 
ILE CG1 CD1  sing N N 163 
ILE CG1 HG12 sing N N 164 
ILE CG1 HG13 sing N N 165 
ILE CG2 HG21 sing N N 166 
ILE CG2 HG22 sing N N 167 
ILE CG2 HG23 sing N N 168 
ILE CD1 HD11 sing N N 169 
ILE CD1 HD12 sing N N 170 
ILE CD1 HD13 sing N N 171 
ILE OXT HXT  sing N N 172 
LEU N   CA   sing N N 173 
LEU N   H    sing N N 174 
LEU N   H2   sing N N 175 
LEU CA  C    sing N N 176 
LEU CA  CB   sing N N 177 
LEU CA  HA   sing N N 178 
LEU C   O    doub N N 179 
LEU C   OXT  sing N N 180 
LEU CB  CG   sing N N 181 
LEU CB  HB2  sing N N 182 
LEU CB  HB3  sing N N 183 
LEU CG  CD1  sing N N 184 
LEU CG  CD2  sing N N 185 
LEU CG  HG   sing N N 186 
LEU CD1 HD11 sing N N 187 
LEU CD1 HD12 sing N N 188 
LEU CD1 HD13 sing N N 189 
LEU CD2 HD21 sing N N 190 
LEU CD2 HD22 sing N N 191 
LEU CD2 HD23 sing N N 192 
LEU OXT HXT  sing N N 193 
LYS N   CA   sing N N 194 
LYS N   H    sing N N 195 
LYS N   H2   sing N N 196 
LYS CA  C    sing N N 197 
LYS CA  CB   sing N N 198 
LYS CA  HA   sing N N 199 
LYS C   O    doub N N 200 
LYS C   OXT  sing N N 201 
LYS CB  CG   sing N N 202 
LYS CB  HB2  sing N N 203 
LYS CB  HB3  sing N N 204 
LYS CG  CD   sing N N 205 
LYS CG  HG2  sing N N 206 
LYS CG  HG3  sing N N 207 
LYS CD  CE   sing N N 208 
LYS CD  HD2  sing N N 209 
LYS CD  HD3  sing N N 210 
LYS CE  NZ   sing N N 211 
LYS CE  HE2  sing N N 212 
LYS CE  HE3  sing N N 213 
LYS NZ  HZ1  sing N N 214 
LYS NZ  HZ2  sing N N 215 
LYS NZ  HZ3  sing N N 216 
LYS OXT HXT  sing N N 217 
MET N   CA   sing N N 218 
MET N   H    sing N N 219 
MET N   H2   sing N N 220 
MET CA  C    sing N N 221 
MET CA  CB   sing N N 222 
MET CA  HA   sing N N 223 
MET C   O    doub N N 224 
MET C   OXT  sing N N 225 
MET CB  CG   sing N N 226 
MET CB  HB2  sing N N 227 
MET CB  HB3  sing N N 228 
MET CG  SD   sing N N 229 
MET CG  HG2  sing N N 230 
MET CG  HG3  sing N N 231 
MET SD  CE   sing N N 232 
MET CE  HE1  sing N N 233 
MET CE  HE2  sing N N 234 
MET CE  HE3  sing N N 235 
MET OXT HXT  sing N N 236 
PHE N   CA   sing N N 237 
PHE N   H    sing N N 238 
PHE N   H2   sing N N 239 
PHE CA  C    sing N N 240 
PHE CA  CB   sing N N 241 
PHE CA  HA   sing N N 242 
PHE C   O    doub N N 243 
PHE C   OXT  sing N N 244 
PHE CB  CG   sing N N 245 
PHE CB  HB2  sing N N 246 
PHE CB  HB3  sing N N 247 
PHE CG  CD1  doub Y N 248 
PHE CG  CD2  sing Y N 249 
PHE CD1 CE1  sing Y N 250 
PHE CD1 HD1  sing N N 251 
PHE CD2 CE2  doub Y N 252 
PHE CD2 HD2  sing N N 253 
PHE CE1 CZ   doub Y N 254 
PHE CE1 HE1  sing N N 255 
PHE CE2 CZ   sing Y N 256 
PHE CE2 HE2  sing N N 257 
PHE CZ  HZ   sing N N 258 
PHE OXT HXT  sing N N 259 
PRO N   CA   sing N N 260 
PRO N   CD   sing N N 261 
PRO N   H    sing N N 262 
PRO CA  C    sing N N 263 
PRO CA  CB   sing N N 264 
PRO CA  HA   sing N N 265 
PRO C   O    doub N N 266 
PRO C   OXT  sing N N 267 
PRO CB  CG   sing N N 268 
PRO CB  HB2  sing N N 269 
PRO CB  HB3  sing N N 270 
PRO CG  CD   sing N N 271 
PRO CG  HG2  sing N N 272 
PRO CG  HG3  sing N N 273 
PRO CD  HD2  sing N N 274 
PRO CD  HD3  sing N N 275 
PRO OXT HXT  sing N N 276 
SER N   CA   sing N N 277 
SER N   H    sing N N 278 
SER N   H2   sing N N 279 
SER CA  C    sing N N 280 
SER CA  CB   sing N N 281 
SER CA  HA   sing N N 282 
SER C   O    doub N N 283 
SER C   OXT  sing N N 284 
SER CB  OG   sing N N 285 
SER CB  HB2  sing N N 286 
SER CB  HB3  sing N N 287 
SER OG  HG   sing N N 288 
SER OXT HXT  sing N N 289 
THR N   CA   sing N N 290 
THR N   H    sing N N 291 
THR N   H2   sing N N 292 
THR CA  C    sing N N 293 
THR CA  CB   sing N N 294 
THR CA  HA   sing N N 295 
THR C   O    doub N N 296 
THR C   OXT  sing N N 297 
THR CB  OG1  sing N N 298 
THR CB  CG2  sing N N 299 
THR CB  HB   sing N N 300 
THR OG1 HG1  sing N N 301 
THR CG2 HG21 sing N N 302 
THR CG2 HG22 sing N N 303 
THR CG2 HG23 sing N N 304 
THR OXT HXT  sing N N 305 
TRP N   CA   sing N N 306 
TRP N   H    sing N N 307 
TRP N   H2   sing N N 308 
TRP CA  C    sing N N 309 
TRP CA  CB   sing N N 310 
TRP CA  HA   sing N N 311 
TRP C   O    doub N N 312 
TRP C   OXT  sing N N 313 
TRP CB  CG   sing N N 314 
TRP CB  HB2  sing N N 315 
TRP CB  HB3  sing N N 316 
TRP CG  CD1  doub Y N 317 
TRP CG  CD2  sing Y N 318 
TRP CD1 NE1  sing Y N 319 
TRP CD1 HD1  sing N N 320 
TRP CD2 CE2  doub Y N 321 
TRP CD2 CE3  sing Y N 322 
TRP NE1 CE2  sing Y N 323 
TRP NE1 HE1  sing N N 324 
TRP CE2 CZ2  sing Y N 325 
TRP CE3 CZ3  doub Y N 326 
TRP CE3 HE3  sing N N 327 
TRP CZ2 CH2  doub Y N 328 
TRP CZ2 HZ2  sing N N 329 
TRP CZ3 CH2  sing Y N 330 
TRP CZ3 HZ3  sing N N 331 
TRP CH2 HH2  sing N N 332 
TRP OXT HXT  sing N N 333 
TYR N   CA   sing N N 334 
TYR N   H    sing N N 335 
TYR N   H2   sing N N 336 
TYR CA  C    sing N N 337 
TYR CA  CB   sing N N 338 
TYR CA  HA   sing N N 339 
TYR C   O    doub N N 340 
TYR C   OXT  sing N N 341 
TYR CB  CG   sing N N 342 
TYR CB  HB2  sing N N 343 
TYR CB  HB3  sing N N 344 
TYR CG  CD1  doub Y N 345 
TYR CG  CD2  sing Y N 346 
TYR CD1 CE1  sing Y N 347 
TYR CD1 HD1  sing N N 348 
TYR CD2 CE2  doub Y N 349 
TYR CD2 HD2  sing N N 350 
TYR CE1 CZ   doub Y N 351 
TYR CE1 HE1  sing N N 352 
TYR CE2 CZ   sing Y N 353 
TYR CE2 HE2  sing N N 354 
TYR CZ  OH   sing N N 355 
TYR OH  HH   sing N N 356 
TYR OXT HXT  sing N N 357 
VAL N   CA   sing N N 358 
VAL N   H    sing N N 359 
VAL N   H2   sing N N 360 
VAL CA  C    sing N N 361 
VAL CA  CB   sing N N 362 
VAL CA  HA   sing N N 363 
VAL C   O    doub N N 364 
VAL C   OXT  sing N N 365 
VAL CB  CG1  sing N N 366 
VAL CB  CG2  sing N N 367 
VAL CB  HB   sing N N 368 
VAL CG1 HG11 sing N N 369 
VAL CG1 HG12 sing N N 370 
VAL CG1 HG13 sing N N 371 
VAL CG2 HG21 sing N N 372 
VAL CG2 HG22 sing N N 373 
VAL CG2 HG23 sing N N 374 
VAL OXT HXT  sing N N 375 
ZKQ F1  C1   sing N N 376 
ZKQ C1  C2   doub Y N 377 
ZKQ C2  C3   sing Y N 378 
ZKQ C3  C4   doub Y N 379 
ZKQ C4  C5   sing Y N 380 
ZKQ C5  C6   doub Y N 381 
ZKQ C6  N1   sing N N 382 
ZKQ N1  C7   sing N N 383 
ZKQ C7  O1   doub N N 384 
ZKQ C7  N2   sing N N 385 
ZKQ N2  C8   sing N N 386 
ZKQ C8  C9   sing N N 387 
ZKQ C9  N3   sing N N 388 
ZKQ N3  C10  sing N N 389 
ZKQ C10 C11  sing N N 390 
ZKQ N3  C12  sing N N 391 
ZKQ C12 O2   doub N N 392 
ZKQ C12 C13  sing N N 393 
ZKQ C13 C14  doub Y N 394 
ZKQ C14 C15  sing Y N 395 
ZKQ C15 C16  doub Y N 396 
ZKQ C16 O3   sing Y N 397 
ZKQ C1  C6   sing Y N 398 
ZKQ N2  C11  sing N N 399 
ZKQ C13 O3   sing Y N 400 
ZKQ N1  H5   sing N N 401 
ZKQ C4  H3   sing N N 402 
ZKQ C5  H4   sing N N 403 
ZKQ C8  H6   sing N N 404 
ZKQ C8  H7   sing N N 405 
ZKQ C10 H10  sing N N 406 
ZKQ C10 H11  sing N N 407 
ZKQ C15 H15  sing N N 408 
ZKQ C11 H13  sing N N 409 
ZKQ C11 H12  sing N N 410 
ZKQ C14 H14  sing N N 411 
ZKQ C16 H16  sing N N 412 
ZKQ C2  H1   sing N N 413 
ZKQ C3  H2   sing N N 414 
ZKQ C9  H9   sing N N 415 
ZKQ C9  H8   sing N N 416 
# 
_pdbx_audit_support.ordinal                1 
_pdbx_audit_support.funding_organization   'Wellcome Trust' 
_pdbx_audit_support.grant_number           None 
_pdbx_audit_support.country                'United Kingdom' 
# 
_pdbx_deposit_group.group_id            G_1002265 
_pdbx_deposit_group.group_description   
;XDomainX of XOrganismX PHIP screened against predicted false negatives and catalogue compounds by X-ray Crystallography at the XChem facility of Diamond Light Source beamline I04-1
;
_pdbx_deposit_group.group_title         'PanDDA analysis group deposition' 
_pdbx_deposit_group.group_type          'changed state' 
# 
_pdbx_entity_instance_feature.ordinal        1 
_pdbx_entity_instance_feature.comp_id        ZKQ 
_pdbx_entity_instance_feature.asym_id        ? 
_pdbx_entity_instance_feature.seq_num        ? 
_pdbx_entity_instance_feature.auth_comp_id   ZKQ 
_pdbx_entity_instance_feature.auth_asym_id   ? 
_pdbx_entity_instance_feature.auth_seq_num   ? 
_pdbx_entity_instance_feature.feature_type   'SUBJECT OF INVESTIGATION' 
_pdbx_entity_instance_feature.details        ? 
# 
_atom_sites.entry_id                    7FV4 
_atom_sites.fract_transf_matrix[1][1]   -0.00421047 
_atom_sites.fract_transf_matrix[1][2]   -0.01053510 
_atom_sites.fract_transf_matrix[1][3]   0.00500334 
_atom_sites.fract_transf_matrix[2][1]   -0.00931671 
_atom_sites.fract_transf_matrix[2][2]   -0.01212885 
_atom_sites.fract_transf_matrix[2][3]   -0.03337895 
_atom_sites.fract_transf_matrix[3][1]   0.01502522 
_atom_sites.fract_transf_matrix[3][2]   -0.00994746 
_atom_sites.fract_transf_matrix[3][3]   -0.00057924 
_atom_sites.fract_transf_vector[1]      -0.146943 
_atom_sites.fract_transf_vector[2]      0.450423 
_atom_sites.fract_transf_vector[3]      0.217445 
# 
loop_
_atom_type.symbol 
C 
F 
N 
O 
S 
# 
loop_
_atom_site.group_PDB 
_atom_site.id 
_atom_site.type_symbol 
_atom_site.label_atom_id 
_atom_site.label_alt_id 
_atom_site.label_comp_id 
_atom_site.label_asym_id 
_atom_site.label_entity_id 
_atom_site.label_seq_id 
_atom_site.pdbx_PDB_ins_code 
_atom_site.Cartn_x 
_atom_site.Cartn_y 
_atom_site.Cartn_z 
_atom_site.occupancy 
_atom_site.B_iso_or_equiv 
_atom_site.pdbx_formal_charge 
_atom_site.auth_seq_id 
_atom_site.auth_comp_id 
_atom_site.auth_asym_id 
_atom_site.auth_atom_id 
_atom_site.pdbx_PDB_model_num 
ATOM   1    N N   . SER A 1 24  ? -22.058 10.823  1.982   1.00 22.94  ? 1315 SER A N   1 
ATOM   2    C CA  . SER A 1 24  ? -21.541 9.536   1.403   1.00 23.11  ? 1315 SER A CA  1 
ATOM   3    C C   . SER A 1 24  ? -21.076 8.612   2.536   1.00 19.32  ? 1315 SER A C   1 
ATOM   4    O O   . SER A 1 24  ? -19.833 8.465   2.693   1.00 20.35  ? 1315 SER A O   1 
ATOM   5    C CB  . SER A 1 24  ? -20.426 9.819   0.425   1.00 23.84  ? 1315 SER A CB  1 
ATOM   6    O OG  . SER A 1 24  ? -19.178 9.956   1.094   1.00 27.31  ? 1315 SER A OG  1 
ATOM   7    N N   . TYR A 1 25  ? -22.006 8.032   3.317   1.00 16.23  ? 1316 TYR A N   1 
ATOM   8    C CA  . TYR A 1 25  ? -21.688 7.561   4.693   1.00 13.49  ? 1316 TYR A CA  1 
ATOM   9    C C   . TYR A 1 25  ? -21.635 6.022   4.751   1.00 12.50  ? 1316 TYR A C   1 
ATOM   10   O O   . TYR A 1 25  ? -21.875 5.445   5.811   1.00 11.82  ? 1316 TYR A O   1 
ATOM   11   C CB  . TYR A 1 25  ? -22.648 8.160   5.718   1.00 13.16  ? 1316 TYR A CB  1 
ATOM   12   C CG  . TYR A 1 25  ? -22.733 9.674   5.746   1.00 12.38  ? 1316 TYR A CG  1 
ATOM   13   C CD1 . TYR A 1 25  ? -21.632 10.481  6.004   1.00 12.08  ? 1316 TYR A CD1 1 
ATOM   14   C CD2 . TYR A 1 25  ? -23.962 10.295  5.596   1.00 12.49  ? 1316 TYR A CD2 1 
ATOM   15   C CE1 . TYR A 1 25  ? -21.728 11.870  6.023   1.00 12.29  ? 1316 TYR A CE1 1 
ATOM   16   C CE2 . TYR A 1 25  ? -24.082 11.674  5.637   1.00 13.28  ? 1316 TYR A CE2 1 
ATOM   17   C CZ  . TYR A 1 25  ? -22.968 12.457  5.857   1.00 13.21  ? 1316 TYR A CZ  1 
ATOM   18   O OH  . TYR A 1 25  ? -23.091 13.826  5.905   1.00 14.67  ? 1316 TYR A OH  1 
ATOM   19   N N   . ASP A 1 26  ? -21.268 5.382   3.650   1.00 13.05  ? 1317 ASP A N   1 
ATOM   20   C CA  . ASP A 1 26  ? -21.144 3.895   3.631   1.00 12.26  ? 1317 ASP A CA  1 
ATOM   21   C C   . ASP A 1 26  ? -19.836 3.490   4.311   1.00 12.17  ? 1317 ASP A C   1 
ATOM   22   O O   . ASP A 1 26  ? -18.730 3.729   3.765   1.00 12.47  ? 1317 ASP A O   1 
ATOM   23   C CB  . ASP A 1 26  ? -21.212 3.432   2.196   1.00 13.32  ? 1317 ASP A CB  1 
ATOM   24   C CG  . ASP A 1 26  ? -21.128 1.918   1.980   1.00 12.72  ? 1317 ASP A CG  1 
ATOM   25   O OD1 . ASP A 1 26  ? -20.731 1.198   2.888   1.00 13.53  ? 1317 ASP A OD1 1 
ATOM   26   O OD2 . ASP A 1 26  ? -21.574 1.451   0.896   1.00 17.36  ? 1317 ASP A OD2 1 
ATOM   27   N N   . ILE A 1 27  ? -19.946 2.839   5.460   1.00 11.29  ? 1318 ILE A N   1 
ATOM   28   C CA  . ILE A 1 27  ? -18.813 2.395   6.313   1.00 11.40  ? 1318 ILE A CA  1 
ATOM   29   C C   . ILE A 1 27  ? -18.006 1.302   5.600   1.00 11.72  ? 1318 ILE A C   1 
ATOM   30   O O   . ILE A 1 27  ? -16.807 1.164   5.929   1.00 12.54  ? 1318 ILE A O   1 
ATOM   31   C CB  . ILE A 1 27  ? -19.337 1.904   7.682   1.00 11.72  ? 1318 ILE A CB  1 
ATOM   32   C CG1 . ILE A 1 27  ? -20.032 3.026   8.468   1.00 12.36  ? 1318 ILE A CG1 1 
ATOM   33   C CG2 . ILE A 1 27  ? -18.230 1.235   8.507   1.00 12.55  ? 1318 ILE A CG2 1 
ATOM   34   C CD1 . ILE A 1 27  ? -20.916 2.545   9.591   1.00 12.96  ? 1318 ILE A CD1 1 
ATOM   35   N N   . GLN A 1 28  ? -18.621 0.561   4.667   1.00 10.65  ? 1319 GLN A N   1 
ATOM   36   C CA  . GLN A 1 28  ? -17.948 -0.598  4.004   1.00 10.94  ? 1319 GLN A CA  1 
ATOM   37   C C   . GLN A 1 28  ? -17.330 -0.249  2.653   1.00 10.94  ? 1319 GLN A C   1 
ATOM   38   O O   . GLN A 1 28  ? -16.618 -1.101  2.072   1.00 11.32  ? 1319 GLN A O   1 
ATOM   39   C CB  . GLN A 1 28  ? -18.907 -1.796  3.812   1.00 11.89  ? 1319 GLN A CB  1 
ATOM   40   C CG  . GLN A 1 28  ? -19.226 -2.544  5.120   1.00 11.97  ? 1319 GLN A CG  1 
ATOM   41   C CD  . GLN A 1 28  ? -20.406 -2.002  5.922   1.00 10.97  ? 1319 GLN A CD  1 
ATOM   42   O OE1 . GLN A 1 28  ? -21.494 -1.827  5.381   1.00 12.33  ? 1319 GLN A OE1 1 
ATOM   43   N NE2 . GLN A 1 28  ? -20.238 -1.845  7.190   1.00 12.16  ? 1319 GLN A NE2 1 
ATOM   44   N N   . ALA A 1 29  ? -17.572 0.979   2.121   1.00 11.77  ? 1320 ALA A N   1 
ATOM   45   C CA  . ALA A 1 29  ? -17.223 1.323   0.732   1.00 11.30  ? 1320 ALA A CA  1 
ATOM   46   C C   . ALA A 1 29  ? -15.696 1.232   0.460   1.00 10.26  ? 1320 ALA A C   1 
ATOM   47   O O   . ALA A 1 29  ? -15.302 1.002   -0.672  1.00 11.18  ? 1320 ALA A O   1 
ATOM   48   C CB  . ALA A 1 29  ? -17.775 2.691   0.376   1.00 11.81  ? 1320 ALA A CB  1 
ATOM   49   N N   . TRP A 1 30  ? -14.915 1.471   1.487   1.00 10.28  ? 1321 TRP A N   1 
ATOM   50   C CA  . TRP A 1 30  ? -13.444 1.527   1.322   1.00 10.47  ? 1321 TRP A CA  1 
ATOM   51   C C   . TRP A 1 30  ? -12.911 0.226   0.730   1.00 9.92   ? 1321 TRP A C   1 
ATOM   52   O O   . TRP A 1 30  ? -11.874 0.257   0.074   1.00 10.39  ? 1321 TRP A O   1 
ATOM   53   C CB  . TRP A 1 30  ? -12.761 1.790   2.678   1.00 11.62  ? 1321 TRP A CB  1 
ATOM   54   C CG  . TRP A 1 30  ? -12.985 0.673   3.673   1.00 10.98  ? 1321 TRP A CG  1 
ATOM   55   C CD1 . TRP A 1 30  ? -14.040 0.519   4.514   1.00 11.67  ? 1321 TRP A CD1 1 
ATOM   56   C CD2 . TRP A 1 30  ? -12.144 -0.490  3.895   1.00 10.41  ? 1321 TRP A CD2 1 
ATOM   57   N NE1 . TRP A 1 30  ? -13.945 -0.658  5.239   1.00 11.33  ? 1321 TRP A NE1 1 
ATOM   58   C CE2 . TRP A 1 30  ? -12.777 -1.250  4.893   1.00 10.96  ? 1321 TRP A CE2 1 
ATOM   59   C CE3 . TRP A 1 30  ? -10.894 -0.928  3.458   1.00 11.12  ? 1321 TRP A CE3 1 
ATOM   60   C CZ2 . TRP A 1 30  ? -12.239 -2.440  5.406   1.00 12.56  ? 1321 TRP A CZ2 1 
ATOM   61   C CZ3 . TRP A 1 30  ? -10.362 -2.103  3.955   1.00 12.51  ? 1321 TRP A CZ3 1 
ATOM   62   C CH2 . TRP A 1 30  ? -11.047 -2.852  4.900   1.00 13.15  ? 1321 TRP A CH2 1 
ATOM   63   N N   . LYS A 1 31  ? -13.571 -0.925  0.979   1.00 10.67  ? 1322 LYS A N   1 
ATOM   64   C CA  . LYS A 1 31  ? -12.951 -2.221  0.597   1.00 10.79  ? 1322 LYS A CA  1 
ATOM   65   C C   . LYS A 1 31  ? -12.872 -2.344  -0.929  1.00 10.93  ? 1322 LYS A C   1 
ATOM   66   O O   . LYS A 1 31  ? -11.796 -2.610  -1.495  1.00 11.34  ? 1322 LYS A O   1 
ATOM   67   C CB  . LYS A 1 31  ? -13.655 -3.357  1.328   1.00 11.46  ? 1322 LYS A CB  1 
ATOM   68   C CG  . LYS A 1 31  ? -13.069 -4.720  0.957   1.00 12.09  ? 1322 LYS A CG  1 
ATOM   69   C CD  . LYS A 1 31  ? -13.683 -5.828  1.751   1.00 12.82  ? 1322 LYS A CD  1 
ATOM   70   C CE  . LYS A 1 31  ? -13.093 -7.200  1.477   1.00 13.18  ? 1322 LYS A CE  1 
ATOM   71   N NZ  . LYS A 1 31  ? -13.707 -8.181  2.427   1.00 13.74  ? 1322 LYS A NZ  1 
ATOM   72   N N   . LYS A 1 32  ? -13.984 -2.101  -1.601  1.00 11.77  ? 1323 LYS A N   1 
ATOM   73   C CA  . LYS A 1 32  ? -13.970 -2.155  -3.067  1.00 12.43  ? 1323 LYS A CA  1 
ATOM   74   C C   . LYS A 1 32  ? -13.120 -1.015  -3.667  1.00 11.50  ? 1323 LYS A C   1 
ATOM   75   O O   . LYS A 1 32  ? -12.460 -1.230  -4.680  1.00 12.35  ? 1323 LYS A O   1 
ATOM   76   C CB  . LYS A 1 32  ? -15.396 -2.070  -3.641  1.00 15.70  ? 1323 LYS A CB  1 
ATOM   77   C CG  . LYS A 1 32  ? -15.482 -2.161  -5.140  1.00 22.94  ? 1323 LYS A CG  1 
ATOM   78   C CD  . LYS A 1 32  ? -16.802 -2.693  -5.779  1.00 28.41  ? 1323 LYS A CD  1 
ATOM   79   C CE  . LYS A 1 32  ? -16.495 -3.366  -7.121  1.00 35.83  ? 1323 LYS A CE  1 
ATOM   80   N NZ  . LYS A 1 32  ? -17.695 -3.754  -7.899  1.00 39.01  ? 1323 LYS A NZ  1 
ATOM   81   N N   . GLN A 1 33  ? -13.119 0.138   -3.013  1.00 11.32  ? 1324 GLN A N   1 
ATOM   82   C CA  . GLN A 1 33  ? -12.254 1.246   -3.489  1.00 11.62  ? 1324 GLN A CA  1 
ATOM   83   C C   . GLN A 1 33  ? -10.781 0.813   -3.413  1.00 11.43  ? 1324 GLN A C   1 
ATOM   84   O O   . GLN A 1 33  ? -10.009 1.113   -4.318  1.00 11.98  ? 1324 GLN A O   1 
ATOM   85   C CB  . GLN A 1 33  ? -12.480 2.501   -2.677  1.00 12.22  ? 1324 GLN A CB  1 
ATOM   86   C CG  . GLN A 1 33  ? -13.858 3.110   -2.892  1.00 12.29  ? 1324 GLN A CG  1 
ATOM   87   C CD  . GLN A 1 33  ? -14.283 4.086   -1.856  1.00 13.16  ? 1324 GLN A CD  1 
ATOM   88   O OE1 . GLN A 1 33  ? -13.641 4.336   -0.841  1.00 15.14  ? 1324 GLN A OE1 1 
ATOM   89   N NE2 . GLN A 1 33  ? -15.508 4.599   -2.031  1.00 15.55  ? 1324 GLN A NE2 1 
ATOM   90   N N   . CYS A 1 34  ? -10.394 0.107   -2.346  1.00 11.03  ? 1325 CYS A N   1 
ATOM   91   C CA  . CYS A 1 34  ? -9.005  -0.387  -2.231  1.00 10.70  ? 1325 CYS A CA  1 
ATOM   92   C C   . CYS A 1 34  ? -8.739  -1.498  -3.235  1.00 10.73  ? 1325 CYS A C   1 
ATOM   93   O O   . CYS A 1 34  ? -7.628  -1.547  -3.819  1.00 11.39  ? 1325 CYS A O   1 
ATOM   94   C CB  . CYS A 1 34  ? -8.702  -0.831  -0.812  1.00 10.09  ? 1325 CYS A CB  1 
ATOM   95   S SG  . CYS A 1 34  ? -8.541  0.524   0.389   1.00 11.74  ? 1325 CYS A SG  1 
ATOM   96   N N   . GLU A 1 35  ? -9.706  -2.357  -3.492  1.00 11.73  ? 1326 GLU A N   1 
ATOM   97   C CA  . GLU A 1 35  ? -9.516  -3.399  -4.549  1.00 12.20  ? 1326 GLU A CA  1 
ATOM   98   C C   . GLU A 1 35  ? -9.251  -2.724  -5.899  1.00 12.20  ? 1326 GLU A C   1 
ATOM   99   O O   . GLU A 1 35  ? -8.341  -3.167  -6.620  1.00 13.44  ? 1326 GLU A O   1 
ATOM   100  C CB  . GLU A 1 35  ? -10.776 -4.277  -4.635  1.00 14.37  ? 1326 GLU A CB  1 
ATOM   101  C CG  . GLU A 1 35  ? -11.062 -5.183  -3.469  1.00 17.37  ? 1326 GLU A CG  1 
ATOM   102  C CD  . GLU A 1 35  ? -12.433 -5.854  -3.471  1.00 21.11  ? 1326 GLU A CD  1 
ATOM   103  O OE1 . GLU A 1 35  ? -13.268 -5.569  -4.363  1.00 25.28  ? 1326 GLU A OE1 1 
ATOM   104  O OE2 . GLU A 1 35  ? -12.695 -6.598  -2.499  1.00 23.43  ? 1326 GLU A OE2 1 
ATOM   105  N N   . GLU A 1 36  ? -10.000 -1.708  -6.267  1.00 13.02  ? 1327 GLU A N   1 
ATOM   106  C CA  . GLU A 1 36  ? -9.839  -1.008  -7.554  1.00 14.04  ? 1327 GLU A CA  1 
ATOM   107  C C   . GLU A 1 36  ? -8.476  -0.329  -7.580  1.00 12.52  ? 1327 GLU A C   1 
ATOM   108  O O   . GLU A 1 36  ? -7.816  -0.337  -8.631  1.00 13.87  ? 1327 GLU A O   1 
ATOM   109  C CB  . GLU A 1 36  ? -11.035 -0.065  -7.715  1.00 16.90  ? 1327 GLU A CB  1 
ATOM   110  C CG  . GLU A 1 36  ? -12.333 -0.845  -7.954  1.00 23.06  ? 1327 GLU A CG  1 
ATOM   111  C CD  . GLU A 1 36  ? -13.637 -0.050  -7.980  1.00 32.63  ? 1327 GLU A CD  1 
ATOM   112  O OE1 . GLU A 1 36  ? -13.592 1.215   -8.072  1.00 40.35  ? 1327 GLU A OE1 1 
ATOM   113  O OE2 . GLU A 1 36  ? -14.711 -0.702  -7.902  1.00 41.67  ? 1327 GLU A OE2 1 
ATOM   114  N N   . LEU A 1 37  ? -8.071  0.312   -6.484  1.00 12.61  ? 1328 LEU A N   1 
ATOM   115  C CA  . LEU A 1 37  ? -6.768  1.004   -6.471  1.00 11.64  ? 1328 LEU A CA  1 
ATOM   116  C C   . LEU A 1 37  ? -5.641  -0.040  -6.615  1.00 11.64  ? 1328 LEU A C   1 
ATOM   117  O O   . LEU A 1 37  ? -4.643  0.208   -7.354  1.00 12.12  ? 1328 LEU A O   1 
ATOM   118  C CB  . LEU A 1 37  ? -6.639  1.863   -5.228  1.00 12.92  ? 1328 LEU A CB  1 
ATOM   119  C CG  . LEU A 1 37  ? -5.297  2.555   -5.011  1.00 11.97  ? 1328 LEU A CG  1 
ATOM   120  C CD1 . LEU A 1 37  ? -4.862  3.399   -6.225  1.00 13.21  ? 1328 LEU A CD1 1 
ATOM   121  C CD2 . LEU A 1 37  ? -5.362  3.388   -3.786  1.00 13.94  ? 1328 LEU A CD2 1 
ATOM   122  N N   . LEU A 1 38  ? -5.745  -1.189  -5.950  1.00 11.51  ? 1329 LEU A N   1 
ATOM   123  C CA  . LEU A 1 38  ? -4.730  -2.230  -6.153  1.00 11.77  ? 1329 LEU A CA  1 
ATOM   124  C C   . LEU A 1 38  ? -4.703  -2.700  -7.608  1.00 13.10  ? 1329 LEU A C   1 
ATOM   125  O O   . LEU A 1 38  ? -3.596  -2.952  -8.169  1.00 13.85  ? 1329 LEU A O   1 
ATOM   126  C CB  . LEU A 1 38  ? -5.002  -3.401  -5.198  1.00 12.48  ? 1329 LEU A CB  1 
ATOM   127  C CG  . LEU A 1 38  ? -4.705  -3.103  -3.728  1.00 12.12  ? 1329 LEU A CG  1 
ATOM   128  C CD1 . LEU A 1 38  ? -5.295  -4.206  -2.838  1.00 14.46  ? 1329 LEU A CD1 1 
ATOM   129  C CD2 . LEU A 1 38  ? -3.204  -2.968  -3.478  1.00 14.67  ? 1329 LEU A CD2 1 
ATOM   130  N N   . ASN A 1 39  ? -5.847  -2.820  -8.231  1.00 14.39  ? 1330 ASN A N   1 
ATOM   131  C CA  . ASN A 1 39  ? -5.865  -3.157  -9.686  1.00 17.10  ? 1330 ASN A CA  1 
ATOM   132  C C   . ASN A 1 39  ? -5.071  -2.105  -10.475 1.00 14.28  ? 1330 ASN A C   1 
ATOM   133  O O   . ASN A 1 39  ? -4.242  -2.479  -11.375 1.00 16.50  ? 1330 ASN A O   1 
ATOM   134  C CB  . ASN A 1 39  ? -7.307  -3.283  -10.199 1.00 19.34  ? 1330 ASN A CB  1 
ATOM   135  C CG  . ASN A 1 39  ? -8.002  -4.550  -9.752  1.00 22.13  ? 1330 ASN A CG  1 
ATOM   136  O OD1 . ASN A 1 39  ? -7.369  -5.505  -9.342  1.00 24.75  ? 1330 ASN A OD1 1 
ATOM   137  N ND2 . ASN A 1 39  ? -9.322  -4.594  -9.821  1.00 24.62  ? 1330 ASN A ND2 1 
ATOM   138  N N   . LEU A 1 40  ? -5.285  -0.842  -10.240 1.00 14.05  ? 1331 LEU A N   1 
ATOM   139  C CA  . LEU A 1 40  ? -4.543  0.216   -10.962 1.00 15.18  ? 1331 LEU A CA  1 
ATOM   140  C C   . LEU A 1 40  ? -3.046  0.094   -10.664 1.00 14.36  ? 1331 LEU A C   1 
ATOM   141  O O   . LEU A 1 40  ? -2.211  0.188   -11.602 1.00 16.10  ? 1331 LEU A O   1 
ATOM   142  C CB  . LEU A 1 40  ? -5.053  1.573   -10.524 1.00 14.36  ? 1331 LEU A CB  1 
ATOM   143  C CG  . LEU A 1 40  ? -6.447  1.989   -10.992 1.00 15.17  ? 1331 LEU A CG  1 
ATOM   144  C CD1 . LEU A 1 40  ? -6.854  3.301   -10.384 1.00 18.35  ? 1331 LEU A CD1 1 
ATOM   145  C CD2 . LEU A 1 40  ? -6.536  1.997   -12.537 1.00 18.98  ? 1331 LEU A CD2 1 
ATOM   146  N N   . ILE A 1 41  ? -2.665  -0.197  -9.421  1.00 12.61  ? 1332 ILE A N   1 
ATOM   147  C CA  . ILE A 1 41  ? -1.240  -0.368  -9.045  1.00 12.21  ? 1332 ILE A CA  1 
ATOM   148  C C   . ILE A 1 41  ? -0.630  -1.543  -9.824  1.00 12.72  ? 1332 ILE A C   1 
ATOM   149  O O   . ILE A 1 41  ? 0.503   -1.393  -10.370 1.00 12.80  ? 1332 ILE A O   1 
ATOM   150  C CB  . ILE A 1 41  ? -1.103  -0.487  -7.512  1.00 12.46  ? 1332 ILE A CB  1 
ATOM   151  C CG1 . ILE A 1 41  ? -1.388  0.881   -6.871  1.00 13.64  ? 1332 ILE A CG1 1 
ATOM   152  C CG2 . ILE A 1 41  ? 0.281   -1.037  -7.122  1.00 11.68  ? 1332 ILE A CG2 1 
ATOM   153  C CD1 . ILE A 1 41  ? -1.500  0.886   -5.401  1.00 15.65  ? 1332 ILE A CD1 1 
ATOM   154  N N   . PHE A 1 42  ? -1.338  -2.654  -9.928  1.00 14.43  ? 1333 PHE A N   1 
ATOM   155  C CA  . PHE A 1 42  ? -0.850  -3.833  -10.699 1.00 16.81  ? 1333 PHE A CA  1 
ATOM   156  C C   . PHE A 1 42  ? -0.690  -3.481  -12.202 1.00 17.95  ? 1333 PHE A C   1 
ATOM   157  O O   . PHE A 1 42  ? 0.320   -3.994  -12.782 1.00 22.98  ? 1333 PHE A O   1 
ATOM   158  C CB  . PHE A 1 42  ? -1.725  -5.057  -10.375 1.00 16.38  ? 1333 PHE A CB  1 
ATOM   159  C CG  . PHE A 1 42  ? -1.302  -5.829  -9.140  1.00 16.83  ? 1333 PHE A CG  1 
ATOM   160  C CD1 . PHE A 1 42  ? -0.403  -6.887  -9.241  1.00 18.54  ? 1333 PHE A CD1 1 
ATOM   161  C CD2 . PHE A 1 42  ? -1.802  -5.515  -7.878  1.00 17.99  ? 1333 PHE A CD2 1 
ATOM   162  C CE1 . PHE A 1 42  ? -0.035  -7.623  -8.116  1.00 19.67  ? 1333 PHE A CE1 1 
ATOM   163  C CE2 . PHE A 1 42  ? -1.416  -6.242  -6.759  1.00 17.94  ? 1333 PHE A CE2 1 
ATOM   164  C CZ  . PHE A 1 42  ? -0.508  -7.271  -6.871  1.00 18.67  ? 1333 PHE A CZ  1 
ATOM   165  N N   . GLN A 1 43  ? -1.452  -2.528  -12.773 1.00 17.53  ? 1334 GLN A N   1 
ATOM   166  C CA  . GLN A 1 43  ? -1.296  -2.060  -14.206 1.00 17.45  ? 1334 GLN A CA  1 
ATOM   167  C C   . GLN A 1 43  ? -0.089  -1.131  -14.390 1.00 18.45  ? 1334 GLN A C   1 
ATOM   168  O O   . GLN A 1 43  ? 0.434   -0.992  -15.518 1.00 20.95  ? 1334 GLN A O   1 
ATOM   169  C CB  . GLN A 1 43  ? -2.588  -1.367  -14.663 1.00 18.25  ? 1334 GLN A CB  1 
ATOM   170  C CG  . GLN A 1 43  ? -3.784  -2.294  -14.731 1.00 22.73  ? 1334 GLN A CG  1 
ATOM   171  N N   A CYS A 1 44  ? 0.354   -0.491  -13.314 0.30 16.94  ? 1335 CYS A N   1 
ATOM   172  N N   B CYS A 1 44  ? 0.350   -0.461  -13.325 0.29 17.41  ? 1335 CYS A N   1 
ATOM   173  C CA  A CYS A 1 44  ? 1.519   0.423   -13.323 0.30 16.38  ? 1335 CYS A CA  1 
ATOM   174  C CA  B CYS A 1 44  ? 1.485   0.501   -13.352 0.29 17.01  ? 1335 CYS A CA  1 
ATOM   175  C C   A CYS A 1 44  ? 2.787   -0.406  -13.572 0.30 16.05  ? 1335 CYS A C   1 
ATOM   176  C C   B CYS A 1 44  ? 2.794   -0.290  -13.523 0.29 16.38  ? 1335 CYS A C   1 
ATOM   177  O O   A CYS A 1 44  ? 3.026   -1.409  -12.849 0.30 14.92  ? 1335 CYS A O   1 
ATOM   178  O O   B CYS A 1 44  ? 3.079   -1.138  -12.681 0.29 14.45  ? 1335 CYS A O   1 
ATOM   179  C CB  A CYS A 1 44  ? 1.639   1.225   -12.029 0.30 15.62  ? 1335 CYS A CB  1 
ATOM   180  C CB  B CYS A 1 44  ? 1.549   1.356   -12.085 0.29 16.97  ? 1335 CYS A CB  1 
ATOM   181  S SG  A CYS A 1 44  ? 0.310   2.440   -11.862 0.30 16.29  ? 1335 CYS A SG  1 
ATOM   182  S SG  B CYS A 1 44  ? 2.631   2.801   -12.244 0.29 19.65  ? 1335 CYS A SG  1 
ATOM   183  N N   . GLU A 1 45  ? 3.599   -0.009  -14.557 1.00 16.29  ? 1336 GLU A N   1 
ATOM   184  C CA  . GLU A 1 45  ? 4.922   -0.659  -14.710 1.00 15.24  ? 1336 GLU A CA  1 
ATOM   185  C C   . GLU A 1 45  ? 5.805   -0.463  -13.463 1.00 14.18  ? 1336 GLU A C   1 
ATOM   186  O O   . GLU A 1 45  ? 6.605   -1.346  -13.111 1.00 14.69  ? 1336 GLU A O   1 
ATOM   187  C CB  . GLU A 1 45  ? 5.627   -0.137  -15.950 1.00 15.79  ? 1336 GLU A CB  1 
ATOM   188  C CG  . GLU A 1 45  ? 4.981   -0.635  -17.229 1.00 19.57  ? 1336 GLU A CG  1 
ATOM   189  C CD  . GLU A 1 45  ? 5.582   -0.115  -18.517 1.00 22.02  ? 1336 GLU A CD  1 
ATOM   190  O OE1 . GLU A 1 45  ? 6.599   0.595   -18.467 1.00 22.65  ? 1336 GLU A OE1 1 
ATOM   191  O OE2 . GLU A 1 45  ? 5.020   -0.476  -19.576 1.00 25.66  ? 1336 GLU A OE2 1 
ATOM   192  N N   . ASP A 1 46  ? 5.599   0.651   -12.775 1.00 13.03  ? 1337 ASP A N   1 
ATOM   193  C CA  . ASP A 1 46  ? 6.398   0.983   -11.569 1.00 12.97  ? 1337 ASP A CA  1 
ATOM   194  C C   . ASP A 1 46  ? 6.133   0.017   -10.404 1.00 12.40  ? 1337 ASP A C   1 
ATOM   195  O O   . ASP A 1 46  ? 6.901   0.120   -9.421  1.00 12.10  ? 1337 ASP A O   1 
ATOM   196  C CB  . ASP A 1 46  ? 6.158   2.424   -11.140 1.00 13.79  ? 1337 ASP A CB  1 
ATOM   197  C CG  . ASP A 1 46  ? 6.868   3.438   -12.027 1.00 14.44  ? 1337 ASP A CG  1 
ATOM   198  O OD1 . ASP A 1 46  ? 7.727   3.000   -12.845 1.00 16.13  ? 1337 ASP A OD1 1 
ATOM   199  O OD2 . ASP A 1 46  ? 6.626   4.646   -11.845 1.00 13.55  ? 1337 ASP A OD2 1 
ATOM   200  N N   . SER A 1 47  ? 5.112   -0.844  -10.448 1.00 12.00  ? 1338 SER A N   1 
ATOM   201  C CA  . SER A 1 47  ? 4.844   -1.778  -9.329  1.00 12.38  ? 1338 SER A CA  1 
ATOM   202  C C   . SER A 1 47  ? 5.549   -3.130  -9.473  1.00 12.99  ? 1338 SER A C   1 
ATOM   203  O O   . SER A 1 47  ? 5.537   -3.890  -8.504  1.00 13.56  ? 1338 SER A O   1 
ATOM   204  C CB  . SER A 1 47  ? 3.367   -1.961  -9.144  1.00 12.04  ? 1338 SER A CB  1 
ATOM   205  O OG  . SER A 1 47  ? 2.747   -2.590  -10.272 1.00 12.12  ? 1338 SER A OG  1 
ATOM   206  N N   . GLU A 1 48  ? 6.114   -3.458  -10.637 1.00 13.56  ? 1339 GLU A N   1 
ATOM   207  C CA  . GLU A 1 48  ? 6.538   -4.861  -10.882 1.00 14.97  ? 1339 GLU A CA  1 
ATOM   208  C C   . GLU A 1 48  ? 7.497   -5.357  -9.794  1.00 13.00  ? 1339 GLU A C   1 
ATOM   209  O O   . GLU A 1 48  ? 7.355   -6.492  -9.327  1.00 13.07  ? 1339 GLU A O   1 
ATOM   210  C CB  . GLU A 1 48  ? 7.070   -5.042  -12.303 1.00 17.25  ? 1339 GLU A CB  1 
ATOM   211  C CG  . GLU A 1 48  ? 7.713   -6.396  -12.529 1.00 20.88  ? 1339 GLU A CG  1 
ATOM   212  C CD  . GLU A 1 48  ? 9.212   -6.420  -12.283 1.00 24.35  ? 1339 GLU A CD  1 
ATOM   213  O OE1 . GLU A 1 48  ? 9.767   -5.408  -11.796 1.00 29.89  ? 1339 GLU A OE1 1 
ATOM   214  O OE2 . GLU A 1 48  ? 9.832   -7.457  -12.601 1.00 31.09  ? 1339 GLU A OE2 1 
ATOM   215  N N   . PRO A 1 49  ? 8.483   -4.569  -9.287  1.00 11.92  ? 1340 PRO A N   1 
ATOM   216  C CA  . PRO A 1 49  ? 9.395   -5.079  -8.254  1.00 11.54  ? 1340 PRO A CA  1 
ATOM   217  C C   . PRO A 1 49  ? 8.739   -5.373  -6.897  1.00 11.28  ? 1340 PRO A C   1 
ATOM   218  O O   . PRO A 1 49  ? 9.347   -6.065  -6.073  1.00 11.21  ? 1340 PRO A O   1 
ATOM   219  C CB  . PRO A 1 49  ? 10.410  -3.947  -8.057  1.00 12.17  ? 1340 PRO A CB  1 
ATOM   220  C CG  . PRO A 1 49  ? 10.308  -3.137  -9.324  1.00 12.79  ? 1340 PRO A CG  1 
ATOM   221  C CD  . PRO A 1 49  ? 8.847   -3.206  -9.695  1.00 12.41  ? 1340 PRO A CD  1 
ATOM   222  N N   . PHE A 1 50  ? 7.511   -4.891  -6.717  1.00 11.24  ? 1341 PHE A N   1 
ATOM   223  C CA  . PHE A 1 50  ? 6.767   -4.893  -5.431  1.00 11.26  ? 1341 PHE A CA  1 
ATOM   224  C C   . PHE A 1 50  ? 5.530   -5.795  -5.488  1.00 12.39  ? 1341 PHE A C   1 
ATOM   225  O O   . PHE A 1 50  ? 4.676   -5.707  -4.610  1.00 12.07  ? 1341 PHE A O   1 
ATOM   226  C CB  . PHE A 1 50  ? 6.397   -3.445  -5.079  1.00 11.09  ? 1341 PHE A CB  1 
ATOM   227  C CG  . PHE A 1 50  ? 7.580   -2.510  -5.156  1.00 10.34  ? 1341 PHE A CG  1 
ATOM   228  C CD1 . PHE A 1 50  ? 8.651   -2.675  -4.287  1.00 11.19  ? 1341 PHE A CD1 1 
ATOM   229  C CD2 . PHE A 1 50  ? 7.659   -1.520  -6.125  1.00 11.14  ? 1341 PHE A CD2 1 
ATOM   230  C CE1 . PHE A 1 50  ? 9.773   -1.875  -4.393  1.00 11.17  ? 1341 PHE A CE1 1 
ATOM   231  C CE2 . PHE A 1 50  ? 8.771   -0.711  -6.219  1.00 11.32  ? 1341 PHE A CE2 1 
ATOM   232  C CZ  . PHE A 1 50  ? 9.817   -0.871  -5.341  1.00 10.99  ? 1341 PHE A CZ  1 
ATOM   233  N N   . ARG A 1 51  ? 5.416   -6.669  -6.476  1.00 12.93  ? 1342 ARG A N   1 
ATOM   234  C CA  . ARG A 1 51  ? 4.171   -7.460  -6.654  1.00 13.95  ? 1342 ARG A CA  1 
ATOM   235  C C   . ARG A 1 51  ? 4.262   -8.817  -5.989  1.00 15.50  ? 1342 ARG A C   1 
ATOM   236  O O   . ARG A 1 51  ? 3.223   -9.522  -6.021  1.00 17.44  ? 1342 ARG A O   1 
ATOM   237  C CB  . ARG A 1 51  ? 3.886   -7.744  -8.127  1.00 14.05  ? 1342 ARG A CB  1 
ATOM   238  C CG  . ARG A 1 51  ? 3.350   -6.526  -8.853  1.00 13.84  ? 1342 ARG A CG  1 
ATOM   239  C CD  . ARG A 1 51  ? 3.251   -6.808  -10.333 1.00 13.70  ? 1342 ARG A CD  1 
ATOM   240  N NE  . ARG A 1 51  ? 3.171   -5.581  -11.107 1.00 14.58  ? 1342 ARG A NE  1 
ATOM   241  C CZ  . ARG A 1 51  ? 3.379   -5.481  -12.415 1.00 16.09  ? 1342 ARG A CZ  1 
ATOM   242  N NH1 . ARG A 1 51  ? 3.669   -6.546  -13.148 1.00 17.73  ? 1342 ARG A NH1 1 
ATOM   243  N NH2 . ARG A 1 51  ? 3.284   -4.301  -12.991 1.00 15.32  ? 1342 ARG A NH2 1 
ATOM   244  N N   . GLN A 1 52  ? 5.454   -9.217  -5.540  1.00 16.08  ? 1343 GLN A N   1 
ATOM   245  C CA  . GLN A 1 52  ? 5.703   -10.543 -4.937  1.00 19.44  ? 1343 GLN A CA  1 
ATOM   246  C C   . GLN A 1 52  ? 6.725   -10.346 -3.833  1.00 20.57  ? 1343 GLN A C   1 
ATOM   247  O O   . GLN A 1 52  ? 7.580   -9.467  -3.945  1.00 20.65  ? 1343 GLN A O   1 
ATOM   248  C CB  . GLN A 1 52  ? 6.197   -11.548 -5.986  1.00 20.77  ? 1343 GLN A CB  1 
ATOM   249  C CG  . GLN A 1 52  ? 5.159   -11.929 -7.034  1.00 24.59  ? 1343 GLN A CG  1 
ATOM   250  C CD  . GLN A 1 52  ? 4.041   -12.807 -6.517  1.00 25.84  ? 1343 GLN A CD  1 
ATOM   251  O OE1 . GLN A 1 52  ? 4.150   -14.033 -6.479  1.00 31.41  ? 1343 GLN A OE1 1 
ATOM   252  N NE2 . GLN A 1 52  ? 2.925   -12.190 -6.145  1.00 27.47  ? 1343 GLN A NE2 1 
ATOM   253  N N   . PRO A 1 53  ? 6.662   -11.148 -2.746  1.00 23.10  ? 1344 PRO A N   1 
ATOM   254  C CA  . PRO A 1 53  ? 7.647   -11.046 -1.676  1.00 24.00  ? 1344 PRO A CA  1 
ATOM   255  C C   . PRO A 1 53  ? 9.045   -11.116 -2.299  1.00 25.10  ? 1344 PRO A C   1 
ATOM   256  O O   . PRO A 1 53  ? 9.235   -11.910 -3.210  1.00 28.39  ? 1344 PRO A O   1 
ATOM   257  C CB  . PRO A 1 53  ? 7.348   -12.242 -0.762  1.00 22.78  ? 1344 PRO A CB  1 
ATOM   258  C CG  . PRO A 1 53  ? 5.906   -12.590 -1.054  1.00 23.12  ? 1344 PRO A CG  1 
ATOM   259  C CD  . PRO A 1 53  ? 5.670   -12.206 -2.499  1.00 22.66  ? 1344 PRO A CD  1 
ATOM   260  N N   . VAL A 1 54  ? 9.959   -10.256 -1.847  1.00 25.42  ? 1345 VAL A N   1 
ATOM   261  C CA  . VAL A 1 54  ? 11.371  -10.208 -2.327  1.00 25.37  ? 1345 VAL A CA  1 
ATOM   262  C C   . VAL A 1 54  ? 11.977  -11.612 -2.230  1.00 26.74  ? 1345 VAL A C   1 
ATOM   263  O O   . VAL A 1 54  ? 11.621  -12.371 -1.294  1.00 25.38  ? 1345 VAL A O   1 
ATOM   264  C CB  . VAL A 1 54  ? 12.211  -9.173  -1.552  1.00 25.43  ? 1345 VAL A CB  1 
ATOM   265  C CG1 . VAL A 1 54  ? 13.707  -9.340  -1.801  1.00 24.52  ? 1345 VAL A CG1 1 
ATOM   266  C CG2 . VAL A 1 54  ? 11.776  -7.757  -1.884  1.00 25.70  ? 1345 VAL A CG2 1 
ATOM   267  N N   . ASP A 1 55  ? 12.863  -11.926 -3.180  1.00 27.24  ? 1346 ASP A N   1 
ATOM   268  C CA  . ASP A 1 55  ? 13.620  -13.198 -3.286  1.00 30.06  ? 1346 ASP A CA  1 
ATOM   269  C C   . ASP A 1 55  ? 14.985  -13.011 -2.612  1.00 30.56  ? 1346 ASP A C   1 
ATOM   270  O O   . ASP A 1 55  ? 15.725  -12.095 -3.013  1.00 30.35  ? 1346 ASP A O   1 
ATOM   271  C CB  . ASP A 1 55  ? 13.763  -13.612 -4.754  1.00 30.58  ? 1346 ASP A CB  1 
ATOM   272  C CG  . ASP A 1 55  ? 14.257  -15.033 -4.965  1.00 31.29  ? 1346 ASP A CG  1 
ATOM   273  O OD1 . ASP A 1 55  ? 14.594  -15.697 -3.964  1.00 32.11  ? 1346 ASP A OD1 1 
ATOM   274  O OD2 . ASP A 1 55  ? 14.302  -15.461 -6.136  1.00 34.10  ? 1346 ASP A OD2 1 
ATOM   275  N N   . LEU A 1 56  ? 15.313  -13.874 -1.650  1.00 33.67  ? 1347 LEU A N   1 
ATOM   276  C CA  . LEU A 1 56  ? 16.573  -13.795 -0.866  1.00 35.58  ? 1347 LEU A CA  1 
ATOM   277  C C   . LEU A 1 56  ? 17.741  -14.341 -1.700  1.00 34.93  ? 1347 LEU A C   1 
ATOM   278  O O   . LEU A 1 56  ? 18.884  -13.942 -1.430  1.00 35.20  ? 1347 LEU A O   1 
ATOM   279  C CB  . LEU A 1 56  ? 16.390  -14.560 0.448   1.00 35.33  ? 1347 LEU A CB  1 
ATOM   280  C CG  . LEU A 1 56  ? 15.234  -14.073 1.328   1.00 37.44  ? 1347 LEU A CG  1 
ATOM   281  C CD1 . LEU A 1 56  ? 15.214  -14.806 2.660   1.00 38.57  ? 1347 LEU A CD1 1 
ATOM   282  C CD2 . LEU A 1 56  ? 15.300  -12.569 1.559   1.00 39.16  ? 1347 LEU A CD2 1 
ATOM   283  N N   . LEU A 1 57  ? 17.468  -15.184 -2.701  1.00 38.59  ? 1348 LEU A N   1 
ATOM   284  C CA  . LEU A 1 57  ? 18.518  -15.820 -3.544  1.00 40.89  ? 1348 LEU A CA  1 
ATOM   285  C C   . LEU A 1 57  ? 19.216  -14.741 -4.384  1.00 42.35  ? 1348 LEU A C   1 
ATOM   286  O O   . LEU A 1 57  ? 20.415  -14.912 -4.688  1.00 42.46  ? 1348 LEU A O   1 
ATOM   287  C CB  . LEU A 1 57  ? 17.885  -16.895 -4.438  1.00 43.29  ? 1348 LEU A CB  1 
ATOM   288  C CG  . LEU A 1 57  ? 17.027  -17.947 -3.728  1.00 45.55  ? 1348 LEU A CG  1 
ATOM   289  C CD1 . LEU A 1 57  ? 16.511  -18.982 -4.717  1.00 47.01  ? 1348 LEU A CD1 1 
ATOM   290  C CD2 . LEU A 1 57  ? 17.796  -18.624 -2.602  1.00 45.39  ? 1348 LEU A CD2 1 
ATOM   291  N N   . GLU A 1 58  ? 18.492  -13.669 -4.730  1.00 39.71  ? 1349 GLU A N   1 
ATOM   292  C CA  . GLU A 1 58  ? 18.985  -12.536 -5.562  1.00 39.66  ? 1349 GLU A CA  1 
ATOM   293  C C   . GLU A 1 58  ? 19.630  -11.467 -4.669  1.00 34.41  ? 1349 GLU A C   1 
ATOM   294  O O   . GLU A 1 58  ? 20.649  -10.874 -5.085  1.00 35.98  ? 1349 GLU A O   1 
ATOM   295  C CB  . GLU A 1 58  ? 17.829  -11.907 -6.344  1.00 42.62  ? 1349 GLU A CB  1 
ATOM   296  C CG  . GLU A 1 58  ? 17.015  -12.888 -7.174  1.00 47.13  ? 1349 GLU A CG  1 
ATOM   297  C CD  . GLU A 1 58  ? 15.700  -12.331 -7.696  1.00 50.81  ? 1349 GLU A CD  1 
ATOM   298  O OE1 . GLU A 1 58  ? 15.612  -11.097 -7.897  1.00 55.43  ? 1349 GLU A OE1 1 
ATOM   299  O OE2 . GLU A 1 58  ? 14.764  -13.132 -7.902  1.00 54.16  ? 1349 GLU A OE2 1 
ATOM   300  N N   . TYR A 1 59  ? 19.027  -11.205 -3.505  1.00 30.39  ? 1350 TYR A N   1 
ATOM   301  C CA  . TYR A 1 59  ? 19.410  -10.129 -2.552  1.00 25.98  ? 1350 TYR A CA  1 
ATOM   302  C C   . TYR A 1 59  ? 19.685  -10.762 -1.187  1.00 24.24  ? 1350 TYR A C   1 
ATOM   303  O O   . TYR A 1 59  ? 18.859  -10.710 -0.281  1.00 22.06  ? 1350 TYR A O   1 
ATOM   304  C CB  . TYR A 1 59  ? 18.297  -9.077  -2.531  1.00 26.04  ? 1350 TYR A CB  1 
ATOM   305  C CG  . TYR A 1 59  ? 18.076  -8.366  -3.845  1.00 25.11  ? 1350 TYR A CG  1 
ATOM   306  C CD1 . TYR A 1 59  ? 18.733  -7.181  -4.131  1.00 25.36  ? 1350 TYR A CD1 1 
ATOM   307  C CD2 . TYR A 1 59  ? 17.211  -8.871  -4.806  1.00 25.66  ? 1350 TYR A CD2 1 
ATOM   308  C CE1 . TYR A 1 59  ? 18.532  -6.511  -5.327  1.00 26.21  ? 1350 TYR A CE1 1 
ATOM   309  C CE2 . TYR A 1 59  ? 17.010  -8.226  -6.016  1.00 25.46  ? 1350 TYR A CE2 1 
ATOM   310  C CZ  . TYR A 1 59  ? 17.672  -7.037  -6.275  1.00 26.15  ? 1350 TYR A CZ  1 
ATOM   311  O OH  . TYR A 1 59  ? 17.470  -6.359  -7.443  1.00 26.26  ? 1350 TYR A OH  1 
ATOM   312  N N   . PRO A 1 60  ? 20.862  -11.404 -0.997  1.00 22.41  ? 1351 PRO A N   1 
ATOM   313  C CA  . PRO A 1 60  ? 21.062  -12.319 0.131   1.00 20.82  ? 1351 PRO A CA  1 
ATOM   314  C C   . PRO A 1 60  ? 21.055  -11.644 1.514   1.00 19.33  ? 1351 PRO A C   1 
ATOM   315  O O   . PRO A 1 60  ? 20.815  -12.317 2.500   1.00 18.59  ? 1351 PRO A O   1 
ATOM   316  C CB  . PRO A 1 60  ? 22.418  -12.986 -0.186  1.00 21.90  ? 1351 PRO A CB  1 
ATOM   317  C CG  . PRO A 1 60  ? 23.133  -12.007 -1.088  1.00 23.07  ? 1351 PRO A CG  1 
ATOM   318  C CD  . PRO A 1 60  ? 22.037  -11.324 -1.880  1.00 23.08  ? 1351 PRO A CD  1 
ATOM   319  N N   . ASP A 1 61  ? 21.280  -10.330 1.569   1.00 18.73  ? 1352 ASP A N   1 
ATOM   320  C CA  . ASP A 1 61  ? 21.348  -9.570  2.848   1.00 18.72  ? 1352 ASP A CA  1 
ATOM   321  C C   . ASP A 1 61  ? 19.962  -9.025  3.267   1.00 18.61  ? 1352 ASP A C   1 
ATOM   322  O O   . ASP A 1 61  ? 19.852  -8.483  4.391   1.00 17.88  ? 1352 ASP A O   1 
ATOM   323  C CB  . ASP A 1 61  ? 22.381  -8.444  2.744   1.00 19.03  ? 1352 ASP A CB  1 
ATOM   324  C CG  . ASP A 1 61  ? 22.093  -7.460  1.628   1.00 19.45  ? 1352 ASP A CG  1 
ATOM   325  O OD1 . ASP A 1 61  ? 21.476  -7.883  0.609   1.00 23.28  ? 1352 ASP A OD1 1 
ATOM   326  O OD2 . ASP A 1 61  ? 22.490  -6.283  1.758   1.00 25.50  ? 1352 ASP A OD2 1 
ATOM   327  N N   . TYR A 1 62  ? 18.896  -9.247  2.491   1.00 17.91  ? 1353 TYR A N   1 
ATOM   328  C CA  . TYR A 1 62  ? 17.605  -8.511  2.668   1.00 18.13  ? 1353 TYR A CA  1 
ATOM   329  C C   . TYR A 1 62  ? 17.081  -8.545  4.125   1.00 19.17  ? 1353 TYR A C   1 
ATOM   330  O O   . TYR A 1 62  ? 16.775  -7.435  4.651   1.00 17.20  ? 1353 TYR A O   1 
ATOM   331  C CB  . TYR A 1 62  ? 16.589  -9.009  1.637   1.00 17.76  ? 1353 TYR A CB  1 
ATOM   332  C CG  . TYR A 1 62  ? 15.382  -8.116  1.475   1.00 16.48  ? 1353 TYR A CG  1 
ATOM   333  C CD1 . TYR A 1 62  ? 15.520  -6.870  0.895   1.00 16.12  ? 1353 TYR A CD1 1 
ATOM   334  C CD2 . TYR A 1 62  ? 14.121  -8.493  1.925   1.00 15.47  ? 1353 TYR A CD2 1 
ATOM   335  C CE1 . TYR A 1 62  ? 14.437  -6.018  0.739   1.00 14.82  ? 1353 TYR A CE1 1 
ATOM   336  C CE2 . TYR A 1 62  ? 13.018  -7.660  1.757   1.00 14.03  ? 1353 TYR A CE2 1 
ATOM   337  C CZ  . TYR A 1 62  ? 13.187  -6.406  1.196   1.00 14.38  ? 1353 TYR A CZ  1 
ATOM   338  O OH  . TYR A 1 62  ? 12.113  -5.570  1.064   1.00 13.92  ? 1353 TYR A OH  1 
ATOM   339  N N   . ARG A 1 63  ? 16.939  -9.719  4.768   1.00 18.39  ? 1354 ARG A N   1 
ATOM   340  C CA  . ARG A 1 63  ? 16.381  -9.840  6.130   1.00 20.70  ? 1354 ARG A CA  1 
ATOM   341  C C   . ARG A 1 63  ? 17.355  -9.390  7.211   1.00 18.58  ? 1354 ARG A C   1 
ATOM   342  O O   . ARG A 1 63  ? 16.909  -9.243  8.325   1.00 22.44  ? 1354 ARG A O   1 
ATOM   343  C CB  . ARG A 1 63  ? 15.906  -11.259 6.435   1.00 21.81  ? 1354 ARG A CB  1 
ATOM   344  C CG  . ARG A 1 63  ? 14.732  -11.691 5.568   1.00 24.80  ? 1354 ARG A CG  1 
ATOM   345  C CD  . ARG A 1 63  ? 13.498  -10.797 5.696   1.00 26.69  ? 1354 ARG A CD  1 
ATOM   346  N NE  . ARG A 1 63  ? 13.000  -10.797 7.056   1.00 32.47  ? 1354 ARG A NE  1 
ATOM   347  C CZ  . ARG A 1 63  ? 12.139  -11.692 7.545   1.00 33.98  ? 1354 ARG A CZ  1 
ATOM   348  N NH1 . ARG A 1 63  ? 11.682  -12.669 6.781   1.00 35.59  ? 1354 ARG A NH1 1 
ATOM   349  N NH2 . ARG A 1 63  ? 11.738  -11.603 8.797   1.00 39.25  ? 1354 ARG A NH2 1 
ATOM   350  N N   . ASP A 1 64  ? 18.615  -9.047  6.877   1.00 19.27  ? 1355 ASP A N   1 
ATOM   351  C CA  . ASP A 1 64  ? 19.519  -8.368  7.845   1.00 21.39  ? 1355 ASP A CA  1 
ATOM   352  C C   . ASP A 1 64  ? 19.136  -6.889  7.984   1.00 21.06  ? 1355 ASP A C   1 
ATOM   353  O O   . ASP A 1 64  ? 19.497  -6.280  9.037   1.00 24.97  ? 1355 ASP A O   1 
ATOM   354  C CB  . ASP A 1 64  ? 20.978  -8.470  7.396   1.00 21.39  ? 1355 ASP A CB  1 
ATOM   355  C CG  . ASP A 1 64  ? 21.471  -9.880  7.130   1.00 22.84  ? 1355 ASP A CG  1 
ATOM   356  O OD1 . ASP A 1 64  ? 20.920  -10.822 7.693   1.00 26.72  ? 1355 ASP A OD1 1 
ATOM   357  O OD2 . ASP A 1 64  ? 22.415  -10.007 6.376   1.00 26.39  ? 1355 ASP A OD2 1 
ATOM   358  N N   . ILE A 1 65  ? 18.498  -6.320  6.953   1.00 19.69  ? 1356 ILE A N   1 
ATOM   359  C CA  . ILE A 1 65  ? 18.131  -4.887  6.887   1.00 18.79  ? 1356 ILE A CA  1 
ATOM   360  C C   . ILE A 1 65  ? 16.633  -4.698  7.156   1.00 17.12  ? 1356 ILE A C   1 
ATOM   361  O O   . ILE A 1 65  ? 16.286  -3.793  7.923   1.00 19.96  ? 1356 ILE A O   1 
ATOM   362  C CB  . ILE A 1 65  ? 18.573  -4.348  5.524   1.00 19.69  ? 1356 ILE A CB  1 
ATOM   363  C CG1 . ILE A 1 65  ? 20.078  -4.616  5.366   1.00 23.87  ? 1356 ILE A CG1 1 
ATOM   364  C CG2 . ILE A 1 65  ? 18.245  -2.879  5.367   1.00 19.27  ? 1356 ILE A CG2 1 
ATOM   365  C CD1 . ILE A 1 65  ? 20.530  -4.890  4.023   1.00 30.53  ? 1356 ILE A CD1 1 
ATOM   366  N N   . ILE A 1 66  ? 15.803  -5.583  6.645   1.00 16.51  ? 1357 ILE A N   1 
ATOM   367  C CA  . ILE A 1 66  ? 14.323  -5.435  6.630   1.00 16.97  ? 1357 ILE A CA  1 
ATOM   368  C C   . ILE A 1 66  ? 13.721  -6.437  7.614   1.00 16.06  ? 1357 ILE A C   1 
ATOM   369  O O   . ILE A 1 66  ? 13.776  -7.665  7.378   1.00 18.77  ? 1357 ILE A O   1 
ATOM   370  C CB  . ILE A 1 66  ? 13.812  -5.597  5.186   1.00 15.31  ? 1357 ILE A CB  1 
ATOM   371  C CG1 . ILE A 1 66  ? 14.412  -4.542  4.248   1.00 16.29  ? 1357 ILE A CG1 1 
ATOM   372  C CG2 . ILE A 1 66  ? 12.290  -5.598  5.190   1.00 15.94  ? 1357 ILE A CG2 1 
ATOM   373  C CD1 . ILE A 1 66  ? 14.214  -3.154  4.661   1.00 16.42  ? 1357 ILE A CD1 1 
ATOM   374  N N   . ASP A 1 67  ? 13.120  -5.908  8.672   1.00 19.54  ? 1358 ASP A N   1 
ATOM   375  C CA  . ASP A 1 67  ? 12.498  -6.772  9.704   1.00 21.63  ? 1358 ASP A CA  1 
ATOM   376  C C   . ASP A 1 67  ? 11.150  -7.348  9.245   1.00 18.82  ? 1358 ASP A C   1 
ATOM   377  O O   . ASP A 1 67  ? 10.749  -8.434  9.686   1.00 21.89  ? 1358 ASP A O   1 
ATOM   378  C CB  . ASP A 1 67  ? 12.202  -5.990  10.978  1.00 24.83  ? 1358 ASP A CB  1 
ATOM   379  C CG  . ASP A 1 67  ? 13.413  -5.460  11.733  1.00 33.48  ? 1358 ASP A CG  1 
ATOM   380  O OD1 . ASP A 1 67  ? 14.515  -5.980  11.518  1.00 35.96  ? 1358 ASP A OD1 1 
ATOM   381  O OD2 . ASP A 1 67  ? 13.243  -4.497  12.492  1.00 40.23  ? 1358 ASP A OD2 1 
ATOM   382  N N   . THR A 1 68  ? 10.361  -6.588  8.437   1.00 18.33  ? 1359 THR A N   1 
ATOM   383  C CA  . THR A 1 68  ? 8.989   -7.006  8.081   1.00 17.47  ? 1359 THR A CA  1 
ATOM   384  C C   . THR A 1 68  ? 8.809   -6.851  6.571   1.00 15.03  ? 1359 THR A C   1 
ATOM   385  O O   . THR A 1 68  ? 8.398   -5.740  6.119   1.00 15.81  ? 1359 THR A O   1 
ATOM   386  C CB  . THR A 1 68  ? 7.922   -6.192  8.821   1.00 18.27  ? 1359 THR A CB  1 
ATOM   387  O OG1 . THR A 1 68  ? 8.207   -6.230  10.225  1.00 20.75  ? 1359 THR A OG1 1 
ATOM   388  C CG2 . THR A 1 68  ? 6.536   -6.754  8.596   1.00 20.31  ? 1359 THR A CG2 1 
ATOM   389  N N   . PRO A 1 69  ? 9.059   -7.875  5.751   1.00 15.20  ? 1360 PRO A N   1 
ATOM   390  C CA  . PRO A 1 69  ? 8.804   -7.815  4.302   1.00 15.74  ? 1360 PRO A CA  1 
ATOM   391  C C   . PRO A 1 69  ? 7.322   -7.521  4.054   1.00 13.63  ? 1360 PRO A C   1 
ATOM   392  O O   . PRO A 1 69  ? 6.436   -7.909  4.778   1.00 15.47  ? 1360 PRO A O   1 
ATOM   393  C CB  . PRO A 1 69  ? 9.204   -9.203  3.790   1.00 17.25  ? 1360 PRO A CB  1 
ATOM   394  C CG  . PRO A 1 69  ? 10.219  -9.680  4.827   1.00 20.30  ? 1360 PRO A CG  1 
ATOM   395  C CD  . PRO A 1 69  ? 9.604   -9.211  6.128   1.00 17.17  ? 1360 PRO A CD  1 
ATOM   396  N N   . MET A 1 70  ? 7.089   -6.800  2.949   1.00 13.32  ? 1361 MET A N   1 
ATOM   397  C CA  . MET A 1 70  ? 5.697   -6.533  2.505   1.00 12.22  ? 1361 MET A CA  1 
ATOM   398  C C   . MET A 1 70  ? 5.696   -6.358  0.987   1.00 11.79  ? 1361 MET A C   1 
ATOM   399  O O   . MET A 1 70  ? 6.659   -5.876  0.430   1.00 12.43  ? 1361 MET A O   1 
ATOM   400  C CB  . MET A 1 70  ? 5.085   -5.319  3.200   1.00 12.46  ? 1361 MET A CB  1 
ATOM   401  C CG  . MET A 1 70  ? 3.584   -5.175  2.992   1.00 12.68  ? 1361 MET A CG  1 
ATOM   402  S SD  . MET A 1 70  ? 2.520   -6.531  3.332   1.00 13.14  ? 1361 MET A SD  1 
ATOM   403  C CE  . MET A 1 70  ? 2.872   -6.925  5.056   1.00 15.61  ? 1361 MET A CE  1 
ATOM   404  N N   . ASP A 1 71  ? 4.595   -6.754  0.351   1.00 11.51  ? 1362 ASP A N   1 
ATOM   405  C CA  . ASP A 1 71  ? 4.462   -6.629  -1.117  1.00 10.93  ? 1362 ASP A CA  1 
ATOM   406  C C   . ASP A 1 71  ? 2.985   -6.489  -1.443  1.00 10.18  ? 1362 ASP A C   1 
ATOM   407  O O   . ASP A 1 71  ? 2.100   -6.769  -0.603  1.00 11.43  ? 1362 ASP A O   1 
ATOM   408  C CB  . ASP A 1 71  ? 5.073   -7.848  -1.812  1.00 13.04  ? 1362 ASP A CB  1 
ATOM   409  C CG  . ASP A 1 71  ? 4.298   -9.088  -1.451  1.00 14.73  ? 1362 ASP A CG  1 
ATOM   410  O OD1 . ASP A 1 71  ? 4.552   -9.633  -0.329  1.00 17.11  ? 1362 ASP A OD1 1 
ATOM   411  O OD2 . ASP A 1 71  ? 3.336   -9.379  -2.137  1.00 15.17  ? 1362 ASP A OD2 1 
ATOM   412  N N   . PHE A 1 72  ? 2.657   -6.123  -2.683  1.00 10.54  ? 1363 PHE A N   1 
ATOM   413  C CA  . PHE A 1 72  ? 1.240   -5.840  -3.042  1.00 10.55  ? 1363 PHE A CA  1 
ATOM   414  C C   . PHE A 1 72  ? 0.379   -7.091  -3.124  1.00 11.97  ? 1363 PHE A C   1 
ATOM   415  O O   . PHE A 1 72  ? -0.805  -6.999  -2.911  1.00 11.54  ? 1363 PHE A O   1 
ATOM   416  C CB  . PHE A 1 72  ? 1.146   -5.016  -4.343  1.00 10.61  ? 1363 PHE A CB  1 
ATOM   417  C CG  . PHE A 1 72  ? 1.507   -3.571  -4.109  1.00 10.16  ? 1363 PHE A CG  1 
ATOM   418  C CD1 . PHE A 1 72  ? 0.636   -2.736  -3.478  1.00 10.67  ? 1363 PHE A CD1 1 
ATOM   419  C CD2 . PHE A 1 72  ? 2.700   -3.036  -4.566  1.00 10.89  ? 1363 PHE A CD2 1 
ATOM   420  C CE1 . PHE A 1 72  ? 0.957   -1.423  -3.256  1.00 11.72  ? 1363 PHE A CE1 1 
ATOM   421  C CE2 . PHE A 1 72  ? 3.018   -1.717  -4.363  1.00 11.20  ? 1363 PHE A CE2 1 
ATOM   422  C CZ  . PHE A 1 72  ? 2.154   -0.926  -3.680  1.00 11.15  ? 1363 PHE A CZ  1 
ATOM   423  N N   . ALA A 1 73  ? 0.963   -8.242  -3.463  1.00 11.76  ? 1364 ALA A N   1 
ATOM   424  C CA  . ALA A 1 73  ? 0.189   -9.503  -3.446  1.00 12.82  ? 1364 ALA A CA  1 
ATOM   425  C C   . ALA A 1 73  ? -0.234  -9.883  -2.013  1.00 12.26  ? 1364 ALA A C   1 
ATOM   426  O O   . ALA A 1 73  ? -1.427  -10.235 -1.806  1.00 12.77  ? 1364 ALA A O   1 
ATOM   427  C CB  . ALA A 1 73  ? 0.948   -10.636 -4.163  1.00 13.26  ? 1364 ALA A CB  1 
ATOM   428  N N   . THR A 1 74  ? 0.629   -9.658  -1.055  1.00 11.86  ? 1365 THR A N   1 
ATOM   429  C CA  . THR A 1 74  ? 0.270   -9.881  0.367   1.00 11.91  ? 1365 THR A CA  1 
ATOM   430  C C   . THR A 1 74  ? -0.821  -8.907  0.800   1.00 10.89  ? 1365 THR A C   1 
ATOM   431  O O   . THR A 1 74  ? -1.790  -9.331  1.428   1.00 11.68  ? 1365 THR A O   1 
ATOM   432  C CB  . THR A 1 74  ? 1.499   -9.774  1.239   1.00 12.60  ? 1365 THR A CB  1 
ATOM   433  O OG1 . THR A 1 74  ? 2.421   -10.811 0.821   1.00 15.13  ? 1365 THR A OG1 1 
ATOM   434  C CG2 . THR A 1 74  ? 1.190   -9.909  2.716   1.00 12.94  ? 1365 THR A CG2 1 
ATOM   435  N N   . VAL A 1 75  ? -0.705  -7.644  0.403   1.00 10.61  ? 1366 VAL A N   1 
ATOM   436  C CA  . VAL A 1 75  ? -1.781  -6.671  0.719   1.00 10.32  ? 1366 VAL A CA  1 
ATOM   437  C C   . VAL A 1 75  ? -3.119  -7.117  0.136   1.00 10.47  ? 1366 VAL A C   1 
ATOM   438  O O   . VAL A 1 75  ? -4.158  -7.125  0.819   1.00 10.50  ? 1366 VAL A O   1 
ATOM   439  C CB  . VAL A 1 75  ? -1.371  -5.242  0.299   1.00 10.46  ? 1366 VAL A CB  1 
ATOM   440  C CG1 . VAL A 1 75  ? -2.551  -4.322  0.488   1.00 11.21  ? 1366 VAL A CG1 1 
ATOM   441  C CG2 . VAL A 1 75  ? -0.159  -4.764  1.068   1.00 11.11  ? 1366 VAL A CG2 1 
ATOM   442  N N   . ARG A 1 76  ? -3.141  -7.461  -1.146  1.00 10.61  ? 1367 ARG A N   1 
ATOM   443  C CA  . ARG A 1 76  ? -4.392  -7.901  -1.799  1.00 12.76  ? 1367 ARG A CA  1 
ATOM   444  C C   . ARG A 1 76  ? -4.956  -9.158  -1.119  1.00 11.23  ? 1367 ARG A C   1 
ATOM   445  O O   . ARG A 1 76  ? -6.185  -9.214  -0.906  1.00 11.87  ? 1367 ARG A O   1 
ATOM   446  C CB  . ARG A 1 76  ? -4.104  -8.174  -3.283  1.00 13.01  ? 1367 ARG A CB  1 
ATOM   447  C CG  . ARG A 1 76  ? -5.328  -8.583  -4.098  1.00 16.85  ? 1367 ARG A CG  1 
ATOM   448  C CD  . ARG A 1 76  ? -4.859  -8.823  -5.538  1.00 21.32  ? 1367 ARG A CD  1 
ATOM   449  N NE  . ARG A 1 76  ? -5.062  -7.701  -6.407  1.00 24.37  ? 1367 ARG A NE  1 
ATOM   450  C CZ  . ARG A 1 76  ? -4.568  -7.598  -7.638  1.00 24.01  ? 1367 ARG A CZ  1 
ATOM   451  N NH1 . ARG A 1 76  ? -3.703  -8.486  -8.082  1.00 22.68  ? 1367 ARG A NH1 1 
ATOM   452  N NH2 . ARG A 1 76  ? -4.951  -6.604  -8.397  1.00 27.30  ? 1367 ARG A NH2 1 
ATOM   453  N N   . GLU A 1 77  ? -4.122  -10.139 -0.819  1.00 11.41  ? 1368 GLU A N   1 
ATOM   454  C CA  . GLU A 1 77  ? -4.602  -11.368 -0.153  1.00 13.12  ? 1368 GLU A CA  1 
ATOM   455  C C   . GLU A 1 77  ? -5.172  -11.019 1.225   1.00 12.31  ? 1368 GLU A C   1 
ATOM   456  O O   . GLU A 1 77  ? -6.183  -11.642 1.618   1.00 12.74  ? 1368 GLU A O   1 
ATOM   457  C CB  . GLU A 1 77  ? -3.426  -12.322 -0.078  1.00 15.87  ? 1368 GLU A CB  1 
ATOM   458  C CG  . GLU A 1 77  ? -3.076  -12.971 -1.398  1.00 20.29  ? 1368 GLU A CG  1 
ATOM   459  C CD  . GLU A 1 77  ? -1.667  -13.520 -1.570  1.00 29.68  ? 1368 GLU A CD  1 
ATOM   460  O OE1 . GLU A 1 77  ? -0.979  -13.746 -0.540  1.00 34.22  ? 1368 GLU A OE1 1 
ATOM   461  O OE2 . GLU A 1 77  ? -1.267  -13.744 -2.764  1.00 38.54  ? 1368 GLU A OE2 1 
ATOM   462  N N   . THR A 1 78  ? -4.530  -10.154 1.994   1.00 11.17  ? 1369 THR A N   1 
ATOM   463  C CA  . THR A 1 78  ? -5.015  -9.791  3.341   1.00 10.92  ? 1369 THR A CA  1 
ATOM   464  C C   . THR A 1 78  ? -6.381  -9.129  3.204   1.00 11.61  ? 1369 THR A C   1 
ATOM   465  O O   . THR A 1 78  ? -7.317  -9.454  4.022   1.00 11.91  ? 1369 THR A O   1 
ATOM   466  C CB  . THR A 1 78  ? -3.995  -8.886  4.025   1.00 11.21  ? 1369 THR A CB  1 
ATOM   467  O OG1 . THR A 1 78  ? -2.721  -9.522  4.108   1.00 12.41  ? 1369 THR A OG1 1 
ATOM   468  C CG2 . THR A 1 78  ? -4.429  -8.490  5.414   1.00 12.47  ? 1369 THR A CG2 1 
ATOM   469  N N   . LEU A 1 79  ? -6.543  -8.197  2.252   1.00 10.41  ? 1370 LEU A N   1 
ATOM   470  C CA  . LEU A 1 79  ? -7.832  -7.559  1.997   1.00 10.76  ? 1370 LEU A CA  1 
ATOM   471  C C   . LEU A 1 79  ? -8.888  -8.602  1.653   1.00 11.37  ? 1370 LEU A C   1 
ATOM   472  O O   . LEU A 1 79  ? -10.042 -8.586  2.228   1.00 11.62  ? 1370 LEU A O   1 
ATOM   473  C CB  . LEU A 1 79  ? -7.629  -6.526  0.884   1.00 10.49  ? 1370 LEU A CB  1 
ATOM   474  C CG  . LEU A 1 79  ? -8.860  -5.648  0.563   1.00 11.36  ? 1370 LEU A CG  1 
ATOM   475  C CD1 . LEU A 1 79  ? -9.201  -4.718  1.729   1.00 11.66  ? 1370 LEU A CD1 1 
ATOM   476  C CD2 . LEU A 1 79  ? -8.567  -4.797  -0.678  1.00 12.35  ? 1370 LEU A CD2 1 
ATOM   477  N N   . GLU A 1 80  ? -8.596  -9.462  0.673   1.00 12.41  ? 1371 GLU A N   1 
ATOM   478  C CA  . GLU A 1 80  ? -9.545  -10.507 0.188   1.00 14.05  ? 1371 GLU A CA  1 
ATOM   479  C C   . GLU A 1 80  ? -9.909  -11.502 1.303   1.00 13.13  ? 1371 GLU A C   1 
ATOM   480  O O   . GLU A 1 80  ? -11.069 -11.967 1.342   1.00 13.70  ? 1371 GLU A O   1 
ATOM   481  C CB  . GLU A 1 80  ? -8.956  -11.234 -1.027  1.00 15.44  ? 1371 GLU A CB  1 
ATOM   482  C CG  . GLU A 1 80  ? -9.018  -10.424 -2.317  1.00 19.93  ? 1371 GLU A CG  1 
ATOM   483  C CD  . GLU A 1 80  ? -10.299 -9.626  -2.518  1.00 24.08  ? 1371 GLU A CD  1 
ATOM   484  O OE1 . GLU A 1 80  ? -11.399 -10.141 -2.157  1.00 25.46  ? 1371 GLU A OE1 1 
ATOM   485  O OE2 . GLU A 1 80  ? -10.196 -8.479  -3.030  1.00 27.21  ? 1371 GLU A OE2 1 
ATOM   486  N N   . ALA A 1 81  ? -8.995  -11.811 2.207   1.00 12.98  ? 1372 ALA A N   1 
ATOM   487  C CA  . ALA A 1 81  ? -9.285  -12.733 3.343   1.00 13.39  ? 1372 ALA A CA  1 
ATOM   488  C C   . ALA A 1 81  ? -10.209 -12.092 4.371   1.00 13.87  ? 1372 ALA A C   1 
ATOM   489  O O   . ALA A 1 81  ? -10.674 -12.745 5.306   1.00 14.08  ? 1372 ALA A O   1 
ATOM   490  C CB  . ALA A 1 81  ? -8.018  -13.133 3.993   1.00 14.21  ? 1372 ALA A CB  1 
ATOM   491  N N   . GLY A 1 82  ? -10.470 -10.779 4.264   1.00 12.72  ? 1373 GLY A N   1 
ATOM   492  C CA  . GLY A 1 82  ? -11.220 -10.054 5.298   1.00 12.22  ? 1373 GLY A CA  1 
ATOM   493  C C   . GLY A 1 82  ? -10.410 -9.876  6.548   1.00 11.94  ? 1373 GLY A C   1 
ATOM   494  O O   . GLY A 1 82  ? -10.935 -9.943  7.679   1.00 13.10  ? 1373 GLY A O   1 
ATOM   495  N N   . ASN A 1 83  ? -9.094  -9.598  6.431   1.00 11.21  ? 1374 ASN A N   1 
ATOM   496  C CA  . ASN A 1 83  ? -8.175  -9.421  7.561   1.00 11.79  ? 1374 ASN A CA  1 
ATOM   497  C C   . ASN A 1 83  ? -7.630  -7.983  7.731   1.00 10.91  ? 1374 ASN A C   1 
ATOM   498  O O   . ASN A 1 83  ? -6.761  -7.728  8.535   1.00 12.56  ? 1374 ASN A O   1 
ATOM   499  C CB  . ASN A 1 83  ? -7.035  -10.430 7.453   1.00 12.96  ? 1374 ASN A CB  1 
ATOM   500  C CG  . ASN A 1 83  ? -7.431  -11.880 7.729   1.00 14.54  ? 1374 ASN A CG  1 
ATOM   501  O OD1 . ASN A 1 83  ? -6.570  -12.759 7.547   1.00 17.16  ? 1374 ASN A OD1 1 
ATOM   502  N ND2 . ASN A 1 83  ? -8.669  -12.213 8.090   1.00 14.26  ? 1374 ASN A ND2 1 
ATOM   503  N N   . TYR A 1 84  ? -8.247  -7.044  6.974   1.00 12.01  ? 1375 TYR A N   1 
ATOM   504  C CA  . TYR A 1 84  ? -8.157  -5.605  7.296   1.00 11.85  ? 1375 TYR A CA  1 
ATOM   505  C C   . TYR A 1 84  ? -9.502  -5.140  7.878   1.00 11.81  ? 1375 TYR A C   1 
ATOM   506  O O   . TYR A 1 84  ? -10.527 -5.432  7.301   1.00 12.98  ? 1375 TYR A O   1 
ATOM   507  C CB  . TYR A 1 84  ? -7.794  -4.739  6.074   1.00 11.33  ? 1375 TYR A CB  1 
ATOM   508  C CG  . TYR A 1 84  ? -6.377  -4.910  5.567   1.00 9.96   ? 1375 TYR A CG  1 
ATOM   509  C CD1 . TYR A 1 84  ? -5.296  -4.778  6.406   1.00 10.41  ? 1375 TYR A CD1 1 
ATOM   510  C CD2 . TYR A 1 84  ? -6.144  -5.214  4.247   1.00 9.80   ? 1375 TYR A CD2 1 
ATOM   511  C CE1 . TYR A 1 84  ? -3.996  -4.893  5.940   1.00 10.62  ? 1375 TYR A CE1 1 
ATOM   512  C CE2 . TYR A 1 84  ? -4.863  -5.320  3.753   1.00 10.69  ? 1375 TYR A CE2 1 
ATOM   513  C CZ  . TYR A 1 84  ? -3.784  -5.170  4.590   1.00 10.38  ? 1375 TYR A CZ  1 
ATOM   514  O OH  . TYR A 1 84  ? -2.529  -5.317  4.070   1.00 11.59  ? 1375 TYR A OH  1 
ATOM   515  N N   . GLU A 1 85  ? -9.447  -4.441  9.019   1.00 12.61  ? 1376 GLU A N   1 
ATOM   516  C CA  . GLU A 1 85  ? -10.687 -3.826  9.567   1.00 14.87  ? 1376 GLU A CA  1 
ATOM   517  C C   . GLU A 1 85  ? -10.940 -2.410  9.009   1.00 14.47  ? 1376 GLU A C   1 
ATOM   518  O O   . GLU A 1 85  ? -12.106 -1.955  9.032   1.00 18.26  ? 1376 GLU A O   1 
ATOM   519  C CB  . GLU A 1 85  ? -10.592 -3.729  11.084  1.00 17.94  ? 1376 GLU A CB  1 
ATOM   520  C CG  . GLU A 1 85  ? -11.940 -3.309  11.656  1.00 22.53  ? 1376 GLU A CG  1 
ATOM   521  C CD  . GLU A 1 85  ? -11.980 -3.314  13.164  1.00 27.68  ? 1376 GLU A CD  1 
ATOM   522  O OE1 . GLU A 1 85  ? -10.888 -3.423  13.780  1.00 34.79  ? 1376 GLU A OE1 1 
ATOM   523  O OE2 . GLU A 1 85  ? -13.129 -3.301  13.717  1.00 32.51  ? 1376 GLU A OE2 1 
ATOM   524  N N   . SER A 1 86  ? -9.940  -1.724  8.450   1.00 12.86  ? 1377 SER A N   1 
ATOM   525  C CA  . SER A 1 86  ? -10.089 -0.322  8.031   1.00 12.44  ? 1377 SER A CA  1 
ATOM   526  C C   . SER A 1 86  ? -9.097  -0.060  6.922   1.00 11.34  ? 1377 SER A C   1 
ATOM   527  O O   . SER A 1 86  ? -8.080  -0.774  6.790   1.00 10.94  ? 1377 SER A O   1 
ATOM   528  C CB  . SER A 1 86  ? -9.796  0.601   9.178   1.00 12.98  ? 1377 SER A CB  1 
ATOM   529  O OG  . SER A 1 86  ? -8.413  0.592   9.479   1.00 13.71  ? 1377 SER A OG  1 
ATOM   530  N N   . PRO A 1 87  ? -9.331  0.990   6.117   1.00 11.18  ? 1378 PRO A N   1 
ATOM   531  C CA  . PRO A 1 87  ? -8.341  1.334   5.096   1.00 10.85  ? 1378 PRO A CA  1 
ATOM   532  C C   . PRO A 1 87  ? -7.052  1.905   5.714   1.00 10.73  ? 1378 PRO A C   1 
ATOM   533  O O   . PRO A 1 87  ? -6.012  1.859   5.051   1.00 10.61  ? 1378 PRO A O   1 
ATOM   534  C CB  . PRO A 1 87  ? -9.070  2.406   4.247   1.00 11.98  ? 1378 PRO A CB  1 
ATOM   535  C CG  . PRO A 1 87  ? -10.109 3.015   5.230   1.00 11.33  ? 1378 PRO A CG  1 
ATOM   536  C CD  . PRO A 1 87  ? -10.545 1.842   6.081   1.00 11.19  ? 1378 PRO A CD  1 
ATOM   537  N N   . MET A 1 88  ? -7.079  2.396   6.963   1.00 10.24  ? 1379 MET A N   1 
ATOM   538  C CA  . MET A 1 88  ? -5.834  2.821   7.631   1.00 11.05  ? 1379 MET A CA  1 
ATOM   539  C C   . MET A 1 88  ? -4.862  1.655   7.781   1.00 10.07  ? 1379 MET A C   1 
ATOM   540  O O   . MET A 1 88  ? -3.663  1.824   7.639   1.00 10.30  ? 1379 MET A O   1 
ATOM   541  C CB  . MET A 1 88  ? -6.126  3.467   8.997   1.00 11.76  ? 1379 MET A CB  1 
ATOM   542  C CG  . MET A 1 88  ? -6.964  4.745   8.873   1.00 12.35  ? 1379 MET A CG  1 
ATOM   543  S SD  . MET A 1 88  ? -8.758  4.532   8.791   1.00 13.63  ? 1379 MET A SD  1 
ATOM   544  C CE  . MET A 1 88  ? -9.123  4.241   10.518  1.00 15.90  ? 1379 MET A CE  1 
ATOM   545  N N   . GLU A 1 89  ? -5.384  0.467   8.117   1.00 10.18  ? 1380 GLU A N   1 
ATOM   546  C CA  . GLU A 1 89  ? -4.498  -0.700  8.255   1.00 10.76  ? 1380 GLU A CA  1 
ATOM   547  C C   . GLU A 1 89  ? -3.880  -1.046  6.891   1.00 9.95   ? 1380 GLU A C   1 
ATOM   548  O O   . GLU A 1 89  ? -2.678  -1.392  6.819   1.00 10.55  ? 1380 GLU A O   1 
ATOM   549  C CB  . GLU A 1 89  ? -5.255  -1.912  8.793   1.00 11.75  ? 1380 GLU A CB  1 
ATOM   550  C CG  . GLU A 1 89  ? -5.722  -1.780  10.214  1.00 13.36  ? 1380 GLU A CG  1 
ATOM   551  C CD  . GLU A 1 89  ? -6.546  -2.954  10.687  1.00 14.55  ? 1380 GLU A CD  1 
ATOM   552  O OE1 . GLU A 1 89  ? -6.899  -3.782  9.909   1.00 14.59  ? 1380 GLU A OE1 1 
ATOM   553  O OE2 . GLU A 1 89  ? -6.833  -2.988  11.941  1.00 19.89  ? 1380 GLU A OE2 1 
ATOM   554  N N   . LEU A 1 90  ? -4.653  -1.053  5.805   1.00 9.82   ? 1381 LEU A N   1 
ATOM   555  C CA  . LEU A 1 90  ? -4.115  -1.336  4.464   1.00 10.14  ? 1381 LEU A CA  1 
ATOM   556  C C   . LEU A 1 90  ? -3.052  -0.305  4.102   1.00 9.73   ? 1381 LEU A C   1 
ATOM   557  O O   . LEU A 1 90  ? -1.985  -0.640  3.571   1.00 10.08  ? 1381 LEU A O   1 
ATOM   558  C CB  . LEU A 1 90  ? -5.270  -1.358  3.458   1.00 9.97   ? 1381 LEU A CB  1 
ATOM   559  C CG  . LEU A 1 90  ? -4.863  -1.572  1.985   1.00 10.79  ? 1381 LEU A CG  1 
ATOM   560  C CD1 . LEU A 1 90  ? -5.891  -2.392  1.256   1.00 10.88  ? 1381 LEU A CD1 1 
ATOM   561  C CD2 . LEU A 1 90  ? -4.601  -0.266  1.251   1.00 11.38  ? 1381 LEU A CD2 1 
ATOM   562  N N   A CYS A 1 91  ? -3.331  0.960   4.408   0.35 9.93   ? 1382 CYS A N   1 
ATOM   563  N N   B CYS A 1 91  ? -3.293  0.975   4.391   0.15 10.08  ? 1382 CYS A N   1 
ATOM   564  C CA  A CYS A 1 91  ? -2.423  2.081   4.117   0.35 10.65  ? 1382 CYS A CA  1 
ATOM   565  C CA  B CYS A 1 91  ? -2.294  2.043   4.133   0.15 10.52  ? 1382 CYS A CA  1 
ATOM   566  C C   A CYS A 1 91  ? -1.093  1.876   4.873   0.35 10.96  ? 1382 CYS A C   1 
ATOM   567  C C   B CYS A 1 91  ? -0.997  1.773   4.864   0.15 10.88  ? 1382 CYS A C   1 
ATOM   568  O O   A CYS A 1 91  ? -0.026  2.151   4.272   0.35 11.58  ? 1382 CYS A O   1 
ATOM   569  O O   B CYS A 1 91  ? 0.095   2.013   4.297   0.15 10.77  ? 1382 CYS A O   1 
ATOM   570  C CB  A CYS A 1 91  ? -3.121  3.407   4.417   0.35 10.88  ? 1382 CYS A CB  1 
ATOM   571  C CB  B CYS A 1 91  ? -2.716  3.396   4.666   0.15 10.50  ? 1382 CYS A CB  1 
ATOM   572  S SG  A CYS A 1 91  ? -2.197  4.878   3.904   0.35 12.38  ? 1382 CYS A SG  1 
ATOM   573  S SG  B CYS A 1 91  ? -3.910  4.139   3.554   0.15 10.91  ? 1382 CYS A SG  1 
ATOM   574  N N   . LYS A 1 92  ? -1.112  1.400   6.128   1.00 11.49  ? 1383 LYS A N   1 
ATOM   575  C CA  . LYS A 1 92  ? 0.115   1.157   6.881   1.00 12.17  ? 1383 LYS A CA  1 
ATOM   576  C C   . LYS A 1 92  ? 0.957   0.085   6.169   1.00 10.72  ? 1383 LYS A C   1 
ATOM   577  O O   . LYS A 1 92  ? 2.184   0.241   6.044   1.00 11.50  ? 1383 LYS A O   1 
ATOM   578  C CB  . LYS A 1 92  ? -0.289  0.735   8.292   1.00 14.43  ? 1383 LYS A CB  1 
ATOM   579  C CG  . LYS A 1 92  ? 0.892   0.439   9.188   1.00 16.77  ? 1383 LYS A CG  1 
ATOM   580  C CD  . LYS A 1 92  ? 0.516   0.332   10.661  1.00 21.23  ? 1383 LYS A CD  1 
ATOM   581  C CE  . LYS A 1 92  ? 1.598   -0.380  11.453  1.00 27.87  ? 1383 LYS A CE  1 
ATOM   582  N NZ  . LYS A 1 92  ? 1.235   -0.664  12.876  1.00 32.59  ? 1383 LYS A NZ  1 
ATOM   583  N N   . ASP A 1 93  ? 0.347   -0.992  5.680   1.00 10.48  ? 1384 ASP A N   1 
ATOM   584  C CA  . ASP A 1 93  ? 1.105   -2.044  4.997   1.00 10.68  ? 1384 ASP A CA  1 
ATOM   585  C C   . ASP A 1 93  ? 1.662   -1.548  3.654   1.00 9.12   ? 1384 ASP A C   1 
ATOM   586  O O   . ASP A 1 93  ? 2.787   -1.846  3.317   1.00 9.75   ? 1384 ASP A O   1 
ATOM   587  C CB  . ASP A 1 93  ? 0.264   -3.297  4.792   1.00 11.14  ? 1384 ASP A CB  1 
ATOM   588  C CG  . ASP A 1 93  ? 0.126   -4.180  6.022   1.00 13.52  ? 1384 ASP A CG  1 
ATOM   589  O OD1 . ASP A 1 93  ? 0.835   -3.864  7.038   1.00 16.62  ? 1384 ASP A OD1 1 
ATOM   590  O OD2 . ASP A 1 93  ? -0.682  -5.148  5.971   1.00 12.76  ? 1384 ASP A OD2 1 
ATOM   591  N N   . VAL A 1 94  ? 0.899   -0.747  2.897   1.00 9.74   ? 1385 VAL A N   1 
ATOM   592  C CA  . VAL A 1 94  ? 1.412   -0.229  1.598   1.00 9.35   ? 1385 VAL A CA  1 
ATOM   593  C C   . VAL A 1 94  ? 2.583   0.706   1.898   1.00 9.19   ? 1385 VAL A C   1 
ATOM   594  O O   . VAL A 1 94  ? 3.628   0.626   1.211   1.00 9.55   ? 1385 VAL A O   1 
ATOM   595  C CB  . VAL A 1 94  ? 0.297   0.450   0.784   1.00 9.72   ? 1385 VAL A CB  1 
ATOM   596  C CG1 . VAL A 1 94  ? 0.891   1.211   -0.393  1.00 10.47  ? 1385 VAL A CG1 1 
ATOM   597  C CG2 . VAL A 1 94  ? -0.740  -0.536  0.337   1.00 9.79   ? 1385 VAL A CG2 1 
ATOM   598  N N   . ARG A 1 95  ? 2.459   1.567   2.928   1.00 9.12   ? 1386 ARG A N   1 
ATOM   599  C CA  . ARG A 1 95  ? 3.568   2.464   3.266   1.00 9.84   ? 1386 ARG A CA  1 
ATOM   600  C C   . ARG A 1 95  ? 4.802   1.673   3.698   1.00 9.81   ? 1386 ARG A C   1 
ATOM   601  O O   . ARG A 1 95  ? 5.945   2.150   3.432   1.00 10.49  ? 1386 ARG A O   1 
ATOM   602  C CB  . ARG A 1 95  ? 3.105   3.479   4.296   1.00 10.99  ? 1386 ARG A CB  1 
ATOM   603  C CG  . ARG A 1 95  ? 2.165   4.517   3.697   1.00 11.39  ? 1386 ARG A CG  1 
ATOM   604  C CD  . ARG A 1 95  ? 1.544   5.375   4.759   1.00 13.01  ? 1386 ARG A CD  1 
ATOM   605  N NE  . ARG A 1 95  ? 0.680   6.406   4.186   1.00 14.12  ? 1386 ARG A NE  1 
ATOM   606  C CZ  . ARG A 1 95  ? -0.068  7.261   4.893   1.00 16.93  ? 1386 ARG A CZ  1 
ATOM   607  N NH1 . ARG A 1 95  ? -0.169  7.155   6.215   1.00 18.51  ? 1386 ARG A NH1 1 
ATOM   608  N NH2 . ARG A 1 95  ? -0.716  8.235   4.277   1.00 19.45  ? 1386 ARG A NH2 1 
ATOM   609  N N   . LEU A 1 96  ? 4.644   0.503   4.292   1.00 10.07  ? 1387 LEU A N   1 
ATOM   610  C CA  . LEU A 1 96  ? 5.794   -0.385  4.666   1.00 11.03  ? 1387 LEU A CA  1 
ATOM   611  C C   . LEU A 1 96  ? 6.518   -0.869  3.408   1.00 10.22  ? 1387 LEU A C   1 
ATOM   612  O O   . LEU A 1 96  ? 7.743   -1.004  3.384   1.00 10.91  ? 1387 LEU A O   1 
ATOM   613  C CB  . LEU A 1 96  ? 5.242   -1.554  5.476   1.00 11.52  ? 1387 LEU A CB  1 
ATOM   614  C CG  . LEU A 1 96  ? 6.257   -2.580  5.956   1.00 13.49  ? 1387 LEU A CG  1 
ATOM   615  C CD1 . LEU A 1 96  ? 7.324   -1.959  6.818   1.00 14.60  ? 1387 LEU A CD1 1 
ATOM   616  C CD2 . LEU A 1 96  ? 5.523   -3.683  6.707   1.00 13.96  ? 1387 LEU A CD2 1 
ATOM   617  N N   . ILE A 1 97  ? 5.795   -1.166  2.319   1.00 10.76  ? 1388 ILE A N   1 
ATOM   618  C CA  . ILE A 1 97  ? 6.463   -1.546  1.034   1.00 10.38  ? 1388 ILE A CA  1 
ATOM   619  C C   . ILE A 1 97  ? 7.451   -0.434  0.679   1.00 9.75   ? 1388 ILE A C   1 
ATOM   620  O O   . ILE A 1 97  ? 8.601   -0.683  0.309   1.00 10.86  ? 1388 ILE A O   1 
ATOM   621  C CB  . ILE A 1 97  ? 5.425   -1.769  -0.099  1.00 10.47  ? 1388 ILE A CB  1 
ATOM   622  C CG1 . ILE A 1 97  ? 4.452   -2.906  0.223   1.00 10.02  ? 1388 ILE A CG1 1 
ATOM   623  C CG2 . ILE A 1 97  ? 6.109   -1.973  -1.434  1.00 10.84  ? 1388 ILE A CG2 1 
ATOM   624  C CD1 . ILE A 1 97  ? 3.270   -3.017  -0.727  1.00 10.28  ? 1388 ILE A CD1 1 
ATOM   625  N N   . PHE A 1 98  ? 6.995   0.809   0.765   1.00 9.78   ? 1389 PHE A N   1 
ATOM   626  C CA  . PHE A 1 98  ? 7.821   1.958   0.321   1.00 10.71  ? 1389 PHE A CA  1 
ATOM   627  C C   . PHE A 1 98  ? 8.956   2.215   1.324   1.00 10.52  ? 1389 PHE A C   1 
ATOM   628  O O   . PHE A 1 98  ? 10.090  2.505   0.887   1.00 11.49  ? 1389 PHE A O   1 
ATOM   629  C CB  . PHE A 1 98  ? 6.972   3.209   0.054   1.00 11.26  ? 1389 PHE A CB  1 
ATOM   630  C CG  . PHE A 1 98  ? 5.884   2.975   -0.972  1.00 10.95  ? 1389 PHE A CG  1 
ATOM   631  C CD1 . PHE A 1 98  ? 6.115   2.333   -2.175  1.00 13.37  ? 1389 PHE A CD1 1 
ATOM   632  C CD2 . PHE A 1 98  ? 4.583   3.409   -0.721  1.00 12.19  ? 1389 PHE A CD2 1 
ATOM   633  C CE1 . PHE A 1 98  ? 5.080   2.105   -3.110  1.00 15.08  ? 1389 PHE A CE1 1 
ATOM   634  C CE2 . PHE A 1 98  ? 3.589   3.189   -1.682  1.00 13.02  ? 1389 PHE A CE2 1 
ATOM   635  C CZ  . PHE A 1 98  ? 3.852   2.567   -2.829  1.00 13.61  ? 1389 PHE A CZ  1 
ATOM   636  N N   . SER A 1 99  ? 8.705   2.126   2.622   1.00 11.20  ? 1390 SER A N   1 
ATOM   637  C CA  . SER A 1 99  ? 9.792   2.370   3.596   1.00 11.52  ? 1390 SER A CA  1 
ATOM   638  C C   . SER A 1 99  ? 10.811  1.247   3.472   1.00 11.27  ? 1390 SER A C   1 
ATOM   639  O O   . SER A 1 99  ? 12.039  1.519   3.661   1.00 12.00  ? 1390 SER A O   1 
ATOM   640  C CB  . SER A 1 99  ? 9.242   2.544   4.990   1.00 12.44  ? 1390 SER A CB  1 
ATOM   641  O OG  . SER A 1 99  ? 8.584   1.425   5.447   1.00 14.21  ? 1390 SER A OG  1 
ATOM   642  N N   . ASN A 1 100 ? 10.421  0.007   3.224   1.00 11.05  ? 1391 ASN A N   1 
ATOM   643  C CA  . ASN A 1 100 ? 11.386  -1.086  3.022   1.00 11.62  ? 1391 ASN A CA  1 
ATOM   644  C C   . ASN A 1 100 ? 12.296  -0.741  1.839   1.00 11.59  ? 1391 ASN A C   1 
ATOM   645  O O   . ASN A 1 100 ? 13.534  -0.942  1.908   1.00 12.86  ? 1391 ASN A O   1 
ATOM   646  C CB  . ASN A 1 100 ? 10.703  -2.405  2.846   1.00 11.62  ? 1391 ASN A CB  1 
ATOM   647  C CG  . ASN A 1 100 ? 10.122  -3.002  4.107   1.00 11.89  ? 1391 ASN A CG  1 
ATOM   648  O OD1 . ASN A 1 100 ? 10.410  -2.539  5.231   1.00 12.58  ? 1391 ASN A OD1 1 
ATOM   649  N ND2 . ASN A 1 100 ? 9.345   -4.028  3.932   1.00 12.11  ? 1391 ASN A ND2 1 
ATOM   650  N N   . SER A 1 101 ? 11.741  -0.246  0.729   1.00 11.63  ? 1392 SER A N   1 
ATOM   651  C CA  . SER A 1 101 ? 12.556  0.053   -0.474  1.00 11.66  ? 1392 SER A CA  1 
ATOM   652  C C   . SER A 1 101 ? 13.553  1.173   -0.133  1.00 11.56  ? 1392 SER A C   1 
ATOM   653  O O   . SER A 1 101 ? 14.734  1.110   -0.548  1.00 11.70  ? 1392 SER A O   1 
ATOM   654  C CB  . SER A 1 101 ? 11.657  0.375   -1.659  1.00 11.65  ? 1392 SER A CB  1 
ATOM   655  O OG  . SER A 1 101 ? 12.439  0.476   -2.839  1.00 11.94  ? 1392 SER A OG  1 
ATOM   656  N N   . LYS A 1 102 ? 13.124  2.183   0.605   1.00 12.17  ? 1393 LYS A N   1 
ATOM   657  C CA  . LYS A 1 102 ? 14.041  3.264   1.010   1.00 13.24  ? 1393 LYS A CA  1 
ATOM   658  C C   . LYS A 1 102 ? 15.147  2.783   1.947   1.00 14.38  ? 1393 LYS A C   1 
ATOM   659  O O   . LYS A 1 102 ? 16.313  3.237   1.808   1.00 15.09  ? 1393 LYS A O   1 
ATOM   660  C CB  . LYS A 1 102 ? 13.233  4.363   1.666   1.00 13.65  ? 1393 LYS A CB  1 
ATOM   661  C CG  . LYS A 1 102 ? 14.007  5.653   1.941   1.00 14.99  ? 1393 LYS A CG  1 
ATOM   662  C CD  . LYS A 1 102 ? 13.099  6.772   2.359   1.00 16.95  ? 1393 LYS A CD  1 
ATOM   663  C CE  . LYS A 1 102 ? 13.804  8.117   2.416   1.00 17.74  ? 1393 LYS A CE  1 
ATOM   664  N NZ  . LYS A 1 102 ? 12.905  9.235   2.782   1.00 20.25  ? 1393 LYS A NZ  1 
ATOM   665  N N   . ALA A 1 103 ? 14.821  1.845   2.836   1.00 14.78  ? 1394 ALA A N   1 
ATOM   666  C CA  . ALA A 1 103 ? 15.771  1.243   3.806   1.00 15.39  ? 1394 ALA A CA  1 
ATOM   667  C C   . ALA A 1 103 ? 16.778  0.341   3.091   1.00 15.54  ? 1394 ALA A C   1 
ATOM   668  O O   . ALA A 1 103 ? 17.928  0.190   3.571   1.00 15.74  ? 1394 ALA A O   1 
ATOM   669  C CB  . ALA A 1 103 ? 14.997  0.470   4.840   1.00 16.06  ? 1394 ALA A CB  1 
ATOM   670  N N   . TYR A 1 104 ? 16.398  -0.267  1.970   1.00 13.93  ? 1395 TYR A N   1 
ATOM   671  C CA  . TYR A 1 104 ? 17.269  -1.224  1.253   1.00 14.30  ? 1395 TYR A CA  1 
ATOM   672  C C   . TYR A 1 104 ? 18.093  -0.521  0.163   1.00 13.28  ? 1395 TYR A C   1 
ATOM   673  O O   . TYR A 1 104 ? 19.103  -1.113  -0.224  1.00 13.23  ? 1395 TYR A O   1 
ATOM   674  C CB  . TYR A 1 104 ? 16.472  -2.415  0.719   1.00 14.57  ? 1395 TYR A CB  1 
ATOM   675  C CG  . TYR A 1 104 ? 17.374  -3.520  0.240   1.00 15.54  ? 1395 TYR A CG  1 
ATOM   676  C CD1 . TYR A 1 104 ? 18.149  -4.245  1.127   1.00 16.60  ? 1395 TYR A CD1 1 
ATOM   677  C CD2 . TYR A 1 104 ? 17.517  -3.768  -1.113  1.00 17.50  ? 1395 TYR A CD2 1 
ATOM   678  C CE1 . TYR A 1 104 ? 19.036  -5.213  0.682   1.00 16.02  ? 1395 TYR A CE1 1 
ATOM   679  C CE2 . TYR A 1 104 ? 18.381  -4.744  -1.573  1.00 17.01  ? 1395 TYR A CE2 1 
ATOM   680  C CZ  . TYR A 1 104 ? 19.128  -5.481  -0.669  1.00 16.49  ? 1395 TYR A CZ  1 
ATOM   681  O OH  . TYR A 1 104 ? 19.996  -6.434  -1.110  1.00 16.33  ? 1395 TYR A OH  1 
ATOM   682  N N   . THR A 1 105 ? 17.745  0.678   -0.318  1.00 14.59  ? 1396 THR A N   1 
ATOM   683  C CA  . THR A 1 105 ? 18.432  1.290   -1.486  1.00 15.02  ? 1396 THR A CA  1 
ATOM   684  C C   . THR A 1 105 ? 19.863  1.694   -1.113  1.00 15.26  ? 1396 THR A C   1 
ATOM   685  O O   . THR A 1 105 ? 20.088  2.335   -0.081  1.00 14.97  ? 1396 THR A O   1 
ATOM   686  C CB  . THR A 1 105 ? 17.620  2.445   -2.093  1.00 14.90  ? 1396 THR A CB  1 
ATOM   687  O OG1 . THR A 1 105 ? 18.134  2.721   -3.396  1.00 15.08  ? 1396 THR A OG1 1 
ATOM   688  C CG2 . THR A 1 105 ? 17.663  3.734   -1.301  1.00 15.35  ? 1396 THR A CG2 1 
ATOM   689  N N   . PRO A 1 106 ? 20.874  1.368   -1.958  1.00 16.07  ? 1397 PRO A N   1 
ATOM   690  C CA  . PRO A 1 106 ? 22.249  1.802   -1.707  1.00 16.33  ? 1397 PRO A CA  1 
ATOM   691  C C   . PRO A 1 106 ? 22.377  3.279   -2.070  1.00 17.72  ? 1397 PRO A C   1 
ATOM   692  O O   . PRO A 1 106 ? 23.316  3.929   -1.675  1.00 17.14  ? 1397 PRO A O   1 
ATOM   693  C CB  . PRO A 1 106 ? 23.084  0.964   -2.680  1.00 17.78  ? 1397 PRO A CB  1 
ATOM   694  C CG  . PRO A 1 106 ? 22.143  0.712   -3.835  1.00 17.75  ? 1397 PRO A CG  1 
ATOM   695  C CD  . PRO A 1 106 ? 20.768  0.597   -3.206  1.00 16.21  ? 1397 PRO A CD  1 
ATOM   696  N N   . SER A 1 107 ? 21.465  3.731   -2.919  1.00 17.70  ? 1398 SER A N   1 
ATOM   697  C CA  . SER A 1 107 ? 21.498  5.073   -3.520  1.00 18.63  ? 1398 SER A CA  1 
ATOM   698  C C   . SER A 1 107 ? 20.071  5.593   -3.621  1.00 18.54  ? 1398 SER A C   1 
ATOM   699  O O   . SER A 1 107 ? 19.161  4.838   -4.011  1.00 17.05  ? 1398 SER A O   1 
ATOM   700  C CB  . SER A 1 107 ? 22.160  4.995   -4.864  1.00 20.12  ? 1398 SER A CB  1 
ATOM   701  O OG  . SER A 1 107 ? 21.847  6.114   -5.647  1.00 22.42  ? 1398 SER A OG  1 
ATOM   702  N N   . LYS A 1 108 ? 19.910  6.883   -3.379  1.00 17.67  ? 1399 LYS A N   1 
ATOM   703  C CA  . LYS A 1 108 ? 18.608  7.550   -3.568  1.00 20.55  ? 1399 LYS A CA  1 
ATOM   704  C C   . LYS A 1 108 ? 18.334  7.675   -5.065  1.00 21.68  ? 1399 LYS A C   1 
ATOM   705  O O   . LYS A 1 108 ? 17.211  8.042   -5.418  1.00 22.45  ? 1399 LYS A O   1 
ATOM   706  C CB  . LYS A 1 108 ? 18.556  8.813   -2.718  1.00 25.74  ? 1399 LYS A CB  1 
ATOM   707  C CG  . LYS A 1 108 ? 18.426  8.486   -1.237  1.00 27.02  ? 1399 LYS A CG  1 
ATOM   708  C CD  . LYS A 1 108 ? 17.946  9.624   -0.378  1.00 32.60  ? 1399 LYS A CD  1 
ATOM   709  C CE  . LYS A 1 108 ? 17.576  9.167   1.014   1.00 34.65  ? 1399 LYS A CE  1 
ATOM   710  N NZ  . LYS A 1 108 ? 17.112  10.324  1.813   1.00 35.56  ? 1399 LYS A NZ  1 
ATOM   711  N N   . ARG A 1 109 ? 19.352  7.428   -5.908  1.00 23.23  ? 1400 ARG A N   1 
ATOM   712  C CA  . ARG A 1 109 ? 19.296  7.488   -7.400  1.00 26.68  ? 1400 ARG A CA  1 
ATOM   713  C C   . ARG A 1 109 ? 19.203  6.069   -7.987  1.00 26.40  ? 1400 ARG A C   1 
ATOM   714  O O   . ARG A 1 109 ? 19.629  5.861   -9.148  1.00 27.42  ? 1400 ARG A O   1 
ATOM   715  C CB  . ARG A 1 109 ? 20.539  8.198   -7.951  1.00 29.94  ? 1400 ARG A CB  1 
ATOM   716  C CG  . ARG A 1 109 ? 20.755  9.609   -7.418  1.00 32.79  ? 1400 ARG A CG  1 
ATOM   717  C CD  . ARG A 1 109 ? 21.998  10.274  -7.994  1.00 36.26  ? 1400 ARG A CD  1 
ATOM   718  N NE  . ARG A 1 109 ? 22.069  10.154  -9.450  1.00 38.80  ? 1400 ARG A NE  1 
ATOM   719  C CZ  . ARG A 1 109 ? 22.795  9.258   -10.127 1.00 39.71  ? 1400 ARG A CZ  1 
ATOM   720  N NH1 . ARG A 1 109 ? 23.554  8.374   -9.496  1.00 41.98  ? 1400 ARG A NH1 1 
ATOM   721  N NH2 . ARG A 1 109 ? 22.755  9.248   -11.450 1.00 39.72  ? 1400 ARG A NH2 1 
ATOM   722  N N   . SER A 1 110 ? 18.685  5.112   -7.222  1.00 24.31  ? 1401 SER A N   1 
ATOM   723  C CA  . SER A 1 110 ? 18.468  3.712   -7.669  1.00 22.14  ? 1401 SER A CA  1 
ATOM   724  C C   . SER A 1 110 ? 17.242  3.647   -8.591  1.00 19.11  ? 1401 SER A C   1 
ATOM   725  O O   . SER A 1 110 ? 16.267  4.398   -8.377  1.00 16.78  ? 1401 SER A O   1 
ATOM   726  C CB  . SER A 1 110 ? 18.304  2.810   -6.478  1.00 24.03  ? 1401 SER A CB  1 
ATOM   727  O OG  . SER A 1 110 ? 17.558  1.641   -6.791  1.00 27.54  ? 1401 SER A OG  1 
ATOM   728  N N   . ARG A 1 111 ? 17.284  2.768   -9.591  1.00 17.00  ? 1402 ARG A N   1 
ATOM   729  C CA  . ARG A 1 111 ? 16.124  2.458   -10.460 1.00 17.20  ? 1402 ARG A CA  1 
ATOM   730  C C   . ARG A 1 111 ? 14.921  2.088   -9.588  1.00 15.55  ? 1402 ARG A C   1 
ATOM   731  O O   . ARG A 1 111 ? 13.880  2.747   -9.700  1.00 15.02  ? 1402 ARG A O   1 
ATOM   732  C CB  . ARG A 1 111 ? 16.473  1.282   -11.378 1.00 18.26  ? 1402 ARG A CB  1 
ATOM   733  C CG  . ARG A 1 111 ? 15.304  0.739   -12.186 1.00 18.35  ? 1402 ARG A CG  1 
ATOM   734  C CD  . ARG A 1 111 ? 14.924  1.709   -13.293 1.00 19.32  ? 1402 ARG A CD  1 
ATOM   735  N NE  . ARG A 1 111 ? 13.601  1.509   -13.885 1.00 21.03  ? 1402 ARG A NE  1 
ATOM   736  C CZ  . ARG A 1 111 ? 13.311  0.703   -14.909 1.00 20.23  ? 1402 ARG A CZ  1 
ATOM   737  N NH1 . ARG A 1 111 ? 14.249  -0.027  -15.484 1.00 21.97  ? 1402 ARG A NH1 1 
ATOM   738  N NH2 . ARG A 1 111 ? 12.069  0.612   -15.358 1.00 22.20  ? 1402 ARG A NH2 1 
ATOM   739  N N   . ILE A 1 112 ? 15.053  1.035   -8.787  1.00 13.46  ? 1403 ILE A N   1 
ATOM   740  C CA  . ILE A 1 112 ? 13.915  0.405   -8.035  1.00 13.38  ? 1403 ILE A CA  1 
ATOM   741  C C   . ILE A 1 112 ? 13.422  1.372   -6.955  1.00 13.62  ? 1403 ILE A C   1 
ATOM   742  O O   . ILE A 1 112 ? 12.203  1.634   -6.868  1.00 11.87  ? 1403 ILE A O   1 
ATOM   743  C CB  . ILE A 1 112 ? 14.320  -0.974  -7.467  1.00 14.15  ? 1403 ILE A CB  1 
ATOM   744  C CG1 . ILE A 1 112 ? 14.443  -2.003  -8.596  1.00 14.91  ? 1403 ILE A CG1 1 
ATOM   745  C CG2 . ILE A 1 112 ? 13.331  -1.440  -6.403  1.00 14.96  ? 1403 ILE A CG2 1 
ATOM   746  C CD1 . ILE A 1 112 ? 15.151  -3.291  -8.236  1.00 16.41  ? 1403 ILE A CD1 1 
ATOM   747  N N   . TYR A 1 113 ? 14.302  2.007   -6.192  1.00 12.90  ? 1404 TYR A N   1 
ATOM   748  C CA  . TYR A 1 113 ? 13.853  3.073   -5.271  1.00 12.64  ? 1404 TYR A CA  1 
ATOM   749  C C   . TYR A 1 113 ? 13.134  4.178   -6.024  1.00 12.82  ? 1404 TYR A C   1 
ATOM   750  O O   . TYR A 1 113 ? 12.104  4.656   -5.580  1.00 12.86  ? 1404 TYR A O   1 
ATOM   751  C CB  . TYR A 1 113 ? 15.048  3.599   -4.461  1.00 14.40  ? 1404 TYR A CB  1 
ATOM   752  C CG  . TYR A 1 113 ? 14.693  4.749   -3.549  1.00 12.93  ? 1404 TYR A CG  1 
ATOM   753  C CD1 . TYR A 1 113 ? 13.782  4.604   -2.506  1.00 14.28  ? 1404 TYR A CD1 1 
ATOM   754  C CD2 . TYR A 1 113 ? 15.250  6.021   -3.739  1.00 14.10  ? 1404 TYR A CD2 1 
ATOM   755  C CE1 . TYR A 1 113 ? 13.465  5.674   -1.679  1.00 14.99  ? 1404 TYR A CE1 1 
ATOM   756  C CE2 . TYR A 1 113 ? 14.950  7.084   -2.906  1.00 16.85  ? 1404 TYR A CE2 1 
ATOM   757  C CZ  . TYR A 1 113 ? 14.042  6.908   -1.877  1.00 15.77  ? 1404 TYR A CZ  1 
ATOM   758  O OH  . TYR A 1 113 ? 13.750  7.977   -1.061  1.00 17.86  ? 1404 TYR A OH  1 
ATOM   759  N N   A SER A 1 114 ? 13.656  4.583   -7.184  0.30 13.18  ? 1405 SER A N   1 
ATOM   760  N N   B SER A 1 114 ? 13.654  4.599   -7.179  0.29 13.29  ? 1405 SER A N   1 
ATOM   761  C CA  A SER A 1 114 ? 13.025  5.653   -7.996  0.30 14.15  ? 1405 SER A CA  1 
ATOM   762  C CA  B SER A 1 114 ? 13.006  5.672   -7.974  0.29 14.33  ? 1405 SER A CA  1 
ATOM   763  C C   A SER A 1 114 ? 11.600  5.232   -8.396  0.30 12.79  ? 1405 SER A C   1 
ATOM   764  C C   B SER A 1 114 ? 11.591  5.233   -8.396  0.29 12.82  ? 1405 SER A C   1 
ATOM   765  O O   A SER A 1 114 ? 10.693  6.093   -8.417  0.30 12.65  ? 1405 SER A O   1 
ATOM   766  O O   B SER A 1 114 ? 10.677  6.084   -8.427  0.29 12.49  ? 1405 SER A O   1 
ATOM   767  C CB  A SER A 1 114 ? 13.851  6.034   -9.213  0.30 14.73  ? 1405 SER A CB  1 
ATOM   768  C CB  B SER A 1 114 ? 13.838  6.109   -9.167  0.29 15.09  ? 1405 SER A CB  1 
ATOM   769  O OG  A SER A 1 114 ? 13.742  5.065   -10.240 0.30 15.86  ? 1405 SER A OG  1 
ATOM   770  O OG  B SER A 1 114 ? 14.851  7.022   -8.762  0.29 16.60  ? 1405 SER A OG  1 
ATOM   771  N N   . MET A 1 115 ? 11.403  3.966   -8.758  1.00 12.47  ? 1406 MET A N   1 
ATOM   772  C CA  . MET A 1 115 ? 10.049  3.428   -9.112  1.00 12.34  ? 1406 MET A CA  1 
ATOM   773  C C   . MET A 1 115 ? 9.153   3.487   -7.870  1.00 11.02  ? 1406 MET A C   1 
ATOM   774  O O   . MET A 1 115 ? 7.959   3.905   -7.969  1.00 11.15  ? 1406 MET A O   1 
ATOM   775  C CB  . MET A 1 115 ? 10.158  1.992   -9.585  1.00 12.24  ? 1406 MET A CB  1 
ATOM   776  C CG  . MET A 1 115 ? 10.851  1.863   -10.936 1.00 14.02  ? 1406 MET A CG  1 
ATOM   777  S SD  . MET A 1 115 ? 11.418  0.236   -11.339 1.00 16.96  ? 1406 MET A SD  1 
ATOM   778  C CE  . MET A 1 115 ? 9.941   -0.444  -11.917 1.00 15.53  ? 1406 MET A CE  1 
ATOM   779  N N   . SER A 1 116 ? 9.723   3.203   -6.692  1.00 11.42  ? 1407 SER A N   1 
ATOM   780  C CA  . SER A 1 116 ? 8.957   3.264   -5.426  1.00 11.18  ? 1407 SER A CA  1 
ATOM   781  C C   . SER A 1 116 ? 8.447   4.677   -5.163  1.00 10.46  ? 1407 SER A C   1 
ATOM   782  O O   . SER A 1 116 ? 7.337   4.842   -4.692  1.00 11.08  ? 1407 SER A O   1 
ATOM   783  C CB  . SER A 1 116 ? 9.758   2.704   -4.221  1.00 12.42  ? 1407 SER A CB  1 
ATOM   784  O OG  . SER A 1 116 ? 10.574  3.665   -3.607  1.00 12.64  ? 1407 SER A OG  1 
ATOM   785  N N   . LEU A 1 117 ? 9.241   5.699   -5.438  1.00 10.86  ? 1408 LEU A N   1 
ATOM   786  C CA  . LEU A 1 117 ? 8.820   7.065   -5.141  1.00 11.55  ? 1408 LEU A CA  1 
ATOM   787  C C   . LEU A 1 117 ? 7.673   7.510   -6.037  1.00 10.97  ? 1408 LEU A C   1 
ATOM   788  O O   . LEU A 1 117 ? 6.726   8.149   -5.591  1.00 11.19  ? 1408 LEU A O   1 
ATOM   789  C CB  . LEU A 1 117 ? 9.984   8.042   -5.260  1.00 13.46  ? 1408 LEU A CB  1 
ATOM   790  C CG  . LEU A 1 117 ? 11.106  7.889   -4.240  1.00 14.91  ? 1408 LEU A CG  1 
ATOM   791  C CD1 . LEU A 1 117 ? 12.172  8.948   -4.522  1.00 17.77  ? 1408 LEU A CD1 1 
ATOM   792  C CD2 . LEU A 1 117 ? 10.609  7.992   -2.798  1.00 17.24  ? 1408 LEU A CD2 1 
ATOM   793  N N   . ARG A 1 118 ? 7.727   7.136   -7.343  1.00 11.09  ? 1409 ARG A N   1 
ATOM   794  C CA  . ARG A 1 118 ? 6.595   7.475   -8.230  1.00 11.00  ? 1409 ARG A CA  1 
ATOM   795  C C   . ARG A 1 118 ? 5.345   6.708   -7.797  1.00 10.47  ? 1409 ARG A C   1 
ATOM   796  O O   . ARG A 1 118 ? 4.236   7.303   -7.746  1.00 10.76  ? 1409 ARG A O   1 
ATOM   797  C CB  . ARG A 1 118 ? 6.933   7.165   -9.687  1.00 11.12  ? 1409 ARG A CB  1 
ATOM   798  C CG  . ARG A 1 118 ? 8.018   8.066   -10.296 1.00 11.96  ? 1409 ARG A CG  1 
ATOM   799  C CD  . ARG A 1 118 ? 8.154   7.853   -11.789 1.00 12.70  ? 1409 ARG A CD  1 
ATOM   800  N NE  . ARG A 1 118 ? 8.581   6.553   -12.150 1.00 12.73  ? 1409 ARG A NE  1 
ATOM   801  C CZ  . ARG A 1 118 ? 9.819   6.198   -12.449 1.00 14.25  ? 1409 ARG A CZ  1 
ATOM   802  N NH1 . ARG A 1 118 ? 10.797  7.066   -12.435 1.00 15.90  ? 1409 ARG A NH1 1 
ATOM   803  N NH2 . ARG A 1 118 ? 10.061  4.927   -12.721 1.00 15.98  ? 1409 ARG A NH2 1 
ATOM   804  N N   . LEU A 1 119 ? 5.493   5.434   -7.502  1.00 10.01  ? 1410 LEU A N   1 
ATOM   805  C CA  . LEU A 1 119 ? 4.336   4.623   -7.126  1.00 10.66  ? 1410 LEU A CA  1 
ATOM   806  C C   . LEU A 1 119 ? 3.741   5.119   -5.805  1.00 10.06  ? 1410 LEU A C   1 
ATOM   807  O O   . LEU A 1 119 ? 2.483   5.154   -5.661  1.00 10.14  ? 1410 LEU A O   1 
ATOM   808  C CB  . LEU A 1 119 ? 4.722   3.162   -7.052  1.00 11.33  ? 1410 LEU A CB  1 
ATOM   809  C CG  . LEU A 1 119 ? 3.541   2.196   -6.989  1.00 11.79  ? 1410 LEU A CG  1 
ATOM   810  C CD1 . LEU A 1 119 ? 2.769   2.246   -8.310  1.00 14.67  ? 1410 LEU A CD1 1 
ATOM   811  C CD2 . LEU A 1 119 ? 4.055   0.791   -6.788  1.00 11.80  ? 1410 LEU A CD2 1 
ATOM   812  N N   . SER A 1 120 ? 4.575   5.540   -4.854  1.00 10.36  ? 1411 SER A N   1 
ATOM   813  C CA  . SER A 1 120 ? 4.096   6.103   -3.579  1.00 11.41  ? 1411 SER A CA  1 
ATOM   814  C C   . SER A 1 120 ? 3.278   7.360   -3.858  1.00 11.22  ? 1411 SER A C   1 
ATOM   815  O O   . SER A 1 120 ? 2.214   7.572   -3.232  1.00 10.42  ? 1411 SER A O   1 
ATOM   816  C CB  . SER A 1 120 ? 5.280   6.365   -2.675  1.00 11.48  ? 1411 SER A CB  1 
ATOM   817  O OG  . SER A 1 120 ? 4.875   7.111   -1.519  1.00 12.71  ? 1411 SER A OG  1 
ATOM   818  N N   . ALA A 1 121 ? 3.754   8.276   -4.713  1.00 10.08  ? 1412 ALA A N   1 
ATOM   819  C CA  . ALA A 1 121 ? 3.000   9.515   -5.017  1.00 10.87  ? 1412 ALA A CA  1 
ATOM   820  C C   . ALA A 1 121 ? 1.641   9.162   -5.613  1.00 9.73   ? 1412 ALA A C   1 
ATOM   821  O O   . ALA A 1 121 ? 0.640   9.780   -5.263  1.00 10.74  ? 1412 ALA A O   1 
ATOM   822  C CB  . ALA A 1 121 ? 3.777   10.430  -5.958  1.00 11.88  ? 1412 ALA A CB  1 
ATOM   823  N N   . PHE A 1 122 ? 1.614   8.168   -6.507  1.00 10.45  ? 1413 PHE A N   1 
ATOM   824  C CA  . PHE A 1 122 ? 0.329   7.737   -7.120  1.00 10.47  ? 1413 PHE A CA  1 
ATOM   825  C C   . PHE A 1 122 ? -0.624  7.193   -6.055  1.00 10.48  ? 1413 PHE A C   1 
ATOM   826  O O   . PHE A 1 122 ? -1.816  7.524   -6.012  1.00 10.86  ? 1413 PHE A O   1 
ATOM   827  C CB  . PHE A 1 122 ? 0.622   6.720   -8.200  1.00 11.86  ? 1413 PHE A CB  1 
ATOM   828  C CG  . PHE A 1 122 ? -0.604  6.129   -8.838  1.00 12.35  ? 1413 PHE A CG  1 
ATOM   829  C CD1 . PHE A 1 122 ? -1.309  6.800   -9.837  1.00 15.31  ? 1413 PHE A CD1 1 
ATOM   830  C CD2 . PHE A 1 122 ? -1.102  4.894   -8.426  1.00 12.55  ? 1413 PHE A CD2 1 
ATOM   831  C CE1 . PHE A 1 122 ? -2.455  6.252   -10.422 1.00 16.22  ? 1413 PHE A CE1 1 
ATOM   832  C CE2 . PHE A 1 122 ? -2.227  4.337   -9.052  1.00 15.62  ? 1413 PHE A CE2 1 
ATOM   833  C CZ  . PHE A 1 122 ? -2.892  5.008   -10.061 1.00 16.17  ? 1413 PHE A CZ  1 
ATOM   834  N N   . PHE A 1 123 ? -0.093  6.285   -5.208  1.00 10.16  ? 1414 PHE A N   1 
ATOM   835  C CA  . PHE A 1 123 ? -0.885  5.701   -4.113  1.00 9.74   ? 1414 PHE A CA  1 
ATOM   836  C C   . PHE A 1 123 ? -1.452  6.780   -3.197  1.00 10.36  ? 1414 PHE A C   1 
ATOM   837  O O   . PHE A 1 123 ? -2.666  6.753   -2.863  1.00 10.80  ? 1414 PHE A O   1 
ATOM   838  C CB  . PHE A 1 123 ? -0.053  4.675   -3.322  1.00 10.15  ? 1414 PHE A CB  1 
ATOM   839  C CG  . PHE A 1 123 ? -0.779  4.105   -2.125  1.00 10.53  ? 1414 PHE A CG  1 
ATOM   840  C CD1 . PHE A 1 123 ? -1.804  3.200   -2.263  1.00 10.80  ? 1414 PHE A CD1 1 
ATOM   841  C CD2 . PHE A 1 123 ? -0.483  4.602   -0.858  1.00 11.43  ? 1414 PHE A CD2 1 
ATOM   842  C CE1 . PHE A 1 123 ? -2.473  2.757   -1.107  1.00 11.22  ? 1414 PHE A CE1 1 
ATOM   843  C CE2 . PHE A 1 123 ? -1.160  4.144   0.265   1.00 11.70  ? 1414 PHE A CE2 1 
ATOM   844  C CZ  . PHE A 1 123 ? -2.140  3.245   0.121   1.00 11.35  ? 1414 PHE A CZ  1 
ATOM   845  N N   . GLU A 1 124 ? -0.626  7.693   -2.741  1.00 10.16  ? 1415 GLU A N   1 
ATOM   846  C CA  . GLU A 1 124 ? -1.080  8.709   -1.779  1.00 11.29  ? 1415 GLU A CA  1 
ATOM   847  C C   . GLU A 1 124 ? -2.144  9.599   -2.400  1.00 11.53  ? 1415 GLU A C   1 
ATOM   848  O O   . GLU A 1 124 ? -3.113  9.994   -1.736  1.00 12.77  ? 1415 GLU A O   1 
ATOM   849  C CB  . GLU A 1 124 ? 0.095   9.556   -1.290  1.00 12.48  ? 1415 GLU A CB  1 
ATOM   850  C CG  . GLU A 1 124 ? 1.071   8.768   -0.387  1.00 13.30  ? 1415 GLU A CG  1 
ATOM   851  C CD  . GLU A 1 124 ? 0.532   8.231   0.953   1.00 14.05  ? 1415 GLU A CD  1 
ATOM   852  O OE1 . GLU A 1 124 ? -0.423  8.858   1.466   1.00 15.93  ? 1415 GLU A OE1 1 
ATOM   853  O OE2 . GLU A 1 124 ? 1.010   7.176   1.431   1.00 13.92  ? 1415 GLU A OE2 1 
ATOM   854  N N   . GLU A 1 125 ? -1.986  9.945   -3.687  1.00 11.18  ? 1416 GLU A N   1 
ATOM   855  C CA  . GLU A 1 125 ? -2.984  10.790  -4.388  1.00 11.82  ? 1416 GLU A CA  1 
ATOM   856  C C   . GLU A 1 125 ? -4.329  10.099  -4.377  1.00 11.46  ? 1416 GLU A C   1 
ATOM   857  O O   . GLU A 1 125 ? -5.364  10.791  -4.228  1.00 13.55  ? 1416 GLU A O   1 
ATOM   858  C CB  . GLU A 1 125 ? -2.473  10.957  -5.817  1.00 11.52  ? 1416 GLU A CB  1 
ATOM   859  C CG  . GLU A 1 125 ? -3.395  11.682  -6.804  1.00 13.14  ? 1416 GLU A CG  1 
ATOM   860  C CD  . GLU A 1 125 ? -2.713  11.820  -8.163  1.00 13.71  ? 1416 GLU A CD  1 
ATOM   861  O OE1 . GLU A 1 125 ? -1.638  12.551  -8.202  1.00 14.04  ? 1416 GLU A OE1 1 
ATOM   862  O OE2 . GLU A 1 125 ? -3.101  11.105  -9.111  1.00 16.01  ? 1416 GLU A OE2 1 
ATOM   863  N N   . HIS A 1 126 ? -4.386  8.803   -4.555  1.00 11.39  ? 1417 HIS A N   1 
ATOM   864  C CA  . HIS A 1 126 ? -5.646  8.049   -4.682  1.00 13.03  ? 1417 HIS A CA  1 
ATOM   865  C C   . HIS A 1 126 ? -6.220  7.589   -3.321  1.00 12.21  ? 1417 HIS A C   1 
ATOM   866  O O   . HIS A 1 126 ? -7.460  7.525   -3.142  1.00 14.90  ? 1417 HIS A O   1 
ATOM   867  C CB  . HIS A 1 126 ? -5.454  6.851   -5.632  1.00 13.95  ? 1417 HIS A CB  1 
ATOM   868  C CG  . HIS A 1 126 ? -5.426  7.265   -7.061  1.00 17.32  ? 1417 HIS A CG  1 
ATOM   869  N ND1 . HIS A 1 126 ? -4.368  7.895   -7.658  1.00 17.40  ? 1417 HIS A ND1 1 
ATOM   870  C CD2 . HIS A 1 126 ? -6.345  7.033   -8.018  1.00 22.18  ? 1417 HIS A CD2 1 
ATOM   871  C CE1 . HIS A 1 126 ? -4.742  8.221   -8.894  1.00 18.91  ? 1417 HIS A CE1 1 
ATOM   872  N NE2 . HIS A 1 126 ? -5.844  7.588   -9.170  1.00 24.82  ? 1417 HIS A NE2 1 
ATOM   873  N N   . ILE A 1 127 ? -5.389  7.286   -2.320  1.00 11.70  ? 1418 ILE A N   1 
ATOM   874  C CA  . ILE A 1 127 ? -5.902  6.767   -1.032  1.00 11.63  ? 1418 ILE A CA  1 
ATOM   875  C C   . ILE A 1 127 ? -6.513  7.885   -0.173  1.00 11.90  ? 1418 ILE A C   1 
ATOM   876  O O   . ILE A 1 127 ? -7.315  7.598   0.726   1.00 11.23  ? 1418 ILE A O   1 
ATOM   877  C CB  . ILE A 1 127 ? -4.785  6.037   -0.248  1.00 11.28  ? 1418 ILE A CB  1 
ATOM   878  C CG1 . ILE A 1 127 ? -5.300  5.002   0.788   1.00 13.09  ? 1418 ILE A CG1 1 
ATOM   879  C CG2 . ILE A 1 127 ? -3.836  6.998   0.457   1.00 11.93  ? 1418 ILE A CG2 1 
ATOM   880  C CD1 . ILE A 1 127 ? -6.117  3.893   0.236   1.00 14.20  ? 1418 ILE A CD1 1 
ATOM   881  N N   A SER A 1 128 ? -6.131  9.142   -0.395  0.25 11.83  ? 1419 SER A N   1 
ATOM   882  N N   B SER A 1 128 ? -6.113  9.135   -0.421  0.25 11.89  ? 1419 SER A N   1 
ATOM   883  C CA  A SER A 1 128 ? -6.588  10.266  0.467   0.25 12.21  ? 1419 SER A CA  1 
ATOM   884  C CA  B SER A 1 128 ? -6.590  10.329  0.329   0.25 12.53  ? 1419 SER A CA  1 
ATOM   885  C C   A SER A 1 128 ? -8.136  10.330  0.534   0.25 11.82  ? 1419 SER A C   1 
ATOM   886  C C   B SER A 1 128 ? -8.117  10.303  0.514   0.25 11.98  ? 1419 SER A C   1 
ATOM   887  O O   A SER A 1 128 ? -8.660  10.478  1.657   0.25 12.48  ? 1419 SER A O   1 
ATOM   888  O O   B SER A 1 128 ? -8.588  10.403  1.665   0.25 12.87  ? 1419 SER A O   1 
ATOM   889  C CB  A SER A 1 128 ? -5.943  11.574  0.032   0.25 12.97  ? 1419 SER A CB  1 
ATOM   890  C CB  B SER A 1 128 ? -6.150  11.604  -0.369  0.25 13.03  ? 1419 SER A CB  1 
ATOM   891  O OG  A SER A 1 128 ? -6.221  11.848  -1.328  0.25 14.88  ? 1419 SER A OG  1 
ATOM   892  O OG  B SER A 1 128 ? -6.641  12.735  0.336   0.25 16.17  ? 1419 SER A OG  1 
ATOM   893  N N   . SER A 1 129 ? -8.861  10.206  -0.581  1.00 11.83  ? 1420 SER A N   1 
ATOM   894  C CA  . SER A 1 129 ? -10.341 10.285  -0.542  1.00 12.73  ? 1420 SER A CA  1 
ATOM   895  C C   . SER A 1 129 ? -10.904 9.030   0.155   1.00 12.02  ? 1420 SER A C   1 
ATOM   896  O O   . SER A 1 129 ? -11.966 9.131   0.776   1.00 12.29  ? 1420 SER A O   1 
ATOM   897  C CB  . SER A 1 129 ? -10.922 10.464  -1.895  1.00 15.69  ? 1420 SER A CB  1 
ATOM   898  O OG  . SER A 1 129 ? -10.600 9.443   -2.787  1.00 21.91  ? 1420 SER A OG  1 
ATOM   899  N N   . VAL A 1 130 ? -10.270 7.879   -0.063  1.00 10.71  ? 1421 VAL A N   1 
ATOM   900  C CA  . VAL A 1 130 ? -10.729 6.611   0.566   1.00 10.63  ? 1421 VAL A CA  1 
ATOM   901  C C   . VAL A 1 130 ? -10.707 6.794   2.068   1.00 10.61  ? 1421 VAL A C   1 
ATOM   902  O O   . VAL A 1 130 ? -11.697 6.479   2.811   1.00 11.25  ? 1421 VAL A O   1 
ATOM   903  C CB  . VAL A 1 130 ? -9.883  5.431   0.117   1.00 10.54  ? 1421 VAL A CB  1 
ATOM   904  C CG1 . VAL A 1 130 ? -10.329 4.150   0.825   1.00 11.15  ? 1421 VAL A CG1 1 
ATOM   905  C CG2 . VAL A 1 130 ? -9.947  5.267   -1.373  1.00 11.71  ? 1421 VAL A CG2 1 
ATOM   906  N N   . LEU A 1 131 ? -9.600  7.287   2.615   1.00 10.83  ? 1422 LEU A N   1 
ATOM   907  C CA  . LEU A 1 131 ? -9.455  7.501   4.059   1.00 10.78  ? 1422 LEU A CA  1 
ATOM   908  C C   . LEU A 1 131 ? -10.448 8.546   4.558   1.00 10.86  ? 1422 LEU A C   1 
ATOM   909  O O   . LEU A 1 131 ? -11.096 8.354   5.615   1.00 11.63  ? 1422 LEU A O   1 
ATOM   910  C CB  . LEU A 1 131 ? -8.012  7.931   4.401   1.00 11.95  ? 1422 LEU A CB  1 
ATOM   911  C CG  . LEU A 1 131 ? -6.917  6.906   4.159   1.00 12.13  ? 1422 LEU A CG  1 
ATOM   912  C CD1 . LEU A 1 131 ? -5.531  7.543   4.228   1.00 14.00  ? 1422 LEU A CD1 1 
ATOM   913  C CD2 . LEU A 1 131 ? -7.094  5.737   5.103   1.00 14.50  ? 1422 LEU A CD2 1 
ATOM   914  N N   A SER A 1 132 ? -10.519 9.678   3.869   0.40 11.30  ? 1423 SER A N   1 
ATOM   915  N N   B SER A 1 132 ? -10.569 9.658   3.835   0.10 11.39  ? 1423 SER A N   1 
ATOM   916  C CA  A SER A 1 132 ? -11.447 10.757  4.287   0.40 11.61  ? 1423 SER A CA  1 
ATOM   917  C CA  B SER A 1 132 ? -11.439 10.796  4.227   0.10 11.64  ? 1423 SER A CA  1 
ATOM   918  C C   A SER A 1 132 ? -12.886 10.237  4.334   0.40 11.42  ? 1423 SER A C   1 
ATOM   919  C C   B SER A 1 132 ? -12.914 10.371  4.238   0.10 11.42  ? 1423 SER A C   1 
ATOM   920  O O   A SER A 1 132 ? -13.596 10.509  5.347   0.40 11.56  ? 1423 SER A O   1 
ATOM   921  O O   B SER A 1 132 ? -13.678 10.814  5.116   0.10 11.00  ? 1423 SER A O   1 
ATOM   922  C CB  A SER A 1 132 ? -11.364 11.969  3.393   0.40 12.66  ? 1423 SER A CB  1 
ATOM   923  C CB  B SER A 1 132 ? -11.219 11.970  3.323   0.10 12.26  ? 1423 SER A CB  1 
ATOM   924  O OG  A SER A 1 132 ? -10.088 12.565  3.447   0.40 13.84  ? 1423 SER A OG  1 
ATOM   925  O OG  B SER A 1 132 ? -11.757 13.141  3.907   0.10 13.26  ? 1423 SER A OG  1 
ATOM   926  N N   . ASP A 1 133 ? -13.325 9.562   3.268   1.00 11.00  ? 1424 ASP A N   1 
ATOM   927  C CA  . ASP A 1 133 ? -14.722 9.080   3.229   1.00 11.68  ? 1424 ASP A CA  1 
ATOM   928  C C   . ASP A 1 133 ? -14.995 8.095   4.350   1.00 11.21  ? 1424 ASP A C   1 
ATOM   929  O O   . ASP A 1 133 ? -16.070 8.157   4.993   1.00 11.60  ? 1424 ASP A O   1 
ATOM   930  C CB  . ASP A 1 133 ? -15.070 8.494   1.879   1.00 13.29  ? 1424 ASP A CB  1 
ATOM   931  C CG  . ASP A 1 133 ? -15.241 9.456   0.723   1.00 17.50  ? 1424 ASP A CG  1 
ATOM   932  O OD1 . ASP A 1 133 ? -15.078 10.689  0.892   1.00 18.59  ? 1424 ASP A OD1 1 
ATOM   933  O OD2 . ASP A 1 133 ? -15.546 8.951   -0.364  1.00 21.37  ? 1424 ASP A OD2 1 
ATOM   934  N N   . TYR A 1 134 ? -14.054 7.181   4.616   1.00 10.48  ? 1425 TYR A N   1 
ATOM   935  C CA  . TYR A 1 134 ? -14.245 6.178   5.682   1.00 10.31  ? 1425 TYR A CA  1 
ATOM   936  C C   . TYR A 1 134 ? -14.393 6.895   7.018   1.00 11.23  ? 1425 TYR A C   1 
ATOM   937  O O   . TYR A 1 134 ? -15.269 6.581   7.827   1.00 11.17  ? 1425 TYR A O   1 
ATOM   938  C CB  . TYR A 1 134 ? -13.093 5.148   5.693   1.00 10.86  ? 1425 TYR A CB  1 
ATOM   939  C CG  . TYR A 1 134 ? -13.172 4.189   6.828   1.00 11.46  ? 1425 TYR A CG  1 
ATOM   940  C CD1 . TYR A 1 134 ? -14.071 3.147   6.786   1.00 12.49  ? 1425 TYR A CD1 1 
ATOM   941  C CD2 . TYR A 1 134 ? -12.409 4.373   7.970   1.00 13.05  ? 1425 TYR A CD2 1 
ATOM   942  C CE1 . TYR A 1 134 ? -14.159 2.246   7.829   1.00 14.49  ? 1425 TYR A CE1 1 
ATOM   943  C CE2 . TYR A 1 134 ? -12.473 3.469   8.995   1.00 14.18  ? 1425 TYR A CE2 1 
ATOM   944  C CZ  . TYR A 1 134 ? -13.378 2.450   8.947   1.00 14.13  ? 1425 TYR A CZ  1 
ATOM   945  O OH  . TYR A 1 134 ? -13.442 1.538   9.988   1.00 18.39  ? 1425 TYR A OH  1 
ATOM   946  N N   . LYS A 1 135 ? -13.479 7.839   7.302   1.00 11.08  ? 1426 LYS A N   1 
ATOM   947  C CA  . LYS A 1 135 ? -13.453 8.479   8.622   1.00 10.68  ? 1426 LYS A CA  1 
ATOM   948  C C   . LYS A 1 135 ? -14.729 9.307   8.812   1.00 10.81  ? 1426 LYS A C   1 
ATOM   949  O O   . LYS A 1 135 ? -15.285 9.324   9.887   1.00 11.06  ? 1426 LYS A O   1 
ATOM   950  C CB  . LYS A 1 135 ? -12.169 9.305   8.812   1.00 12.00  ? 1426 LYS A CB  1 
ATOM   951  C CG  . LYS A 1 135 ? -10.926 8.405   8.920   1.00 13.00  ? 1426 LYS A CG  1 
ATOM   952  C CD  . LYS A 1 135 ? -9.621  9.225   8.975   1.00 13.81  ? 1426 LYS A CD  1 
ATOM   953  C CE  . LYS A 1 135 ? -8.375  8.360   9.047   1.00 16.97  ? 1426 LYS A CE  1 
ATOM   954  N NZ  . LYS A 1 135 ? -7.208  9.063   9.651   1.00 22.09  ? 1426 LYS A NZ  1 
ATOM   955  N N   A SER A 1 136 ? -15.171 9.954   7.760   0.40 11.13  ? 1427 SER A N   1 
ATOM   956  N N   B SER A 1 136 ? -15.209 9.949   7.757   0.10 10.84  ? 1427 SER A N   1 
ATOM   957  C CA  A SER A 1 136 ? -16.454 10.708  7.763   0.40 11.80  ? 1427 SER A CA  1 
ATOM   958  C CA  B SER A 1 136 ? -16.462 10.743  7.818   0.10 10.94  ? 1427 SER A CA  1 
ATOM   959  C C   A SER A 1 136 ? -17.623 9.764   8.071   0.40 11.68  ? 1427 SER A C   1 
ATOM   960  C C   B SER A 1 136 ? -17.675 9.812   7.994   0.10 11.39  ? 1427 SER A C   1 
ATOM   961  O O   A SER A 1 136 ? -18.517 10.106  8.862   0.40 10.63  ? 1427 SER A O   1 
ATOM   962  O O   B SER A 1 136 ? -18.623 10.222  8.684   0.10 11.13  ? 1427 SER A O   1 
ATOM   963  C CB  A SER A 1 136 ? -16.620 11.390  6.444   0.40 12.87  ? 1427 SER A CB  1 
ATOM   964  C CB  B SER A 1 136 ? -16.579 11.630  6.619   0.10 10.83  ? 1427 SER A CB  1 
ATOM   965  O OG  A SER A 1 136 ? -17.951 11.873  6.299   0.40 16.98  ? 1427 SER A OG  1 
ATOM   966  O OG  B SER A 1 136 ? -17.182 10.940  5.542   0.10 10.68  ? 1427 SER A OG  1 
ATOM   967  N N   . ALA A 1 137 ? -17.642 8.595   7.430   1.00 12.02  ? 1428 ALA A N   1 
ATOM   968  C CA  . ALA A 1 137 ? -18.724 7.577   7.615   1.00 12.41  ? 1428 ALA A CA  1 
ATOM   969  C C   . ALA A 1 137 ? -18.753 7.138   9.037   1.00 12.59  ? 1428 ALA A C   1 
ATOM   970  O O   . ALA A 1 137 ? -19.844 7.012   9.635   1.00 13.77  ? 1428 ALA A O   1 
ATOM   971  C CB  . ALA A 1 137 ? -18.540 6.398   6.700   1.00 14.08  ? 1428 ALA A CB  1 
ATOM   972  N N   . LEU A 1 138 ? -17.592 6.868   9.625   1.00 12.91  ? 1429 LEU A N   1 
ATOM   973  C CA  . LEU A 1 138 ? -17.486 6.468   11.044  1.00 13.69  ? 1429 LEU A CA  1 
ATOM   974  C C   . LEU A 1 138 ? -18.080 7.569   11.922  1.00 12.81  ? 1429 LEU A C   1 
ATOM   975  O O   . LEU A 1 138 ? -18.873 7.257   12.817  1.00 13.29  ? 1429 LEU A O   1 
ATOM   976  C CB  . LEU A 1 138 ? -16.019 6.213   11.410  1.00 16.05  ? 1429 LEU A CB  1 
ATOM   977  C CG  . LEU A 1 138 ? -15.636 4.775   11.752  1.00 17.29  ? 1429 LEU A CG  1 
ATOM   978  C CD1 . LEU A 1 138 ? -16.229 3.769   10.800  1.00 17.65  ? 1429 LEU A CD1 1 
ATOM   979  C CD2 . LEU A 1 138 ? -14.130 4.619   11.838  1.00 17.39  ? 1429 LEU A CD2 1 
ATOM   980  N N   . ARG A 1 139 ? -17.658 8.816   11.701  1.00 11.58  ? 1430 ARG A N   1 
ATOM   981  C CA  . ARG A 1 139 ? -18.127 9.948   12.519  1.00 11.49  ? 1430 ARG A CA  1 
ATOM   982  C C   . ARG A 1 139 ? -19.671 10.030  12.397  1.00 10.78  ? 1430 ARG A C   1 
ATOM   983  O O   . ARG A 1 139 ? -20.347 10.239  13.434  1.00 12.91  ? 1430 ARG A O   1 
ATOM   984  C CB  . ARG A 1 139 ? -17.464 11.260  12.140  1.00 12.15  ? 1430 ARG A CB  1 
ATOM   985  C CG  . ARG A 1 139 ? -15.984 11.321  12.497  1.00 12.33  ? 1430 ARG A CG  1 
ATOM   986  C CD  . ARG A 1 139 ? -15.427 12.727  12.268  1.00 12.34  ? 1430 ARG A CD  1 
ATOM   987  N NE  . ARG A 1 139 ? -15.413 13.173  10.920  1.00 12.19  ? 1430 ARG A NE  1 
ATOM   988  C CZ  . ARG A 1 139 ? -14.385 13.086  10.049  1.00 11.42  ? 1430 ARG A CZ  1 
ATOM   989  N NH1 . ARG A 1 139 ? -13.279 12.409  10.384  1.00 12.86  ? 1430 ARG A NH1 1 
ATOM   990  N NH2 . ARG A 1 139 ? -14.460 13.631  8.858   1.00 12.56  ? 1430 ARG A NH2 1 
ATOM   991  N N   . PHE A 1 140 ? -20.222 9.890   11.186  1.00 10.33  ? 1431 PHE A N   1 
ATOM   992  C CA  . PHE A 1 140 ? -21.679 9.962   10.996  1.00 11.12  ? 1431 PHE A CA  1 
ATOM   993  C C   . PHE A 1 140 ? -22.369 8.843   11.785  1.00 11.59  ? 1431 PHE A C   1 
ATOM   994  O O   . PHE A 1 140 ? -23.376 9.050   12.465  1.00 12.59  ? 1431 PHE A O   1 
ATOM   995  C CB  . PHE A 1 140 ? -22.016 9.939   9.522   1.00 11.63  ? 1431 PHE A CB  1 
ATOM   996  C CG  . PHE A 1 140 ? -23.478 10.204  9.268   1.00 12.57  ? 1431 PHE A CG  1 
ATOM   997  C CD1 . PHE A 1 140 ? -24.010 11.494  9.282   1.00 14.94  ? 1431 PHE A CD1 1 
ATOM   998  C CD2 . PHE A 1 140 ? -24.341 9.163   9.034   1.00 13.77  ? 1431 PHE A CD2 1 
ATOM   999  C CE1 . PHE A 1 140 ? -25.371 11.713  9.026   1.00 16.46  ? 1431 PHE A CE1 1 
ATOM   1000 C CE2 . PHE A 1 140 ? -25.697 9.369   8.800   1.00 16.81  ? 1431 PHE A CE2 1 
ATOM   1001 C CZ  . PHE A 1 140 ? -26.195 10.645  8.788   1.00 16.55  ? 1431 PHE A CZ  1 
ATOM   1002 N N   . HIS A 1 141 ? -21.774 7.658   11.799  1.00 12.99  ? 1432 HIS A N   1 
ATOM   1003 C CA  . HIS A 1 141 ? -22.344 6.504   12.557  1.00 13.64  ? 1432 HIS A CA  1 
ATOM   1004 C C   . HIS A 1 141 ? -22.438 6.822   14.049  1.00 17.98  ? 1432 HIS A C   1 
ATOM   1005 O O   . HIS A 1 141 ? -23.420 6.381   14.713  1.00 18.14  ? 1432 HIS A O   1 
ATOM   1006 C CB  . HIS A 1 141 ? -21.481 5.277   12.338  1.00 15.19  ? 1432 HIS A CB  1 
ATOM   1007 C CG  . HIS A 1 141 ? -22.174 4.039   12.814  1.00 15.09  ? 1432 HIS A CG  1 
ATOM   1008 N ND1 . HIS A 1 141 ? -23.277 3.494   12.147  1.00 13.95  ? 1432 HIS A ND1 1 
ATOM   1009 C CD2 . HIS A 1 141 ? -21.905 3.257   13.871  1.00 16.30  ? 1432 HIS A CD2 1 
ATOM   1010 C CE1 . HIS A 1 141 ? -23.628 2.379   12.800  1.00 14.42  ? 1432 HIS A CE1 1 
ATOM   1011 N NE2 . HIS A 1 141 ? -22.801 2.205   13.820  1.00 15.87  ? 1432 HIS A NE2 1 
ATOM   1012 N N   . LYS A 1 142 ? -21.461 7.552   14.588  1.00 19.17  ? 1433 LYS A N   1 
ATOM   1013 C CA  . LYS A 1 142 ? -21.365 7.897   16.035  1.00 21.44  ? 1433 LYS A CA  1 
ATOM   1014 C C   . LYS A 1 142 ? -22.082 9.218   16.350  1.00 23.01  ? 1433 LYS A C   1 
ATOM   1015 O O   . LYS A 1 142 ? -22.086 9.600   17.541  1.00 26.78  ? 1433 LYS A O   1 
ATOM   1016 C CB  . LYS A 1 142 ? -19.890 7.982   16.440  1.00 24.35  ? 1433 LYS A CB  1 
ATOM   1017 C CG  . LYS A 1 142 ? -19.054 6.794   15.989  1.00 25.64  ? 1433 LYS A CG  1 
ATOM   1018 C CD  . LYS A 1 142 ? -19.562 5.461   16.498  1.00 27.75  ? 1433 LYS A CD  1 
ATOM   1019 C CE  . LYS A 1 142 ? -18.877 4.272   15.861  1.00 29.34  ? 1433 LYS A CE  1 
ATOM   1020 N NZ  . LYS A 1 142 ? -19.360 2.998   16.438  1.00 29.66  ? 1433 LYS A NZ  1 
ATOM   1021 N N   . ARG A 1 143 ? -22.694 9.876   15.362  1.00 21.92  ? 1434 ARG A N   1 
ATOM   1022 C CA  . ARG A 1 143 ? -23.190 11.273  15.488  1.00 25.24  ? 1434 ARG A CA  1 
ATOM   1023 C C   . ARG A 1 143 ? -24.161 11.472  16.667  1.00 33.98  ? 1434 ARG A C   1 
ATOM   1024 O O   . ARG A 1 143 ? -24.310 12.629  17.112  1.00 36.66  ? 1434 ARG A O   1 
ATOM   1025 C CB  . ARG A 1 143 ? -23.795 11.753  14.173  1.00 22.91  ? 1434 ARG A CB  1 
ATOM   1026 C CG  . ARG A 1 143 ? -25.180 11.189  13.910  1.00 21.57  ? 1434 ARG A CG  1 
ATOM   1027 C CD  . ARG A 1 143 ? -25.596 11.455  12.505  1.00 21.46  ? 1434 ARG A CD  1 
ATOM   1028 N NE  . ARG A 1 143 ? -26.922 10.929  12.263  1.00 20.32  ? 1434 ARG A NE  1 
ATOM   1029 C CZ  . ARG A 1 143 ? -27.225 9.696   11.991  1.00 20.13  ? 1434 ARG A CZ  1 
ATOM   1030 N NH1 . ARG A 1 143 ? -26.292 8.752   11.931  1.00 16.74  ? 1434 ARG A NH1 1 
ATOM   1031 N NH2 . ARG A 1 143 ? -28.489 9.372   11.761  1.00 24.06  ? 1434 ARG A NH2 1 
ATOM   1032 N N   . ASN A 1 144 ? -24.882 10.427  17.082  1.00 30.79  ? 1435 ASN A N   1 
ATOM   1033 C CA  . ASN A 1 144 ? -25.885 10.478  18.187  1.00 33.56  ? 1435 ASN A CA  1 
ATOM   1034 C C   . ASN A 1 144 ? -25.399 9.576   19.329  1.00 34.74  ? 1435 ASN A C   1 
ATOM   1035 O O   . ASN A 1 144 ? -26.264 9.091   20.093  1.00 37.61  ? 1435 ASN A O   1 
ATOM   1036 C CB  . ASN A 1 144 ? -27.290 10.059  17.736  1.00 32.52  ? 1435 ASN A CB  1 
ATOM   1037 C CG  . ASN A 1 144 ? -27.887 10.935  16.650  1.00 32.13  ? 1435 ASN A CG  1 
ATOM   1038 O OD1 . ASN A 1 144 ? -28.010 12.150  16.812  1.00 31.87  ? 1435 ASN A OD1 1 
ATOM   1039 N ND2 . ASN A 1 144 ? -28.289 10.323  15.546  1.00 28.34  ? 1435 ASN A ND2 1 
HETATM 1040 N N1  . ZKQ B 2 .   ? 11.485  -7.668  -6.312  0.59 25.78  ? 1901 ZKQ A N1  1 
HETATM 1041 N N3  . ZKQ B 2 .   ? 13.788  -4.239  -3.463  0.59 22.80  ? 1901 ZKQ A N3  1 
HETATM 1042 C C4  . ZKQ B 2 .   ? 10.230  -10.882 -7.656  0.59 29.78  ? 1901 ZKQ A C4  1 
HETATM 1043 C C5  . ZKQ B 2 .   ? 10.569  -9.871  -6.768  0.59 29.04  ? 1901 ZKQ A C5  1 
HETATM 1044 C C6  . ZKQ B 2 .   ? 11.124  -8.684  -7.232  0.59 27.65  ? 1901 ZKQ A C6  1 
HETATM 1045 C C7  . ZKQ B 2 .   ? 12.781  -7.429  -5.935  0.59 25.21  ? 1901 ZKQ A C7  1 
HETATM 1046 C C8  . ZKQ B 2 .   ? 12.076  -5.275  -4.820  0.59 22.17  ? 1901 ZKQ A C8  1 
HETATM 1047 C C10 . ZKQ B 2 .   ? 14.727  -5.330  -3.726  0.59 22.80  ? 1901 ZKQ A C10 1 
HETATM 1048 C C13 . ZKQ B 2 .   ? 15.268  -2.267  -3.735  0.59 21.49  ? 1901 ZKQ A C13 1 
HETATM 1049 C C15 . ZKQ B 2 .   ? 16.912  -0.845  -4.234  0.59 20.66  ? 1901 ZKQ A C15 1 
HETATM 1050 C C1  . ZKQ B 2 .   ? 11.328  -8.566  -8.607  0.59 27.55  ? 1901 ZKQ A C1  1 
HETATM 1051 C C11 . ZKQ B 2 .   ? 14.462  -5.884  -5.112  0.59 23.05  ? 1901 ZKQ A C11 1 
HETATM 1052 C C12 . ZKQ B 2 .   ? 14.042  -2.927  -3.306  0.59 21.62  ? 1901 ZKQ A C12 1 
HETATM 1053 C C14 . ZKQ B 2 .   ? 15.663  -0.980  -3.578  0.59 22.10  ? 1901 ZKQ A C14 1 
HETATM 1054 C C16 . ZKQ B 2 .   ? 17.203  -2.072  -4.754  0.59 22.71  ? 1901 ZKQ A C16 1 
HETATM 1055 C C2  . ZKQ B 2 .   ? 10.995  -9.562  -9.493  0.59 28.70  ? 1901 ZKQ A C2  1 
HETATM 1056 C C3  . ZKQ B 2 .   ? 10.437  -10.725 -9.008  0.59 29.76  ? 1901 ZKQ A C3  1 
HETATM 1057 C C9  . ZKQ B 2 .   ? 12.413  -4.737  -3.446  0.59 23.31  ? 1901 ZKQ A C9  1 
HETATM 1058 F F1  . ZKQ B 2 .   ? 11.873  -7.415  -9.080  0.59 27.85  ? 1901 ZKQ A F1  1 
HETATM 1059 N N2  . ZKQ B 2 .   ? 13.056  -6.265  -5.287  0.59 23.23  ? 1901 ZKQ A N2  1 
HETATM 1060 O O1  . ZKQ B 2 .   ? 13.670  -8.236  -6.211  0.59 26.28  ? 1901 ZKQ A O1  1 
HETATM 1061 O O2  . ZKQ B 2 .   ? 13.147  -2.199  -2.890  0.59 20.93  ? 1901 ZKQ A O2  1 
HETATM 1062 O O3  . ZKQ B 2 .   ? 16.202  -2.956  -4.461  0.59 21.76  ? 1901 ZKQ A O3  1 
HETATM 1063 O O   . HOH C 3 .   ? 10.694  -12.075 -4.746  0.59 38.34  ? 2001 HOH A O   1 
HETATM 1064 O O   . HOH C 3 .   ? 19.992  -12.651 6.623   1.00 40.78  ? 2002 HOH A O   1 
HETATM 1065 O O   . HOH C 3 .   ? 18.818  -4.506  -7.849  1.00 39.99  ? 2003 HOH A O   1 
HETATM 1066 O O   . HOH C 3 .   ? -14.081 -3.263  15.876  1.00 34.55  ? 2004 HOH A O   1 
HETATM 1067 O O   . HOH C 3 .   ? 13.357  -10.490 -5.520  0.59 33.27  ? 2005 HOH A O   1 
HETATM 1068 O O   . HOH C 3 .   ? 12.972  4.261   -12.422 1.00 28.24  ? 2006 HOH A O   1 
HETATM 1069 O O   . HOH C 3 .   ? -11.115 -5.865  13.798  1.00 35.34  ? 2007 HOH A O   1 
HETATM 1070 O O   . HOH C 3 .   ? 18.894  0.967   5.729   1.00 23.13  ? 2008 HOH A O   1 
HETATM 1071 O O   . HOH C 3 .   ? 24.231  6.240   -1.446  1.00 24.25  ? 2009 HOH A O   1 
HETATM 1072 O O   . HOH C 3 .   ? 9.806   -6.636  -14.965 0.59 29.12  ? 2010 HOH A O   1 
HETATM 1073 O O   . HOH C 3 .   ? -15.006 -0.456  9.903   1.00 32.96  ? 2011 HOH A O   1 
HETATM 1074 O O   . HOH C 3 .   ? 9.221   -13.924 -4.766  1.00 41.50  ? 2012 HOH A O   1 
HETATM 1075 O O   . HOH C 3 .   ? -18.895 14.169  6.919   1.00 22.47  ? 2013 HOH A O   1 
HETATM 1076 O O   . HOH C 3 .   ? 12.281  -3.446  -0.375  0.59 14.13  ? 2014 HOH A O   1 
HETATM 1077 O O   . HOH C 3 .   ? -13.377 -10.977 1.979   1.00 15.86  ? 2015 HOH A O   1 
HETATM 1078 O O   . HOH C 3 .   ? -28.035 7.742   15.495  1.00 48.75  ? 2016 HOH A O   1 
HETATM 1079 O O   . HOH C 3 .   ? -1.329  -6.899  7.780   1.00 33.27  ? 2017 HOH A O   1 
HETATM 1080 O O   . HOH C 3 .   ? 16.864  8.262   -9.858  1.00 39.84  ? 2018 HOH A O   1 
HETATM 1081 O O   . HOH C 3 .   ? 9.215   1.834   -14.651 1.00 35.67  ? 2019 HOH A O   1 
HETATM 1082 O O   . HOH C 3 .   ? 14.704  11.152  1.130   1.00 37.20  ? 2020 HOH A O   1 
HETATM 1083 O O   . HOH C 3 .   ? -1.236  14.559  -6.541  1.00 22.06  ? 2021 HOH A O   1 
HETATM 1084 O O   . HOH C 3 .   ? -9.426  7.445   -4.900  1.00 28.51  ? 2022 HOH A O   1 
HETATM 1085 O O   . HOH C 3 .   ? 19.262  3.201   2.279   1.00 19.37  ? 2023 HOH A O   1 
HETATM 1086 O O   . HOH C 3 .   ? -14.429 13.026  1.969   1.00 28.75  ? 2024 HOH A O   1 
HETATM 1087 O O   . HOH C 3 .   ? 5.877   -9.873  6.476   1.00 27.28  ? 2025 HOH A O   1 
HETATM 1088 O O   . HOH C 3 .   ? 3.268   6.095   0.538   1.00 17.10  ? 2026 HOH A O   1 
HETATM 1089 O O   . HOH C 3 .   ? 14.288  10.503  -1.735  1.00 32.17  ? 2027 HOH A O   1 
HETATM 1090 O O   . HOH C 3 .   ? -8.053  1.012   12.100  1.00 26.90  ? 2028 HOH A O   1 
HETATM 1091 O O   . HOH C 3 .   ? 9.492   -6.101  1.240   0.59 14.08  ? 2029 HOH A O   1 
HETATM 1092 O O   . HOH C 3 .   ? -26.632 14.091  15.576  1.00 38.99  ? 2030 HOH A O   1 
HETATM 1093 O O   . HOH C 3 .   ? -25.383 7.778   15.889  1.00 40.62  ? 2031 HOH A O   1 
HETATM 1094 O O   . HOH C 3 .   ? 24.046  -6.277  3.957   0.59 21.31  ? 2032 HOH A O   1 
HETATM 1095 O O   . HOH C 3 .   ? -6.426  10.702  7.658   1.00 35.06  ? 2033 HOH A O   1 
HETATM 1096 O O   . HOH C 3 .   ? -15.206 -6.740  -1.520  1.00 27.46  ? 2034 HOH A O   1 
HETATM 1097 O O   . HOH C 3 .   ? -2.622  10.370  1.014   1.00 16.45  ? 2035 HOH A O   1 
HETATM 1098 O O   . HOH C 3 .   ? 8.901   -7.164  -3.406  0.59 16.38  ? 2036 HOH A O   1 
HETATM 1099 O O   . HOH C 3 .   ? -10.774 -15.444 5.092   1.00 28.05  ? 2037 HOH A O   1 
HETATM 1100 O O   . HOH C 3 .   ? -25.433 4.596   14.362  1.00 34.60  ? 2038 HOH A O   1 
HETATM 1101 O O   . HOH C 3 .   ? 10.542  -0.156  6.524   1.00 17.43  ? 2039 HOH A O   1 
HETATM 1102 O O   . HOH C 3 .   ? -24.190 4.835   9.963   1.00 13.75  ? 2040 HOH A O   1 
HETATM 1103 O O   . HOH C 3 .   ? -12.002 1.773   12.294  1.00 24.65  ? 2041 HOH A O   1 
HETATM 1104 O O   . HOH C 3 .   ? -16.725 -2.171  -0.441  1.00 13.05  ? 2042 HOH A O   1 
HETATM 1105 O O   . HOH C 3 .   ? 6.746   -9.485  1.297   1.00 18.07  ? 2043 HOH A O   1 
HETATM 1106 O O   . HOH C 3 .   ? -5.577  12.112  -9.705  1.00 23.68  ? 2044 HOH A O   1 
HETATM 1107 O O   . HOH C 3 .   ? 2.625   -2.794  8.823   1.00 26.73  ? 2045 HOH A O   1 
HETATM 1108 O O   . HOH C 3 .   ? -4.112  -7.148  8.972   1.00 22.70  ? 2046 HOH A O   1 
HETATM 1109 O O   . HOH C 3 .   ? 17.691  -0.504  -8.506  0.59 14.53  ? 2047 HOH A O   1 
HETATM 1110 O O   . HOH C 3 .   ? -0.943  10.308  -10.617 1.00 14.25  ? 2048 HOH A O   1 
HETATM 1111 O O   . HOH C 3 .   ? 6.533   2.224   7.106   1.00 15.88  ? 2049 HOH A O   1 
HETATM 1112 O O   . HOH C 3 .   ? 10.242  4.561   -1.013  1.00 15.44  ? 2050 HOH A O   1 
HETATM 1113 O O   . HOH C 3 .   ? 4.072   -9.275  -12.951 1.00 27.16  ? 2051 HOH A O   1 
HETATM 1114 O O   . HOH C 3 .   ? -22.217 6.110   8.485   1.00 14.86  ? 2052 HOH A O   1 
HETATM 1115 O O   . HOH C 3 .   ? -19.440 11.897  15.479  1.00 26.97  ? 2053 HOH A O   1 
HETATM 1116 O O   . HOH C 3 .   ? 6.564   4.854   3.674   1.00 13.56  ? 2054 HOH A O   1 
HETATM 1117 O O   . HOH C 3 .   ? -7.076  11.627  3.660   1.00 19.73  ? 2055 HOH A O   1 
HETATM 1118 O O   . HOH C 3 .   ? -18.260 12.558  0.698   1.00 40.57  ? 2056 HOH A O   1 
HETATM 1119 O O   . HOH C 3 .   ? 6.933   10.022  -3.535  1.00 22.49  ? 2057 HOH A O   1 
HETATM 1120 O O   . HOH C 3 .   ? 10.772  -9.917  12.050  1.00 37.66  ? 2058 HOH A O   1 
HETATM 1121 O O   . HOH C 3 .   ? 3.996   1.543   7.723   1.00 14.40  ? 2059 HOH A O   1 
HETATM 1122 O O   . HOH C 3 .   ? -9.555  13.832  1.016   1.00 20.46  ? 2060 HOH A O   1 
HETATM 1123 O O   . HOH C 3 .   ? 7.066   7.745   0.092   1.00 26.55  ? 2061 HOH A O   1 
HETATM 1124 O O   . HOH C 3 .   ? 24.411  -8.076  6.068   1.00 29.25  ? 2062 HOH A O   1 
HETATM 1125 O O   . HOH C 3 .   ? -17.088 1.020   -2.828  1.00 20.79  ? 2063 HOH A O   1 
HETATM 1126 O O   . HOH C 3 .   ? -7.218  -15.482 7.426   1.00 30.14  ? 2064 HOH A O   1 
HETATM 1127 O O   . HOH C 3 .   ? -8.029  10.872  -3.358  1.00 18.72  ? 2065 HOH A O   1 
HETATM 1128 O O   . HOH C 3 .   ? -17.839 14.469  10.372  1.00 17.35  ? 2066 HOH A O   1 
HETATM 1129 O O   . HOH C 3 .   ? -10.453 3.330   -5.982  1.00 24.11  ? 2067 HOH A O   1 
HETATM 1130 O O   . HOH C 3 .   ? -14.022 5.012   1.858   1.00 11.30  ? 2068 HOH A O   1 
HETATM 1131 O O   . HOH C 3 .   ? 11.275  8.832   -8.651  1.00 17.25  ? 2069 HOH A O   1 
HETATM 1132 O O   . HOH C 3 .   ? -7.059  -14.034 0.431   1.00 25.02  ? 2070 HOH A O   1 
HETATM 1133 O O   . HOH C 3 .   ? 3.367   -12.484 2.875   1.00 34.21  ? 2071 HOH A O   1 
HETATM 1134 O O   . HOH C 3 .   ? 11.169  8.951   0.587   1.00 26.09  ? 2072 HOH A O   1 
HETATM 1135 O O   . HOH C 3 .   ? -6.226  15.462  0.894   1.00 40.93  ? 2073 HOH A O   1 
HETATM 1136 O O   . HOH C 3 .   ? 12.879  3.662   5.281   1.00 25.16  ? 2074 HOH A O   1 
HETATM 1137 O O   . HOH C 3 .   ? 0.962   12.277  -4.000  1.00 21.75  ? 2075 HOH A O   1 
HETATM 1138 O O   . HOH C 3 .   ? -5.070  7.328   10.261  1.00 27.47  ? 2076 HOH A O   1 
HETATM 1139 O O   . HOH C 3 .   ? -4.613  -4.909  -12.771 1.00 21.06  ? 2077 HOH A O   1 
HETATM 1140 O O   . HOH C 3 .   ? 7.906   -5.034  -1.967  0.59 15.58  ? 2078 HOH A O   1 
HETATM 1141 O O   . HOH C 3 .   ? -4.654  -12.860 5.464   1.00 36.62  ? 2079 HOH A O   1 
HETATM 1142 O O   . HOH C 3 .   ? -20.708 15.150  5.138   0.59 17.72  ? 2080 HOH A O   1 
HETATM 1143 O O   . HOH C 3 .   ? -5.234  13.599  -3.873  1.00 25.71  ? 2081 HOH A O   1 
HETATM 1144 O O   . HOH C 3 .   ? -2.442  4.265   8.409   1.00 18.59  ? 2082 HOH A O   1 
HETATM 1145 O O   . HOH C 3 .   ? -19.636 12.796  9.312   1.00 14.29  ? 2083 HOH A O   1 
HETATM 1146 O O   . HOH C 3 .   ? -16.482 -8.302  1.834   1.00 17.05  ? 2084 HOH A O   1 
HETATM 1147 O O   . HOH C 3 .   ? -0.918  -9.367  6.312   1.00 25.33  ? 2085 HOH A O   1 
HETATM 1148 O O   . HOH C 3 .   ? -21.333 2.821   -1.594  1.00 34.63  ? 2086 HOH A O   1 
HETATM 1149 O O   . HOH C 3 .   ? -1.470  -2.927  8.898   1.00 21.48  ? 2087 HOH A O   1 
HETATM 1150 O O   . HOH C 3 .   ? 8.686   -2.525  -14.673 1.00 27.33  ? 2088 HOH A O   1 
HETATM 1151 O O   . HOH C 3 .   ? 3.299   8.402   -10.210 1.00 17.22  ? 2089 HOH A O   1 
HETATM 1152 O O   . HOH C 3 .   ? -10.156 -6.977  4.590   1.00 12.10  ? 2090 HOH A O   1 
HETATM 1153 O O   . HOH C 3 .   ? 7.798   -8.668  -7.523  0.59 17.54  ? 2091 HOH A O   1 
HETATM 1154 O O   . HOH C 3 .   ? -13.667 8.462   12.084  1.00 18.18  ? 2092 HOH A O   1 
HETATM 1155 O O   . HOH C 3 .   ? -16.988 6.483   -0.225  1.00 17.57  ? 2093 HOH A O   1 
HETATM 1156 O O   . HOH C 3 .   ? 4.608   9.955   -1.760  1.00 19.98  ? 2094 HOH A O   1 
HETATM 1157 O O   . HOH C 3 .   ? 3.803   -3.073  -19.654 1.00 26.10  ? 2095 HOH A O   1 
HETATM 1158 O O   . HOH C 3 .   ? 11.070  9.715   -11.362 1.00 16.28  ? 2096 HOH A O   1 
HETATM 1159 O O   . HOH C 3 .   ? 10.934  -10.906 1.079   1.00 25.11  ? 2097 HOH A O   1 
HETATM 1160 O O   . HOH C 3 .   ? 2.553   1.836   13.394  1.00 28.21  ? 2098 HOH A O   1 
HETATM 1161 O O   . HOH C 3 .   ? -8.434  13.626  -1.782  1.00 27.17  ? 2099 HOH A O   1 
HETATM 1162 O O   . HOH C 3 .   ? 9.196   -8.673  0.429   1.00 19.48  ? 2100 HOH A O   1 
HETATM 1163 O O   . HOH C 3 .   ? -2.563  8.477   7.106   1.00 30.77  ? 2101 HOH A O   1 
HETATM 1164 O O   . HOH C 3 .   ? -17.970 6.123   2.355   1.00 17.53  ? 2102 HOH A O   1 
HETATM 1165 O O   . HOH C 3 .   ? -26.479 6.112   10.792  1.00 20.59  ? 2103 HOH A O   1 
HETATM 1166 O O   . HOH C 3 .   ? 13.113  -0.339  -18.114 0.59 27.33  ? 2104 HOH A O   1 
HETATM 1167 O O   . HOH C 3 .   ? 2.679   1.871   -16.537 1.00 29.28  ? 2105 HOH A O   1 
HETATM 1168 O O   . HOH C 3 .   ? 1.735   -2.679  -17.461 1.00 23.62  ? 2106 HOH A O   1 
HETATM 1169 O O   . HOH C 3 .   ? 10.704  -3.723  7.848   1.00 18.48  ? 2107 HOH A O   1 
HETATM 1170 O O   . HOH C 3 .   ? -3.888  13.413  -2.027  1.00 34.95  ? 2108 HOH A O   1 
HETATM 1171 O O   . HOH C 3 .   ? 14.683  -9.891  10.064  1.00 33.14  ? 2109 HOH A O   1 
HETATM 1172 O O   . HOH C 3 .   ? -18.014 -2.552  8.926   1.00 19.90  ? 2110 HOH A O   1 
HETATM 1173 O O   . HOH C 3 .   ? -15.309 -1.982  12.313  0.50 31.29  ? 2111 HOH A O   1 
HETATM 1174 O O   . HOH C 3 .   ? 9.434   -3.367  -0.470  0.59 14.03  ? 2112 HOH A O   1 
HETATM 1175 O O   . HOH C 3 .   ? -19.793 -0.818  0.466   1.00 17.42  ? 2113 HOH A O   1 
HETATM 1176 O O   . HOH C 3 .   ? 0.459   -6.902  -13.031 0.59 19.64  ? 2114 HOH A O   1 
HETATM 1177 O O   . HOH C 3 .   ? -7.392  -5.936  -6.333  1.00 28.79  ? 2115 HOH A O   1 
HETATM 1178 O O   . HOH C 3 .   ? 15.177  -7.617  -8.755  0.59 20.48  ? 2116 HOH A O   1 
HETATM 1179 O O   . HOH C 3 .   ? 4.122   2.957   -13.807 0.59 18.13  ? 2117 HOH A O   1 
HETATM 1180 O O   . HOH C 3 .   ? 9.948   -1.199  -16.262 1.00 36.91  ? 2118 HOH A O   1 
HETATM 1181 O O   . HOH C 3 .   ? -12.523 10.856  12.753  1.00 18.31  ? 2119 HOH A O   1 
HETATM 1182 O O   . HOH C 3 .   ? -8.677  -1.376  13.557  1.00 26.33  ? 2120 HOH A O   1 
HETATM 1183 O O   . HOH C 3 .   ? 1.843   -13.122 -1.086  1.00 34.48  ? 2121 HOH A O   1 
HETATM 1184 O O   . HOH C 3 .   ? -13.312 -4.902  -7.230  1.00 33.25  ? 2122 HOH A O   1 
HETATM 1185 O O   . HOH C 3 .   ? 18.558  -12.262 4.399   1.00 34.38  ? 2123 HOH A O   1 
HETATM 1186 O O   . HOH C 3 .   ? 2.201   -5.927  8.653   1.00 36.05  ? 2124 HOH A O   1 
HETATM 1187 O O   . HOH C 3 .   ? -9.185  -0.589  -11.252 1.00 27.76  ? 2125 HOH A O   1 
HETATM 1188 O O   . HOH C 3 .   ? -2.002  -10.563 -6.807  1.00 31.95  ? 2126 HOH A O   1 
HETATM 1189 O O   . HOH C 3 .   ? 13.182  -2.940  8.829   1.00 26.80  ? 2127 HOH A O   1 
HETATM 1190 O O   . HOH C 3 .   ? -15.725 3.465   3.553   1.00 11.98  ? 2128 HOH A O   1 
HETATM 1191 O O   . HOH C 3 .   ? -2.733  10.139  5.376   1.00 23.21  ? 2129 HOH A O   1 
HETATM 1192 O O   . HOH C 3 .   ? -15.860 -2.574  6.491   1.00 18.55  ? 2130 HOH A O   1 
HETATM 1193 O O   . HOH C 3 .   ? -11.762 -14.716 0.405   1.00 46.54  ? 2131 HOH A O   1 
HETATM 1194 O O   . HOH C 3 .   ? -20.978 6.467   0.777   1.00 21.52  ? 2132 HOH A O   1 
HETATM 1195 O O   . HOH C 3 .   ? -16.012 -3.484  3.789   1.00 14.97  ? 2133 HOH A O   1 
HETATM 1196 O O   . HOH C 3 .   ? -2.854  -9.422  -10.811 1.00 29.78  ? 2134 HOH A O   1 
HETATM 1197 O O   . HOH C 3 .   ? -2.801  -11.582 -4.195  1.00 32.39  ? 2135 HOH A O   1 
HETATM 1198 O O   . HOH C 3 .   ? 20.517  -15.302 2.830   1.00 32.45  ? 2136 HOH A O   1 
HETATM 1199 O O   . HOH C 3 .   ? -2.717  2.212   -13.812 1.00 29.97  ? 2137 HOH A O   1 
HETATM 1200 O O   . HOH C 3 .   ? 0.228   4.654   7.926   1.00 15.95  ? 2138 HOH A O   1 
HETATM 1201 O O   . HOH C 3 .   ? 12.212  -15.359 -1.563  1.00 39.83  ? 2139 HOH A O   1 
HETATM 1202 O O   . HOH C 3 .   ? 3.900   5.285   -10.602 1.00 21.21  ? 2140 HOH A O   1 
HETATM 1203 O O   . HOH C 3 .   ? 3.093   -4.156  -16.060 1.00 38.67  ? 2141 HOH A O   1 
HETATM 1204 O O   . HOH C 3 .   ? 9.777   -4.623  -14.823 1.00 48.40  ? 2142 HOH A O   1 
HETATM 1205 O O   . HOH C 3 .   ? -4.647  13.889  2.452   1.00 39.43  ? 2143 HOH A O   1 
HETATM 1206 O O   . HOH C 3 .   ? 2.891   -14.013 -3.599  0.59 30.37  ? 2144 HOH A O   1 
HETATM 1207 O O   . HOH C 3 .   ? 13.613  9.891   -7.927  1.00 23.44  ? 2145 HOH A O   1 
HETATM 1208 O O   . HOH C 3 .   ? -13.089 7.442   -1.975  1.00 30.97  ? 2146 HOH A O   1 
HETATM 1209 O O   . HOH C 3 .   ? 1.383   -6.791  -15.584 1.00 27.07  ? 2147 HOH A O   1 
HETATM 1210 O O   . HOH C 3 .   ? -15.237 13.541  3.843   1.00 37.75  ? 2148 HOH A O   1 
HETATM 1211 O O   . HOH C 3 .   ? -3.670  1.518   11.136  1.00 29.09  ? 2149 HOH A O   1 
HETATM 1212 O O   . HOH C 3 .   ? -1.255  13.071  -2.212  1.00 37.80  ? 2150 HOH A O   1 
HETATM 1213 O O   . HOH C 3 .   ? 11.417  -14.312 -8.080  0.59 30.53  ? 2151 HOH A O   1 
HETATM 1214 O O   . HOH C 3 .   ? -0.376  9.380   9.008   1.00 42.37  ? 2152 HOH A O   1 
HETATM 1215 O O   . HOH C 3 .   ? 2.735   -9.159  -15.416 1.00 31.31  ? 2153 HOH A O   1 
HETATM 1216 O O   . HOH C 3 .   ? 9.128   5.674   2.992   1.00 15.20  ? 2154 HOH A O   1 
HETATM 1217 O O   . HOH C 3 .   ? -6.872  -1.624  -13.668 1.00 37.22  ? 2155 HOH A O   1 
HETATM 1218 O O   . HOH C 3 .   ? -21.509 13.232  11.503  1.00 15.92  ? 2156 HOH A O   1 
HETATM 1219 O O   . HOH C 3 .   ? -16.112 -5.585  -10.626 1.00 46.77  ? 2157 HOH A O   1 
HETATM 1220 O O   . HOH C 3 .   ? -18.366 -4.845  -11.405 1.00 25.17  ? 2158 HOH A O   1 
HETATM 1221 O O   . HOH C 3 .   ? 5.606   3.903   -15.806 1.00 39.97  ? 2159 HOH A O   1 
HETATM 1222 O O   . HOH C 3 .   ? -15.154 7.894   14.379  1.00 31.09  ? 2160 HOH A O   1 
HETATM 1223 O O   . HOH C 3 .   ? 6.988   11.272  -7.730  1.00 25.37  ? 2161 HOH A O   1 
HETATM 1224 O O   . HOH C 3 .   ? 6.802   4.664   6.331   1.00 168.47 ? 2162 HOH A O   1 
HETATM 1225 O O   . HOH C 3 .   ? -9.264  -5.165  -13.599 1.00 29.26  ? 2163 HOH A O   1 
HETATM 1226 O O   . HOH C 3 .   ? -19.038 3.327   -2.921  1.00 37.34  ? 2164 HOH A O   1 
HETATM 1227 O O   . HOH C 3 .   ? -9.301  7.716   12.605  1.00 39.83  ? 2165 HOH A O   1 
HETATM 1228 O O   . HOH C 3 .   ? -20.567 14.076  14.006  1.00 36.05  ? 2166 HOH A O   1 
HETATM 1229 O O   . HOH C 3 .   ? 15.477  4.696   5.435   1.00 29.26  ? 2167 HOH A O   1 
HETATM 1230 O O   . HOH C 3 .   ? 3.546   8.363   6.511   1.00 31.55  ? 2168 HOH A O   1 
HETATM 1231 O O   . HOH C 3 .   ? -12.533 14.625  0.359   1.00 26.45  ? 2169 HOH A O   1 
HETATM 1232 O O   . HOH C 3 .   ? -0.492  -11.880 -8.094  0.59 26.04  ? 2170 HOH A O   1 
HETATM 1233 O O   . HOH C 3 .   ? 9.058   -2.379  9.957   1.00 34.64  ? 2171 HOH A O   1 
HETATM 1234 O O   . HOH C 3 .   ? -23.135 11.312  21.186  1.00 54.38  ? 2172 HOH A O   1 
HETATM 1235 O O   . HOH C 3 .   ? 4.936   0.719   12.266  1.00 27.35  ? 2173 HOH A O   1 
HETATM 1236 O O   . HOH C 3 .   ? 5.067   6.831   2.468   1.00 20.28  ? 2174 HOH A O   1 
HETATM 1237 O O   . HOH C 3 .   ? -11.255 12.052  -5.831  1.00 35.96  ? 2175 HOH A O   1 
HETATM 1238 O O   . HOH C 3 .   ? -3.920  6.272   7.597   1.00 26.22  ? 2176 HOH A O   1 
HETATM 1239 O O   . HOH C 3 .   ? -4.276  10.991  3.189   1.00 17.78  ? 2177 HOH A O   1 
HETATM 1240 O O   . HOH C 3 .   ? 15.112  11.325  -4.045  1.00 35.97  ? 2178 HOH A O   1 
HETATM 1241 O O   . HOH C 3 .   ? -12.446 -3.610  -12.360 1.00 38.66  ? 2179 HOH A O   1 
HETATM 1242 O O   . HOH C 3 .   ? -10.348 2.130   -10.848 1.00 38.11  ? 2180 HOH A O   1 
HETATM 1243 O O   . HOH C 3 .   ? 9.565   10.899  -7.433  1.00 34.53  ? 2181 HOH A O   1 
HETATM 1244 O O   . HOH C 3 .   ? -18.684 -1.062  -2.151  1.00 22.60  ? 2182 HOH A O   1 
HETATM 1245 O O   . HOH C 3 .   ? -16.919 -4.925  -0.403  1.00 20.31  ? 2183 HOH A O   1 
HETATM 1246 O O   . HOH C 3 .   ? 4.428   -0.514  9.574   1.00 26.42  ? 2184 HOH A O   1 
HETATM 1247 O O   . HOH C 3 .   ? 10.817  -1.538  14.347  0.59 26.47  ? 2185 HOH A O   1 
HETATM 1248 O O   . HOH C 3 .   ? 6.583   -11.790 2.724   1.00 32.54  ? 2186 HOH A O   1 
HETATM 1249 O O   . HOH C 3 .   ? -8.504  5.262   -6.593  1.00 29.80  ? 2187 HOH A O   1 
HETATM 1250 O O   . HOH C 3 .   ? 19.688  -12.942 -8.789  0.59 35.18  ? 2188 HOH A O   1 
HETATM 1251 O O   . HOH C 3 .   ? 9.465   6.732   0.439   1.00 14.41  ? 2189 HOH A O   1 
HETATM 1252 O O   . HOH C 3 .   ? 21.782  0.793   -7.358  1.00 38.72  ? 2190 HOH A O   1 
HETATM 1253 O O   . HOH C 3 .   ? -5.783  2.431   12.536  1.00 35.69  ? 2191 HOH A O   1 
HETATM 1254 O O   . HOH C 3 .   ? -3.703  -5.023  -15.713 1.00 27.63  ? 2192 HOH A O   1 
HETATM 1255 O O   . HOH C 3 .   ? 10.689  11.238  -0.684  1.00 36.49  ? 2193 HOH A O   1 
HETATM 1256 O O   . HOH C 3 .   ? -0.604  14.215  -4.035  1.00 26.88  ? 2194 HOH A O   1 
HETATM 1257 O O   . HOH C 3 .   ? -15.632 5.422   15.589  0.50 23.99  ? 2195 HOH A O   1 
HETATM 1258 O O   . HOH C 3 .   ? -16.258 10.002  15.870  1.00 41.10  ? 2196 HOH A O   1 
HETATM 1259 O O   . HOH C 3 .   ? -18.002 -5.487  2.667   0.50 10.33  ? 2197 HOH A O   1 
HETATM 1260 O O   . HOH C 3 .   ? 2.904   11.957  -1.755  1.00 27.92  ? 2198 HOH A O   1 
HETATM 1261 O O   . HOH C 3 .   ? 1.320   -10.249 6.397   1.00 35.84  ? 2199 HOH A O   1 
HETATM 1262 O O   . HOH C 3 .   ? 7.356   -15.688 -1.030  0.59 37.53  ? 2200 HOH A O   1 
HETATM 1263 O O   . HOH C 3 .   ? -13.105 11.858  15.151  1.00 32.59  ? 2201 HOH A O   1 
HETATM 1264 O O   . HOH C 3 .   ? -10.783 14.233  -3.823  1.00 37.27  ? 2202 HOH A O   1 
HETATM 1265 O O   . HOH C 3 .   ? 8.929   11.584  -2.815  1.00 36.74  ? 2203 HOH A O   1 
HETATM 1266 O O   . HOH C 3 .   ? -11.566 6.511   11.873  1.00 24.69  ? 2204 HOH A O   1 
# 
